data_1BXC
#
_entry.id   1BXC
#
_cell.length_a   84.350
_cell.length_b   123.600
_cell.length_c   140.240
_cell.angle_alpha   90.00
_cell.angle_beta   90.00
_cell.angle_gamma   90.00
#
_symmetry.space_group_name_H-M   'P 21 21 21'
#
loop_
_entity.id
_entity.type
_entity.pdbx_description
1 polymer 'XYLOSE ISOMERASE'
2 water water
#
_entity_poly.entity_id   1
_entity_poly.type   'polypeptide(L)'
_entity_poly.pdbx_seq_one_letter_code
;MYEPKPEHRFTFGLWTVGNVGRDPFGDAVRERLDPVYVGHKLAELGVHGVNLHDEDLIPRGTPPQERDQIVRRFKRALDE
TGLKVPMVTGNLFSDPGFKDGGFTSRDPWVRAYAFRKSLETMDLGAELGAEIYVVWPGREGAEVEATGKARKVWDWVREP
LNFMAAYAEDQGYGYRFALEPKPNEPRGDIYFATVGSMLALIHTLERPERFGLNPEFAHETMAGLNFVHAVAQALDAGKL
LHIDLNGQRMNRFDQDLRFGSENLKAAFLLVDLLESSGYQGPRHFDAHALRTEDEEGVWAFARGCMRTYLILKERAEAFR
EDPEVKELLAAYYQEDPAALPLMDPYSHEKAEALKRAELPLEAKRHRGYALERLDQLAVEYLLGVRG
;
_entity_poly.pdbx_strand_id   A,B,C,D
#
# COMPACT_ATOMS: atom_id res chain seq x y z
N MET A 1 -27.31 -8.95 -26.15
CA MET A 1 -27.41 -7.54 -26.63
C MET A 1 -26.16 -6.71 -26.31
N TYR A 2 -25.15 -7.38 -25.78
CA TYR A 2 -23.84 -6.78 -25.56
C TYR A 2 -22.82 -7.69 -26.20
N GLU A 3 -23.00 -7.92 -27.50
CA GLU A 3 -22.21 -8.92 -28.21
C GLU A 3 -21.04 -8.29 -28.96
N PRO A 4 -19.83 -8.85 -28.77
CA PRO A 4 -18.59 -8.32 -29.35
C PRO A 4 -18.56 -8.38 -30.87
N LYS A 5 -18.18 -7.26 -31.47
CA LYS A 5 -18.01 -7.15 -32.92
C LYS A 5 -16.55 -6.73 -33.20
N PRO A 6 -16.06 -6.97 -34.43
CA PRO A 6 -14.63 -6.74 -34.72
C PRO A 6 -14.25 -5.27 -34.60
N GLU A 7 -15.22 -4.39 -34.78
CA GLU A 7 -14.97 -2.96 -34.63
C GLU A 7 -14.68 -2.60 -33.18
N HIS A 8 -14.89 -3.55 -32.28
CA HIS A 8 -14.58 -3.36 -30.86
C HIS A 8 -13.11 -3.60 -30.56
N ARG A 9 -12.47 -4.41 -31.39
CA ARG A 9 -11.03 -4.60 -31.35
C ARG A 9 -10.60 -5.24 -30.02
N PHE A 10 -11.35 -6.25 -29.59
CA PHE A 10 -11.04 -6.99 -28.38
C PHE A 10 -10.03 -8.05 -28.70
N THR A 11 -8.89 -8.02 -28.01
CA THR A 11 -7.87 -9.04 -28.26
C THR A 11 -7.53 -9.79 -26.99
N PHE A 12 -7.03 -11.00 -27.15
CA PHE A 12 -6.56 -11.82 -26.03
C PHE A 12 -5.17 -12.35 -26.36
N GLY A 13 -4.21 -12.13 -25.47
CA GLY A 13 -2.95 -12.84 -25.56
C GLY A 13 -3.13 -14.33 -25.43
N LEU A 14 -2.32 -15.10 -26.14
CA LEU A 14 -2.37 -16.56 -26.07
C LEU A 14 -2.18 -17.02 -24.63
N TRP A 15 -1.45 -16.23 -23.86
CA TRP A 15 -1.07 -16.58 -22.50
C TRP A 15 -2.12 -16.22 -21.45
N THR A 16 -3.14 -15.47 -21.88
CA THR A 16 -4.23 -15.08 -20.99
C THR A 16 -5.21 -16.24 -20.77
N VAL A 17 -5.90 -16.64 -21.84
CA VAL A 17 -6.83 -17.76 -21.77
C VAL A 17 -6.06 -19.07 -21.69
N GLY A 18 -4.80 -19.05 -22.09
CA GLY A 18 -4.00 -20.25 -22.05
C GLY A 18 -3.32 -20.53 -20.72
N ASN A 19 -3.52 -19.65 -19.74
CA ASN A 19 -2.89 -19.76 -18.42
C ASN A 19 -3.29 -21.06 -17.70
N VAL A 20 -2.30 -21.87 -17.33
CA VAL A 20 -2.54 -23.16 -16.69
C VAL A 20 -2.83 -23.09 -15.18
N GLY A 21 -2.79 -21.89 -14.62
CA GLY A 21 -3.19 -21.70 -13.24
C GLY A 21 -2.14 -22.12 -12.21
N ARG A 22 -0.88 -22.24 -12.62
CA ARG A 22 0.24 -22.40 -11.68
C ARG A 22 0.47 -21.06 -10.99
N ASP A 23 0.78 -21.06 -9.70
CA ASP A 23 1.21 -19.84 -9.02
C ASP A 23 2.34 -20.16 -8.04
N PRO A 24 2.87 -19.15 -7.34
CA PRO A 24 4.14 -19.42 -6.64
C PRO A 24 4.00 -20.47 -5.55
N PHE A 25 2.76 -20.77 -5.15
CA PHE A 25 2.50 -21.76 -4.11
C PHE A 25 1.65 -22.93 -4.59
N GLY A 26 1.51 -23.09 -5.90
CA GLY A 26 0.60 -24.13 -6.38
C GLY A 26 0.92 -24.66 -7.74
N ASP A 27 0.52 -25.90 -7.98
CA ASP A 27 0.66 -26.56 -9.27
C ASP A 27 -0.34 -26.00 -10.29
N ALA A 28 -0.20 -26.46 -11.52
CA ALA A 28 -1.11 -26.11 -12.59
C ALA A 28 -2.43 -26.82 -12.34
N VAL A 29 -3.52 -26.08 -12.52
CA VAL A 29 -4.85 -26.66 -12.33
C VAL A 29 -5.52 -26.97 -13.66
N ARG A 30 -4.87 -26.59 -14.76
CA ARG A 30 -5.44 -26.75 -16.10
C ARG A 30 -4.48 -27.36 -17.10
N GLU A 31 -5.05 -27.88 -18.19
CA GLU A 31 -4.23 -28.38 -19.29
C GLU A 31 -3.73 -27.23 -20.16
N ARG A 32 -2.56 -27.43 -20.76
CA ARG A 32 -2.04 -26.52 -21.77
C ARG A 32 -2.92 -26.63 -23.03
N LEU A 33 -3.41 -25.49 -23.50
CA LEU A 33 -4.25 -25.43 -24.71
C LEU A 33 -3.40 -25.24 -25.95
N ASP A 34 -3.75 -25.96 -27.02
CA ASP A 34 -3.07 -25.81 -28.31
C ASP A 34 -3.45 -24.46 -28.94
N PRO A 35 -2.45 -23.70 -29.43
CA PRO A 35 -2.63 -22.37 -30.01
C PRO A 35 -3.68 -22.31 -31.13
N VAL A 36 -3.69 -23.33 -31.97
CA VAL A 36 -4.70 -23.43 -33.01
C VAL A 36 -6.09 -23.56 -32.41
N TYR A 37 -6.18 -24.31 -31.31
CA TYR A 37 -7.44 -24.49 -30.61
C TYR A 37 -7.97 -23.16 -30.09
N VAL A 38 -7.07 -22.33 -29.55
CA VAL A 38 -7.53 -21.11 -28.89
C VAL A 38 -7.84 -20.01 -29.90
N GLY A 39 -7.30 -20.16 -31.10
CA GLY A 39 -7.68 -19.27 -32.19
C GLY A 39 -9.11 -19.48 -32.63
N HIS A 40 -9.52 -20.75 -32.71
CA HIS A 40 -10.88 -21.10 -33.08
C HIS A 40 -11.90 -20.70 -32.02
N LYS A 41 -11.51 -20.80 -30.76
CA LYS A 41 -12.41 -20.47 -29.65
C LYS A 41 -12.64 -18.99 -29.54
N LEU A 42 -11.58 -18.21 -29.71
CA LEU A 42 -11.63 -16.76 -29.57
C LEU A 42 -12.40 -16.16 -30.73
N ALA A 43 -12.30 -16.82 -31.88
CA ALA A 43 -13.08 -16.47 -33.06
C ALA A 43 -14.57 -16.67 -32.79
N GLU A 44 -14.92 -17.79 -32.17
CA GLU A 44 -16.30 -18.07 -31.77
C GLU A 44 -16.84 -17.01 -30.82
N LEU A 45 -15.98 -16.56 -29.89
CA LEU A 45 -16.38 -15.59 -28.89
C LEU A 45 -16.55 -14.17 -29.43
N GLY A 46 -15.94 -13.87 -30.56
CA GLY A 46 -16.09 -12.56 -31.17
C GLY A 46 -14.88 -11.65 -30.97
N VAL A 47 -13.72 -12.26 -30.89
CA VAL A 47 -12.49 -11.52 -30.69
C VAL A 47 -11.95 -11.00 -32.02
N HIS A 48 -11.46 -9.77 -32.03
CA HIS A 48 -10.79 -9.21 -33.21
C HIS A 48 -9.46 -9.91 -33.49
N GLY A 49 -8.70 -10.19 -32.43
CA GLY A 49 -7.38 -10.79 -32.61
C GLY A 49 -6.77 -11.48 -31.43
N VAL A 50 -5.59 -12.06 -31.65
CA VAL A 50 -4.83 -12.77 -30.64
C VAL A 50 -3.36 -12.31 -30.65
N ASN A 51 -2.82 -12.03 -29.47
CA ASN A 51 -1.41 -11.64 -29.32
C ASN A 51 -0.57 -12.83 -28.87
N LEU A 52 0.75 -12.71 -28.95
CA LEU A 52 1.63 -13.79 -28.49
C LEU A 52 3.06 -13.32 -28.16
N HIS A 53 3.71 -14.02 -27.25
CA HIS A 53 5.15 -13.97 -27.10
C HIS A 53 5.71 -14.98 -28.06
N ASP A 54 6.98 -14.82 -28.44
CA ASP A 54 7.66 -15.82 -29.24
C ASP A 54 7.51 -17.21 -28.64
N GLU A 55 7.73 -17.32 -27.33
CA GLU A 55 7.73 -18.61 -26.67
C GLU A 55 6.32 -19.16 -26.41
N ASP A 56 5.29 -18.32 -26.56
CA ASP A 56 3.91 -18.82 -26.59
C ASP A 56 3.69 -19.73 -27.79
N LEU A 57 4.30 -19.40 -28.93
CA LEU A 57 4.08 -20.16 -30.14
C LEU A 57 5.17 -21.20 -30.36
N ILE A 58 6.42 -20.76 -30.20
CA ILE A 58 7.58 -21.59 -30.47
C ILE A 58 8.44 -21.67 -29.19
N PRO A 59 8.29 -22.76 -28.43
CA PRO A 59 9.03 -22.93 -27.18
C PRO A 59 10.53 -22.94 -27.41
N ARG A 60 11.27 -22.43 -26.43
CA ARG A 60 12.71 -22.36 -26.52
C ARG A 60 13.31 -23.70 -26.89
N GLY A 61 14.23 -23.67 -27.87
CA GLY A 61 14.86 -24.90 -28.34
C GLY A 61 14.00 -25.74 -29.28
N THR A 62 13.36 -25.09 -30.24
CA THR A 62 12.65 -25.79 -31.31
C THR A 62 13.44 -25.60 -32.61
N PRO A 63 13.89 -26.71 -33.22
CA PRO A 63 14.58 -26.70 -34.50
C PRO A 63 13.79 -25.99 -35.58
N PRO A 64 14.47 -25.22 -36.44
CA PRO A 64 13.84 -24.29 -37.39
C PRO A 64 12.87 -24.98 -38.35
N GLN A 65 13.14 -26.25 -38.65
CA GLN A 65 12.26 -27.09 -39.43
C GLN A 65 10.90 -27.20 -38.74
N GLU A 66 10.93 -27.56 -37.46
CA GLU A 66 9.71 -27.69 -36.67
C GLU A 66 9.11 -26.33 -36.36
N ARG A 67 9.97 -25.33 -36.21
CA ARG A 67 9.54 -23.95 -36.03
C ARG A 67 8.62 -23.52 -37.17
N ASP A 68 8.84 -24.08 -38.35
CA ASP A 68 8.14 -23.61 -39.54
C ASP A 68 6.81 -24.32 -39.79
N GLN A 69 6.72 -25.58 -39.40
CA GLN A 69 5.45 -26.30 -39.43
C GLN A 69 4.46 -25.66 -38.45
N ILE A 70 4.99 -25.22 -37.30
CA ILE A 70 4.18 -24.57 -36.28
C ILE A 70 3.58 -23.29 -36.82
N VAL A 71 4.44 -22.41 -37.32
CA VAL A 71 4.00 -21.14 -37.87
C VAL A 71 3.08 -21.32 -39.09
N ARG A 72 3.34 -22.34 -39.89
CA ARG A 72 2.49 -22.66 -41.02
C ARG A 72 1.06 -22.98 -40.58
N ARG A 73 0.94 -23.89 -39.61
CA ARG A 73 -0.36 -24.36 -39.16
C ARG A 73 -1.13 -23.30 -38.36
N PHE A 74 -0.40 -22.38 -37.73
CA PHE A 74 -1.01 -21.26 -37.02
C PHE A 74 -1.61 -20.25 -37.99
N LYS A 75 -0.88 -19.94 -39.06
CA LYS A 75 -1.34 -19.00 -40.08
C LYS A 75 -2.58 -19.49 -40.81
N ARG A 76 -2.66 -20.80 -41.03
CA ARG A 76 -3.85 -21.41 -41.63
C ARG A 76 -5.09 -21.17 -40.76
N ALA A 77 -4.92 -21.36 -39.45
CA ALA A 77 -6.01 -21.15 -38.50
C ALA A 77 -6.48 -19.71 -38.51
N LEU A 78 -5.53 -18.78 -38.55
CA LEU A 78 -5.84 -17.36 -38.65
C LEU A 78 -6.56 -17.06 -39.95
N ASP A 79 -6.16 -17.76 -41.02
CA ASP A 79 -6.81 -17.59 -42.31
C ASP A 79 -8.23 -18.10 -42.27
N GLU A 80 -8.39 -19.32 -41.76
CA GLU A 80 -9.70 -19.94 -41.59
C GLU A 80 -10.65 -19.06 -40.78
N THR A 81 -10.13 -18.42 -39.73
CA THR A 81 -10.96 -17.71 -38.77
C THR A 81 -11.12 -16.22 -39.02
N GLY A 82 -10.15 -15.63 -39.72
CA GLY A 82 -10.13 -14.19 -39.92
C GLY A 82 -9.63 -13.39 -38.72
N LEU A 83 -9.08 -14.09 -37.73
CA LEU A 83 -8.41 -13.44 -36.60
C LEU A 83 -7.13 -12.72 -37.02
N LYS A 84 -6.89 -11.55 -36.45
CA LYS A 84 -5.64 -10.82 -36.64
C LYS A 84 -4.67 -11.17 -35.52
N VAL A 85 -3.39 -10.86 -35.72
CA VAL A 85 -2.41 -10.83 -34.65
C VAL A 85 -1.86 -9.41 -34.57
N PRO A 86 -2.55 -8.53 -33.82
CA PRO A 86 -2.20 -7.11 -33.76
C PRO A 86 -0.85 -6.83 -33.09
N MET A 87 -0.46 -7.67 -32.13
CA MET A 87 0.65 -7.35 -31.25
C MET A 87 1.47 -8.58 -30.91
N VAL A 88 2.80 -8.42 -31.00
CA VAL A 88 3.73 -9.43 -30.53
C VAL A 88 4.70 -8.78 -29.56
N THR A 89 5.45 -9.62 -28.84
CA THR A 89 6.41 -9.18 -27.84
C THR A 89 7.36 -10.31 -27.46
N GLY A 90 8.65 -10.00 -27.38
CA GLY A 90 9.64 -11.01 -27.03
C GLY A 90 9.56 -11.33 -25.55
N ASN A 91 9.52 -12.62 -25.20
CA ASN A 91 9.60 -13.04 -23.80
C ASN A 91 11.03 -12.80 -23.29
N LEU A 92 11.20 -11.79 -22.47
CA LEU A 92 12.50 -11.49 -21.91
C LEU A 92 12.48 -11.64 -20.40
N PHE A 93 11.73 -12.62 -19.89
CA PHE A 93 11.60 -12.80 -18.45
C PHE A 93 11.78 -14.24 -17.97
N SER A 94 11.56 -15.23 -18.83
CA SER A 94 11.51 -16.62 -18.41
C SER A 94 12.86 -17.30 -18.34
N ASP A 95 13.62 -17.22 -19.44
CA ASP A 95 14.97 -17.77 -19.49
C ASP A 95 15.77 -17.34 -18.27
N PRO A 96 16.42 -18.31 -17.58
CA PRO A 96 17.29 -18.00 -16.45
C PRO A 96 18.46 -17.06 -16.81
N GLY A 97 18.80 -17.02 -18.10
CA GLY A 97 19.76 -16.04 -18.60
C GLY A 97 19.42 -14.62 -18.18
N PHE A 98 18.13 -14.34 -18.04
CA PHE A 98 17.66 -13.00 -17.71
C PHE A 98 17.47 -12.77 -16.21
N LYS A 99 18.14 -13.57 -15.39
CA LYS A 99 17.94 -13.51 -13.95
C LYS A 99 18.24 -12.15 -13.33
N ASP A 100 19.18 -11.41 -13.90
CA ASP A 100 19.45 -10.05 -13.41
C ASP A 100 19.32 -9.04 -14.54
N GLY A 101 18.34 -9.24 -15.42
CA GLY A 101 18.04 -8.26 -16.44
C GLY A 101 18.09 -8.81 -17.85
N GLY A 102 17.28 -8.24 -18.73
CA GLY A 102 17.38 -8.53 -20.16
C GLY A 102 18.31 -7.48 -20.75
N PHE A 103 17.73 -6.32 -21.03
CA PHE A 103 18.46 -5.18 -21.54
C PHE A 103 19.36 -4.59 -20.47
N THR A 104 19.01 -4.78 -19.21
CA THR A 104 19.76 -4.17 -18.13
C THR A 104 20.61 -5.17 -17.38
N SER A 105 20.87 -6.32 -18.00
CA SER A 105 21.88 -7.25 -17.46
C SER A 105 23.25 -6.61 -17.58
N ARG A 106 24.10 -6.85 -16.59
CA ARG A 106 25.44 -6.28 -16.57
C ARG A 106 26.37 -6.98 -17.55
N ASP A 107 25.99 -8.19 -17.92
CA ASP A 107 26.75 -9.04 -18.82
C ASP A 107 26.34 -8.72 -20.26
N PRO A 108 27.30 -8.25 -21.09
CA PRO A 108 27.00 -7.85 -22.47
C PRO A 108 26.53 -8.99 -23.35
N TRP A 109 26.88 -10.22 -22.98
CA TRP A 109 26.41 -11.41 -23.70
C TRP A 109 24.91 -11.61 -23.52
N VAL A 110 24.44 -11.23 -22.33
CA VAL A 110 23.03 -11.40 -21.98
C VAL A 110 22.22 -10.28 -22.61
N ARG A 111 22.79 -9.07 -22.67
CA ARG A 111 22.13 -7.96 -23.36
C ARG A 111 22.02 -8.21 -24.87
N ALA A 112 23.03 -8.89 -25.42
CA ALA A 112 23.03 -9.32 -26.81
C ALA A 112 21.96 -10.37 -27.07
N TYR A 113 21.86 -11.32 -26.14
CA TYR A 113 20.82 -12.36 -26.19
C TYR A 113 19.41 -11.75 -26.18
N ALA A 114 19.15 -10.85 -25.24
CA ALA A 114 17.87 -10.14 -25.14
C ALA A 114 17.55 -9.48 -26.45
N PHE A 115 18.58 -8.89 -27.03
CA PHE A 115 18.50 -8.18 -28.30
C PHE A 115 18.02 -9.06 -29.43
N ARG A 116 18.84 -10.09 -29.68
CA ARG A 116 18.61 -11.00 -30.78
C ARG A 116 17.22 -11.64 -30.64
N LYS A 117 16.83 -11.91 -29.39
CA LYS A 117 15.53 -12.50 -29.10
C LYS A 117 14.41 -11.56 -29.51
N SER A 118 14.65 -10.25 -29.35
CA SER A 118 13.72 -9.22 -29.79
C SER A 118 13.62 -9.11 -31.32
N LEU A 119 14.76 -9.11 -32.01
CA LEU A 119 14.78 -9.03 -33.48
C LEU A 119 14.03 -10.19 -34.11
N GLU A 120 14.22 -11.38 -33.56
CA GLU A 120 13.61 -12.61 -34.07
C GLU A 120 12.09 -12.63 -33.86
N THR A 121 11.63 -11.96 -32.80
CA THR A 121 10.20 -11.86 -32.54
C THR A 121 9.57 -10.79 -33.42
N MET A 122 10.34 -9.76 -33.74
CA MET A 122 9.95 -8.78 -34.75
C MET A 122 9.75 -9.43 -36.11
N ASP A 123 10.62 -10.39 -36.42
CA ASP A 123 10.53 -11.12 -37.69
C ASP A 123 9.30 -12.02 -37.76
N LEU A 124 9.08 -12.79 -36.69
CA LEU A 124 7.86 -13.60 -36.56
C LEU A 124 6.61 -12.73 -36.65
N GLY A 125 6.64 -11.57 -35.99
CA GLY A 125 5.49 -10.70 -35.99
C GLY A 125 5.08 -10.26 -37.38
N ALA A 126 6.08 -9.94 -38.19
CA ALA A 126 5.88 -9.43 -39.54
C ALA A 126 5.31 -10.54 -40.42
N GLU A 127 5.84 -11.73 -40.20
CA GLU A 127 5.38 -12.93 -40.86
C GLU A 127 3.91 -13.22 -40.53
N LEU A 128 3.38 -12.56 -39.50
CA LEU A 128 2.01 -12.82 -39.04
C LEU A 128 1.09 -11.60 -39.15
N GLY A 129 1.63 -10.47 -39.58
CA GLY A 129 0.79 -9.32 -39.82
C GLY A 129 0.76 -8.34 -38.66
N ALA A 130 1.64 -8.53 -37.67
CA ALA A 130 1.64 -7.72 -36.46
C ALA A 130 2.05 -6.26 -36.73
N GLU A 131 1.43 -5.33 -36.03
CA GLU A 131 1.61 -3.91 -36.27
C GLU A 131 2.18 -3.22 -35.04
N ILE A 132 1.98 -3.82 -33.88
CA ILE A 132 2.44 -3.25 -32.61
C ILE A 132 3.41 -4.22 -31.96
N TYR A 133 4.55 -3.68 -31.52
CA TYR A 133 5.54 -4.45 -30.78
C TYR A 133 5.61 -3.90 -29.37
N VAL A 134 5.42 -4.77 -28.39
CA VAL A 134 5.36 -4.35 -26.98
C VAL A 134 6.62 -4.76 -26.26
N VAL A 135 7.09 -3.85 -25.41
CA VAL A 135 8.25 -4.14 -24.58
C VAL A 135 7.81 -4.07 -23.12
N TRP A 136 7.76 -5.21 -22.46
CA TRP A 136 7.57 -5.24 -21.02
C TRP A 136 8.86 -5.59 -20.35
N PRO A 137 9.38 -4.67 -19.51
CA PRO A 137 10.69 -4.78 -18.89
C PRO A 137 10.61 -5.46 -17.53
N GLY A 138 10.02 -6.67 -17.50
CA GLY A 138 9.70 -7.31 -16.24
C GLY A 138 10.89 -7.70 -15.41
N ARG A 139 12.00 -7.98 -16.08
CA ARG A 139 13.22 -8.41 -15.42
C ARG A 139 14.19 -7.22 -15.21
N GLU A 140 13.77 -6.03 -15.59
CA GLU A 140 14.63 -4.85 -15.51
C GLU A 140 14.39 -4.09 -14.22
N GLY A 141 15.00 -4.57 -13.14
CA GLY A 141 14.90 -3.87 -11.87
C GLY A 141 15.96 -4.40 -10.94
N ALA A 142 15.84 -4.09 -9.66
CA ALA A 142 16.84 -4.48 -8.68
C ALA A 142 16.22 -4.79 -7.32
N GLU A 143 16.95 -5.57 -6.53
CA GLU A 143 16.71 -5.65 -5.10
C GLU A 143 17.99 -5.29 -4.34
N VAL A 144 19.10 -5.26 -5.07
CA VAL A 144 20.37 -4.82 -4.49
C VAL A 144 20.91 -3.58 -5.18
N GLU A 145 20.86 -2.47 -4.47
CA GLU A 145 21.21 -1.15 -4.98
C GLU A 145 22.71 -0.88 -4.86
N ALA A 146 23.41 -1.77 -4.13
CA ALA A 146 24.82 -1.59 -3.80
C ALA A 146 25.70 -1.65 -5.06
N THR A 147 25.11 -2.16 -6.14
CA THR A 147 25.79 -2.32 -7.42
C THR A 147 25.97 -0.99 -8.15
N GLY A 148 25.10 -0.04 -7.83
CA GLY A 148 25.10 1.22 -8.54
C GLY A 148 24.58 1.14 -9.96
N LYS A 149 23.93 0.02 -10.30
CA LYS A 149 23.45 -0.19 -11.65
C LYS A 149 22.35 0.77 -12.11
N ALA A 150 21.73 1.44 -11.14
CA ALA A 150 20.63 2.36 -11.43
C ALA A 150 21.10 3.53 -12.27
N ARG A 151 22.40 3.79 -12.21
CA ARG A 151 23.03 4.89 -12.95
C ARG A 151 23.19 4.55 -14.42
N LYS A 152 23.24 3.26 -14.72
CA LYS A 152 23.64 2.75 -16.03
C LYS A 152 22.50 2.31 -16.94
N VAL A 153 21.36 1.96 -16.35
CA VAL A 153 20.33 1.22 -17.08
C VAL A 153 19.63 2.05 -18.16
N TRP A 154 19.64 3.37 -18.00
CA TRP A 154 18.99 4.27 -18.93
C TRP A 154 19.64 4.25 -20.31
N ASP A 155 20.97 4.30 -20.32
CA ASP A 155 21.71 4.19 -21.58
C ASP A 155 21.58 2.80 -22.19
N TRP A 156 21.57 1.79 -21.34
CA TRP A 156 21.50 0.43 -21.81
C TRP A 156 20.20 0.13 -22.56
N VAL A 157 19.07 0.72 -22.16
CA VAL A 157 17.80 0.43 -22.82
C VAL A 157 17.55 1.38 -24.00
N ARG A 158 18.08 2.60 -23.92
CA ARG A 158 18.14 3.50 -25.08
C ARG A 158 18.77 2.80 -26.26
N GLU A 159 19.86 2.11 -25.99
CA GLU A 159 20.68 1.45 -26.99
C GLU A 159 19.95 0.38 -27.82
N PRO A 160 19.20 -0.53 -27.17
CA PRO A 160 18.50 -1.58 -27.91
C PRO A 160 17.19 -1.09 -28.43
N LEU A 161 16.52 -0.19 -27.71
CA LEU A 161 15.31 0.39 -28.25
C LEU A 161 15.63 1.12 -29.58
N ASN A 162 16.67 1.97 -29.55
CA ASN A 162 17.18 2.63 -30.76
C ASN A 162 17.62 1.63 -31.82
N PHE A 163 18.30 0.57 -31.42
CA PHE A 163 18.73 -0.45 -32.36
C PHE A 163 17.53 -1.21 -32.94
N MET A 164 16.52 -1.47 -32.11
CA MET A 164 15.31 -2.16 -32.56
C MET A 164 14.52 -1.35 -33.59
N ALA A 165 14.34 -0.07 -33.31
CA ALA A 165 13.67 0.85 -34.24
C ALA A 165 14.40 1.00 -35.58
N ALA A 166 15.73 0.95 -35.55
CA ALA A 166 16.54 1.09 -36.76
C ALA A 166 16.48 -0.17 -37.60
N TYR A 167 16.53 -1.31 -36.92
CA TYR A 167 16.38 -2.61 -37.59
C TYR A 167 15.01 -2.69 -38.29
N ALA A 168 13.98 -2.16 -37.65
CA ALA A 168 12.63 -2.28 -38.17
C ALA A 168 12.48 -1.45 -39.43
N GLU A 169 13.01 -0.23 -39.40
CA GLU A 169 12.90 0.66 -40.56
C GLU A 169 13.81 0.21 -41.68
N ASP A 170 14.87 -0.50 -41.32
CA ASP A 170 15.80 -1.11 -42.29
C ASP A 170 15.13 -2.27 -43.03
N GLN A 171 14.31 -3.03 -42.30
CA GLN A 171 13.64 -4.21 -42.86
C GLN A 171 12.32 -3.83 -43.49
N GLY A 172 11.91 -2.58 -43.32
CA GLY A 172 10.64 -2.14 -43.85
C GLY A 172 9.46 -2.71 -43.09
N TYR A 173 9.65 -3.03 -41.81
CA TYR A 173 8.55 -3.37 -40.91
C TYR A 173 7.81 -2.10 -40.54
N GLY A 174 6.53 -2.22 -40.24
CA GLY A 174 5.75 -1.04 -39.90
C GLY A 174 5.46 -0.85 -38.42
N TYR A 175 6.27 -1.47 -37.56
CA TYR A 175 6.01 -1.53 -36.12
C TYR A 175 5.95 -0.16 -35.50
N ARG A 176 4.92 0.05 -34.69
CA ARG A 176 5.01 1.07 -33.65
C ARG A 176 5.45 0.32 -32.40
N PHE A 177 6.27 0.96 -31.58
CA PHE A 177 6.76 0.30 -30.39
C PHE A 177 6.03 0.79 -29.15
N ALA A 178 5.50 -0.14 -28.37
CA ALA A 178 4.68 0.20 -27.22
C ALA A 178 5.31 -0.25 -25.93
N LEU A 179 5.62 0.70 -25.05
CA LEU A 179 6.37 0.41 -23.84
C LEU A 179 5.44 0.23 -22.63
N GLU A 180 5.60 -0.90 -21.93
CA GLU A 180 4.75 -1.24 -20.81
C GLU A 180 5.44 -1.14 -19.45
N PRO A 181 5.12 -0.11 -18.66
CA PRO A 181 5.62 0.01 -17.29
C PRO A 181 4.96 -0.95 -16.28
N LYS A 182 5.70 -1.28 -15.21
CA LYS A 182 5.15 -2.00 -14.07
C LYS A 182 6.01 -1.65 -12.87
N PRO A 183 5.40 -1.32 -11.72
CA PRO A 183 6.16 -0.82 -10.57
C PRO A 183 7.04 -1.86 -9.85
N ASN A 184 6.61 -3.12 -9.85
CA ASN A 184 7.42 -4.21 -9.31
C ASN A 184 6.91 -5.57 -9.80
N GLU A 185 7.58 -6.64 -9.37
CA GLU A 185 7.22 -8.01 -9.70
C GLU A 185 7.37 -8.33 -11.18
N PRO A 186 8.27 -9.25 -11.53
CA PRO A 186 8.96 -10.17 -10.63
C PRO A 186 10.14 -9.60 -9.83
N ARG A 187 10.51 -8.34 -10.07
CA ARG A 187 11.60 -7.71 -9.34
C ARG A 187 11.08 -6.90 -8.17
N GLY A 188 11.89 -6.79 -7.11
CA GLY A 188 11.48 -6.05 -5.93
C GLY A 188 11.00 -4.67 -6.29
N ASP A 189 11.71 -4.05 -7.25
CA ASP A 189 11.31 -2.82 -7.92
C ASP A 189 11.78 -2.92 -9.36
N ILE A 190 10.93 -2.47 -10.29
CA ILE A 190 11.28 -2.36 -11.71
C ILE A 190 11.59 -0.90 -12.03
N TYR A 191 12.67 -0.65 -12.79
CA TYR A 191 13.17 0.71 -13.03
C TYR A 191 12.15 1.60 -13.73
N PHE A 192 11.55 1.06 -14.78
CA PHE A 192 10.52 1.75 -15.55
C PHE A 192 9.16 1.41 -14.94
N ALA A 193 8.82 2.15 -13.89
CA ALA A 193 7.79 1.76 -12.92
C ALA A 193 6.44 2.39 -13.20
N THR A 194 6.44 3.53 -13.90
CA THR A 194 5.22 4.31 -14.10
C THR A 194 5.01 4.67 -15.54
N VAL A 195 3.80 5.12 -15.87
CA VAL A 195 3.50 5.68 -17.19
C VAL A 195 4.39 6.87 -17.47
N GLY A 196 4.51 7.78 -16.49
CA GLY A 196 5.37 8.94 -16.65
C GLY A 196 6.82 8.61 -16.91
N SER A 197 7.30 7.52 -16.32
CA SER A 197 8.68 7.12 -16.48
C SER A 197 8.94 6.74 -17.92
N MET A 198 8.02 5.99 -18.52
CA MET A 198 8.20 5.53 -19.89
C MET A 198 7.96 6.66 -20.89
N LEU A 199 7.13 7.63 -20.52
CA LEU A 199 6.86 8.79 -21.36
C LEU A 199 8.11 9.66 -21.45
N ALA A 200 8.81 9.80 -20.34
CA ALA A 200 10.00 10.63 -20.28
C ALA A 200 11.16 10.02 -21.07
N LEU A 201 11.30 8.70 -20.96
CA LEU A 201 12.34 7.96 -21.68
C LEU A 201 12.21 8.11 -23.19
N ILE A 202 10.96 8.11 -23.68
CA ILE A 202 10.68 8.13 -25.11
C ILE A 202 11.31 9.35 -25.74
N HIS A 203 11.30 10.45 -25.00
CA HIS A 203 11.77 11.73 -25.50
C HIS A 203 13.28 11.78 -25.62
N THR A 204 13.93 10.68 -25.28
CA THR A 204 15.38 10.60 -25.36
C THR A 204 15.84 9.60 -26.41
N LEU A 205 14.90 8.88 -27.00
CA LEU A 205 15.23 7.94 -28.04
C LEU A 205 15.52 8.68 -29.36
N GLU A 206 16.07 7.97 -30.34
CA GLU A 206 16.41 8.62 -31.59
C GLU A 206 15.22 8.83 -32.52
N ARG A 207 14.31 7.85 -32.58
CA ARG A 207 13.09 7.97 -33.39
C ARG A 207 11.83 7.96 -32.53
N PRO A 208 11.61 9.02 -31.74
CA PRO A 208 10.56 9.03 -30.70
C PRO A 208 9.17 8.82 -31.28
N GLU A 209 9.00 9.22 -32.53
CA GLU A 209 7.71 9.16 -33.18
C GLU A 209 7.25 7.71 -33.34
N ARG A 210 8.19 6.78 -33.25
CA ARG A 210 7.88 5.35 -33.42
C ARG A 210 7.48 4.70 -32.10
N PHE A 211 7.55 5.45 -31.02
CA PHE A 211 7.45 4.89 -29.67
C PHE A 211 6.28 5.46 -28.88
N GLY A 212 5.47 4.57 -28.30
CA GLY A 212 4.43 5.00 -27.37
C GLY A 212 4.27 4.08 -26.16
N LEU A 213 3.08 4.14 -25.56
CA LEU A 213 2.80 3.44 -24.31
C LEU A 213 1.80 2.30 -24.44
N ASN A 214 2.04 1.24 -23.67
CA ASN A 214 1.04 0.22 -23.36
C ASN A 214 0.79 0.17 -21.86
N PRO A 215 0.01 1.11 -21.32
CA PRO A 215 -0.31 1.05 -19.89
C PRO A 215 -1.25 -0.13 -19.57
N GLU A 216 -1.01 -0.76 -18.42
CA GLU A 216 -1.85 -1.87 -17.95
C GLU A 216 -2.52 -1.50 -16.64
N PHE A 217 -3.83 -1.72 -16.58
CA PHE A 217 -4.64 -1.31 -15.42
C PHE A 217 -4.07 -1.86 -14.10
N ALA A 218 -3.72 -3.14 -14.09
CA ALA A 218 -3.26 -3.81 -12.87
C ALA A 218 -1.91 -3.28 -12.39
N HIS A 219 -1.05 -2.91 -13.34
CA HIS A 219 0.29 -2.40 -13.04
C HIS A 219 0.25 -1.12 -12.23
N GLU A 220 -0.48 -0.14 -12.71
CA GLU A 220 -0.57 1.14 -12.02
C GLU A 220 -1.29 0.97 -10.69
N THR A 221 -2.32 0.11 -10.67
CA THR A 221 -3.18 -0.09 -9.51
C THR A 221 -2.46 -0.85 -8.38
N MET A 222 -1.55 -1.76 -8.75
CA MET A 222 -0.64 -2.41 -7.82
C MET A 222 0.03 -1.45 -6.85
N ALA A 223 0.30 -0.23 -7.30
CA ALA A 223 0.98 0.78 -6.49
C ALA A 223 0.04 1.85 -5.95
N GLY A 224 -1.27 1.60 -6.05
CA GLY A 224 -2.26 2.53 -5.55
C GLY A 224 -2.37 3.81 -6.37
N LEU A 225 -1.87 3.79 -7.60
CA LEU A 225 -1.88 4.95 -8.48
C LEU A 225 -3.14 4.97 -9.34
N ASN A 226 -3.56 6.16 -9.75
CA ASN A 226 -4.80 6.33 -10.52
C ASN A 226 -4.56 6.07 -11.99
N PHE A 227 -5.11 4.98 -12.49
CA PHE A 227 -4.89 4.60 -13.88
C PHE A 227 -5.54 5.58 -14.87
N VAL A 228 -6.65 6.19 -14.47
CA VAL A 228 -7.35 7.10 -15.35
C VAL A 228 -6.55 8.38 -15.61
N HIS A 229 -5.89 8.90 -14.58
CA HIS A 229 -4.96 10.03 -14.71
C HIS A 229 -3.78 9.69 -15.62
N ALA A 230 -3.22 8.48 -15.44
CA ALA A 230 -2.07 8.03 -16.21
C ALA A 230 -2.38 7.88 -17.71
N VAL A 231 -3.54 7.32 -18.02
CA VAL A 231 -3.97 7.15 -19.40
C VAL A 231 -4.35 8.49 -20.07
N ALA A 232 -4.81 9.45 -19.27
CA ALA A 232 -5.13 10.77 -19.78
C ALA A 232 -3.85 11.47 -20.21
N GLN A 233 -2.79 11.33 -19.44
CA GLN A 233 -1.49 11.91 -19.80
C GLN A 233 -0.89 11.30 -21.06
N ALA A 234 -0.99 9.99 -21.19
CA ALA A 234 -0.53 9.33 -22.40
C ALA A 234 -1.36 9.77 -23.62
N LEU A 235 -2.67 9.94 -23.44
CA LEU A 235 -3.54 10.38 -24.52
C LEU A 235 -3.18 11.81 -24.94
N ASP A 236 -2.92 12.66 -23.95
CA ASP A 236 -2.61 14.07 -24.19
C ASP A 236 -1.25 14.21 -24.85
N ALA A 237 -0.42 13.18 -24.75
CA ALA A 237 0.90 13.19 -25.35
C ALA A 237 0.80 12.56 -26.73
N GLY A 238 -0.34 11.93 -26.99
CA GLY A 238 -0.52 11.25 -28.26
C GLY A 238 0.20 9.92 -28.32
N LYS A 239 0.44 9.33 -27.15
CA LYS A 239 1.26 8.14 -27.07
C LYS A 239 0.54 6.85 -26.60
N LEU A 240 -0.79 6.81 -26.67
CA LEU A 240 -1.50 5.59 -26.30
C LEU A 240 -1.61 4.69 -27.52
N LEU A 241 -0.71 3.74 -27.62
CA LEU A 241 -0.63 2.92 -28.83
C LEU A 241 -1.32 1.58 -28.62
N HIS A 242 -1.55 1.26 -27.36
CA HIS A 242 -2.13 -0.02 -26.98
C HIS A 242 -2.51 0.08 -25.53
N ILE A 243 -3.49 -0.71 -25.11
CA ILE A 243 -3.90 -0.72 -23.71
C ILE A 243 -4.25 -2.12 -23.20
N ASP A 244 -3.75 -2.43 -22.00
CA ASP A 244 -3.95 -3.75 -21.39
C ASP A 244 -4.96 -3.61 -20.27
N LEU A 245 -6.05 -4.36 -20.40
CA LEU A 245 -7.23 -4.17 -19.56
C LEU A 245 -7.39 -5.37 -18.65
N ASN A 246 -7.66 -5.11 -17.38
CA ASN A 246 -7.95 -6.15 -16.39
C ASN A 246 -8.32 -5.48 -15.07
N GLY A 247 -8.39 -6.26 -13.99
CA GLY A 247 -8.72 -5.72 -12.67
C GLY A 247 -7.68 -6.13 -11.61
N GLN A 248 -7.71 -5.44 -10.47
CA GLN A 248 -6.66 -5.60 -9.48
C GLN A 248 -7.07 -4.92 -8.16
N ARG A 249 -6.82 -5.58 -7.04
CA ARG A 249 -6.92 -4.92 -5.75
C ARG A 249 -5.56 -4.28 -5.44
N MET A 250 -5.56 -3.07 -4.90
CA MET A 250 -4.33 -2.32 -4.71
C MET A 250 -3.33 -2.99 -3.75
N ASN A 251 -2.03 -2.77 -4.01
CA ASN A 251 -0.96 -3.05 -3.04
C ASN A 251 -0.69 -4.49 -2.70
N ARG A 252 -0.60 -5.33 -3.74
CA ARG A 252 -0.24 -6.73 -3.59
C ARG A 252 0.17 -7.28 -4.94
N PHE A 253 0.48 -8.58 -4.96
CA PHE A 253 0.80 -9.30 -6.19
C PHE A 253 -0.16 -8.97 -7.35
N ASP A 254 0.33 -9.19 -8.56
CA ASP A 254 -0.43 -8.94 -9.76
C ASP A 254 -1.51 -10.01 -9.92
N GLN A 255 -2.76 -9.63 -9.77
CA GLN A 255 -3.86 -10.59 -9.81
C GLN A 255 -4.34 -10.90 -11.21
N ASP A 256 -4.31 -9.91 -12.10
CA ASP A 256 -4.88 -10.04 -13.44
C ASP A 256 -6.31 -10.55 -13.45
N LEU A 257 -7.19 -9.92 -12.68
CA LEU A 257 -8.60 -10.31 -12.60
C LEU A 257 -9.33 -9.95 -13.89
N ARG A 258 -10.49 -10.57 -14.10
CA ARG A 258 -11.41 -10.21 -15.19
C ARG A 258 -11.70 -8.71 -15.16
N PHE A 259 -11.81 -8.11 -16.34
CA PHE A 259 -12.00 -6.65 -16.43
C PHE A 259 -13.32 -6.18 -15.78
N GLY A 260 -13.23 -5.10 -15.01
CA GLY A 260 -14.42 -4.58 -14.36
C GLY A 260 -14.92 -5.33 -13.14
N SER A 261 -14.28 -6.43 -12.76
CA SER A 261 -14.82 -7.31 -11.72
C SER A 261 -14.65 -6.78 -10.32
N GLU A 262 -13.71 -5.86 -10.14
CA GLU A 262 -13.35 -5.36 -8.81
C GLU A 262 -13.57 -3.85 -8.64
N ASN A 263 -13.06 -3.06 -9.58
CA ASN A 263 -13.22 -1.62 -9.53
C ASN A 263 -14.16 -1.12 -10.64
N LEU A 264 -15.45 -1.23 -10.42
CA LEU A 264 -16.45 -0.87 -11.42
C LEU A 264 -16.39 0.58 -11.82
N LYS A 265 -16.26 1.46 -10.82
CA LYS A 265 -16.23 2.89 -11.06
C LYS A 265 -15.00 3.36 -11.86
N ALA A 266 -13.83 2.78 -11.58
CA ALA A 266 -12.63 3.10 -12.32
C ALA A 266 -12.71 2.59 -13.74
N ALA A 267 -13.24 1.37 -13.90
CA ALA A 267 -13.43 0.76 -15.22
C ALA A 267 -14.41 1.58 -16.05
N PHE A 268 -15.38 2.17 -15.35
CA PHE A 268 -16.44 2.97 -15.98
C PHE A 268 -15.83 4.20 -16.65
N LEU A 269 -15.16 5.00 -15.84
CA LEU A 269 -14.54 6.23 -16.29
C LEU A 269 -13.34 6.01 -17.21
N LEU A 270 -12.78 4.80 -17.22
CA LEU A 270 -11.72 4.43 -18.14
C LEU A 270 -12.29 4.18 -19.52
N VAL A 271 -13.32 3.34 -19.59
CA VAL A 271 -14.03 3.08 -20.85
C VAL A 271 -14.57 4.39 -21.41
N ASP A 272 -15.04 5.27 -20.53
CA ASP A 272 -15.50 6.60 -20.95
C ASP A 272 -14.36 7.39 -21.57
N LEU A 273 -13.19 7.39 -20.92
CA LEU A 273 -12.03 8.13 -21.43
C LEU A 273 -11.65 7.62 -22.81
N LEU A 274 -11.53 6.30 -22.93
CA LEU A 274 -11.04 5.70 -24.16
C LEU A 274 -11.97 6.02 -25.31
N GLU A 275 -13.26 5.77 -25.09
CA GLU A 275 -14.25 5.88 -26.14
C GLU A 275 -14.41 7.32 -26.62
N SER A 276 -14.51 8.24 -25.67
CA SER A 276 -14.77 9.63 -26.02
C SER A 276 -13.51 10.35 -26.50
N SER A 277 -12.37 9.66 -26.45
CA SER A 277 -11.11 10.22 -26.94
C SER A 277 -10.86 9.81 -28.37
N GLY A 278 -11.62 8.83 -28.83
CA GLY A 278 -11.46 8.34 -30.18
C GLY A 278 -10.24 7.46 -30.34
N TYR A 279 -9.82 6.82 -29.24
CA TYR A 279 -8.78 5.82 -29.26
C TYR A 279 -9.20 4.68 -30.20
N GLN A 280 -8.28 4.26 -31.07
CA GLN A 280 -8.63 3.32 -32.13
C GLN A 280 -7.77 2.04 -32.09
N GLY A 281 -6.88 1.95 -31.11
CA GLY A 281 -6.06 0.76 -31.00
C GLY A 281 -6.80 -0.40 -30.35
N PRO A 282 -6.12 -1.54 -30.19
CA PRO A 282 -6.69 -2.76 -29.59
C PRO A 282 -7.08 -2.56 -28.13
N ARG A 283 -8.18 -3.22 -27.73
CA ARG A 283 -8.52 -3.38 -26.33
C ARG A 283 -8.11 -4.77 -25.90
N HIS A 284 -6.91 -4.89 -25.34
CA HIS A 284 -6.38 -6.19 -24.95
C HIS A 284 -6.79 -6.53 -23.53
N PHE A 285 -7.29 -7.74 -23.31
CA PHE A 285 -7.50 -8.22 -21.95
C PHE A 285 -6.35 -9.07 -21.47
N ASP A 286 -5.41 -8.44 -20.78
CA ASP A 286 -4.27 -9.15 -20.19
C ASP A 286 -4.63 -9.64 -18.79
N ALA A 287 -5.35 -10.75 -18.77
CA ALA A 287 -5.99 -11.25 -17.57
C ALA A 287 -6.12 -12.75 -17.71
N HIS A 288 -6.21 -13.46 -16.59
CA HIS A 288 -6.51 -14.87 -16.66
C HIS A 288 -7.70 -15.22 -15.77
N ALA A 289 -8.31 -16.37 -16.05
CA ALA A 289 -9.39 -16.88 -15.21
C ALA A 289 -8.86 -17.21 -13.82
N LEU A 290 -9.74 -17.15 -12.82
CA LEU A 290 -9.39 -17.54 -11.45
C LEU A 290 -8.88 -18.97 -11.40
N ARG A 291 -8.01 -19.27 -10.43
CA ARG A 291 -7.39 -20.59 -10.33
C ARG A 291 -8.38 -21.68 -9.89
N THR A 292 -9.58 -21.25 -9.51
CA THR A 292 -10.68 -22.13 -9.14
C THR A 292 -11.46 -22.66 -10.34
N GLU A 293 -11.02 -22.30 -11.56
CA GLU A 293 -11.80 -22.56 -12.77
C GLU A 293 -11.30 -23.72 -13.61
N ASP A 294 -12.23 -24.42 -14.24
CA ASP A 294 -11.88 -25.37 -15.31
C ASP A 294 -12.01 -24.66 -16.66
N GLU A 295 -11.91 -25.40 -17.76
CA GLU A 295 -11.86 -24.76 -19.07
C GLU A 295 -13.13 -23.99 -19.40
N GLU A 296 -14.27 -24.53 -18.98
CA GLU A 296 -15.54 -23.82 -19.11
C GLU A 296 -15.46 -22.46 -18.47
N GLY A 297 -14.86 -22.40 -17.27
CA GLY A 297 -14.75 -21.14 -16.56
C GLY A 297 -13.83 -20.15 -17.27
N VAL A 298 -12.87 -20.67 -18.04
CA VAL A 298 -11.96 -19.84 -18.81
C VAL A 298 -12.71 -19.04 -19.88
N TRP A 299 -13.61 -19.73 -20.60
CA TRP A 299 -14.38 -19.08 -21.65
C TRP A 299 -15.50 -18.20 -21.10
N ALA A 300 -15.88 -18.42 -19.85
CA ALA A 300 -16.83 -17.52 -19.19
C ALA A 300 -16.10 -16.27 -18.77
N PHE A 301 -14.83 -16.44 -18.43
CA PHE A 301 -13.92 -15.33 -18.12
C PHE A 301 -13.73 -14.46 -19.37
N ALA A 302 -13.45 -15.10 -20.50
CA ALA A 302 -13.25 -14.38 -21.76
C ALA A 302 -14.50 -13.62 -22.18
N ARG A 303 -15.65 -14.31 -22.17
CA ARG A 303 -16.94 -13.68 -22.48
C ARG A 303 -17.25 -12.52 -21.55
N GLY A 304 -16.89 -12.66 -20.27
CA GLY A 304 -17.21 -11.64 -19.30
C GLY A 304 -16.43 -10.35 -19.41
N CYS A 305 -15.16 -10.45 -19.80
CA CYS A 305 -14.32 -9.29 -20.09
C CYS A 305 -14.97 -8.36 -21.11
N MET A 306 -15.30 -8.94 -22.26
CA MET A 306 -15.88 -8.19 -23.37
C MET A 306 -17.28 -7.67 -23.07
N ARG A 307 -18.12 -8.51 -22.46
CA ARG A 307 -19.47 -8.10 -22.13
C ARG A 307 -19.49 -6.96 -21.11
N THR A 308 -18.61 -7.02 -20.12
CA THR A 308 -18.51 -5.95 -19.12
C THR A 308 -18.06 -4.62 -19.73
N TYR A 309 -17.16 -4.69 -20.69
CA TYR A 309 -16.70 -3.50 -21.41
C TYR A 309 -17.89 -2.86 -22.16
N LEU A 310 -18.64 -3.67 -22.91
CA LEU A 310 -19.76 -3.16 -23.70
C LEU A 310 -20.88 -2.57 -22.86
N ILE A 311 -21.13 -3.14 -21.69
CA ILE A 311 -22.14 -2.61 -20.76
C ILE A 311 -21.76 -1.21 -20.27
N LEU A 312 -20.50 -1.05 -19.89
CA LEU A 312 -20.01 0.23 -19.38
C LEU A 312 -20.00 1.31 -20.46
N LYS A 313 -19.66 0.90 -21.69
CA LYS A 313 -19.59 1.82 -22.82
C LYS A 313 -20.96 2.44 -23.06
N GLU A 314 -21.97 1.59 -23.12
CA GLU A 314 -23.35 2.02 -23.27
C GLU A 314 -23.78 2.88 -22.09
N ARG A 315 -23.37 2.47 -20.90
CA ARG A 315 -23.72 3.21 -19.70
C ARG A 315 -23.09 4.60 -19.60
N ALA A 316 -21.80 4.72 -19.90
CA ALA A 316 -21.13 6.03 -19.93
C ALA A 316 -21.76 6.95 -20.97
N GLU A 317 -22.18 6.38 -22.10
CA GLU A 317 -22.87 7.13 -23.13
C GLU A 317 -24.15 7.73 -22.58
N ALA A 318 -24.92 6.94 -21.86
CA ALA A 318 -26.20 7.42 -21.34
C ALA A 318 -26.00 8.45 -20.25
N PHE A 319 -25.00 8.23 -19.40
CA PHE A 319 -24.65 9.16 -18.34
C PHE A 319 -24.38 10.57 -18.91
N ARG A 320 -23.63 10.63 -20.02
CA ARG A 320 -23.22 11.91 -20.58
C ARG A 320 -24.38 12.68 -21.24
N GLU A 321 -25.47 11.98 -21.52
CA GLU A 321 -26.64 12.58 -22.17
C GLU A 321 -27.70 13.07 -21.19
N ASP A 322 -27.52 12.74 -19.92
CA ASP A 322 -28.45 13.15 -18.90
C ASP A 322 -28.50 14.68 -18.72
N PRO A 323 -29.70 15.26 -18.72
CA PRO A 323 -29.89 16.72 -18.68
C PRO A 323 -29.30 17.35 -17.45
N GLU A 324 -29.49 16.69 -16.31
CA GLU A 324 -29.00 17.21 -15.04
C GLU A 324 -27.48 17.19 -14.99
N VAL A 325 -26.90 16.14 -15.57
CA VAL A 325 -25.46 16.00 -15.65
C VAL A 325 -24.87 17.10 -16.53
N LYS A 326 -25.49 17.33 -17.68
CA LYS A 326 -25.11 18.41 -18.58
C LYS A 326 -25.22 19.77 -17.91
N GLU A 327 -26.28 19.97 -17.16
CA GLU A 327 -26.46 21.23 -16.46
C GLU A 327 -25.40 21.42 -15.40
N LEU A 328 -24.98 20.32 -14.77
CA LEU A 328 -24.01 20.39 -13.69
C LEU A 328 -22.60 20.69 -14.23
N LEU A 329 -22.20 20.01 -15.31
CA LEU A 329 -20.92 20.25 -15.97
C LEU A 329 -20.82 21.65 -16.57
N ALA A 330 -21.94 22.17 -17.05
CA ALA A 330 -21.98 23.51 -17.62
C ALA A 330 -21.70 24.57 -16.55
N ALA A 331 -22.26 24.40 -15.37
CA ALA A 331 -22.15 25.41 -14.32
C ALA A 331 -20.76 25.47 -13.75
N TYR A 332 -20.03 24.36 -13.78
CA TYR A 332 -18.75 24.37 -13.13
C TYR A 332 -17.58 24.59 -14.08
N TYR A 333 -17.78 24.27 -15.35
CA TYR A 333 -16.89 24.73 -16.39
C TYR A 333 -17.17 26.17 -16.84
N GLN A 334 -18.19 26.79 -16.24
CA GLN A 334 -18.46 28.23 -16.33
C GLN A 334 -17.19 29.10 -16.41
N GLU A 335 -17.04 29.85 -17.50
CA GLU A 335 -15.89 30.77 -17.67
C GLU A 335 -16.31 32.22 -17.90
N ASP A 336 -15.93 33.09 -16.98
CA ASP A 336 -16.09 34.52 -17.15
C ASP A 336 -15.01 35.04 -18.11
N PRO A 337 -15.41 35.70 -19.22
CA PRO A 337 -14.46 36.09 -20.26
C PRO A 337 -13.56 37.23 -19.80
N ALA A 338 -13.98 37.94 -18.77
CA ALA A 338 -13.11 38.92 -18.10
C ALA A 338 -11.95 38.28 -17.34
N ALA A 339 -12.11 37.03 -16.95
CA ALA A 339 -11.05 36.28 -16.31
C ALA A 339 -10.08 35.78 -17.37
N LEU A 340 -10.64 35.36 -18.51
CA LEU A 340 -9.88 34.73 -19.56
C LEU A 340 -8.79 35.58 -20.26
N PRO A 341 -8.90 36.92 -20.26
CA PRO A 341 -7.93 37.73 -20.99
C PRO A 341 -6.79 38.13 -20.06
N LEU A 342 -6.89 37.67 -18.82
CA LEU A 342 -5.75 37.66 -17.92
C LEU A 342 -4.96 36.37 -18.16
N MET A 343 -5.52 35.50 -18.98
CA MET A 343 -5.00 34.16 -19.17
C MET A 343 -4.23 34.00 -20.46
N ASP A 344 -3.71 32.79 -20.66
CA ASP A 344 -3.15 32.37 -21.94
C ASP A 344 -1.84 33.15 -22.19
N PRO A 345 -1.37 33.30 -23.45
CA PRO A 345 0.09 33.47 -23.60
C PRO A 345 0.65 34.78 -23.03
N TYR A 346 1.91 34.78 -22.65
CA TYR A 346 2.48 35.91 -21.92
C TYR A 346 2.53 37.20 -22.74
N SER A 347 2.26 38.30 -22.06
CA SER A 347 2.60 39.62 -22.57
C SER A 347 2.87 40.51 -21.36
N HIS A 348 3.81 41.44 -21.52
CA HIS A 348 4.18 42.37 -20.47
C HIS A 348 2.97 43.07 -19.83
N GLU A 349 2.00 43.45 -20.65
CA GLU A 349 0.85 44.19 -20.17
C GLU A 349 -0.23 43.27 -19.61
N LYS A 350 -0.22 42.00 -20.02
CA LYS A 350 -1.09 40.98 -19.42
C LYS A 350 -0.66 40.69 -17.99
N ALA A 351 0.65 40.69 -17.76
CA ALA A 351 1.20 40.53 -16.41
C ALA A 351 0.81 41.71 -15.54
N GLU A 352 0.86 42.90 -16.13
CA GLU A 352 0.59 44.12 -15.37
C GLU A 352 -0.89 44.26 -15.09
N ALA A 353 -1.71 43.83 -16.03
CA ALA A 353 -3.16 43.81 -15.87
C ALA A 353 -3.57 42.86 -14.75
N LEU A 354 -2.95 41.67 -14.78
CA LEU A 354 -3.18 40.63 -13.77
C LEU A 354 -2.83 41.12 -12.36
N LYS A 355 -1.67 41.75 -12.22
CA LYS A 355 -1.21 42.19 -10.91
C LYS A 355 -2.01 43.38 -10.36
N ARG A 356 -2.75 44.04 -11.23
CA ARG A 356 -3.58 45.17 -10.82
C ARG A 356 -5.04 44.77 -10.77
N ALA A 357 -5.35 43.59 -11.32
CA ALA A 357 -6.73 43.11 -11.38
C ALA A 357 -7.34 42.93 -9.99
N GLU A 358 -8.60 43.32 -9.85
CA GLU A 358 -9.34 43.17 -8.60
C GLU A 358 -10.13 41.87 -8.66
N LEU A 359 -9.63 40.85 -7.96
CA LEU A 359 -10.17 39.50 -8.11
C LEU A 359 -11.32 39.29 -7.13
N PRO A 360 -12.34 38.52 -7.54
CA PRO A 360 -13.54 38.23 -6.74
C PRO A 360 -13.34 37.06 -5.76
N LEU A 361 -12.50 37.26 -4.76
CA LEU A 361 -11.97 36.15 -3.97
C LEU A 361 -12.96 35.57 -2.97
N GLU A 362 -13.71 36.43 -2.29
CA GLU A 362 -14.66 35.93 -1.33
C GLU A 362 -15.76 35.11 -2.01
N ALA A 363 -16.15 35.52 -3.21
CA ALA A 363 -17.11 34.81 -4.00
C ALA A 363 -16.61 33.42 -4.38
N LYS A 364 -15.32 33.30 -4.64
CA LYS A 364 -14.72 32.04 -5.04
C LYS A 364 -14.38 31.18 -3.83
N ARG A 365 -14.29 31.83 -2.67
CA ARG A 365 -14.02 31.16 -1.41
C ARG A 365 -15.26 30.38 -0.97
N HIS A 366 -16.42 31.01 -1.12
CA HIS A 366 -17.70 30.43 -0.72
C HIS A 366 -18.21 29.41 -1.74
N ARG A 367 -17.60 29.36 -2.92
CA ARG A 367 -18.13 28.57 -4.02
C ARG A 367 -18.12 27.06 -3.74
N GLY A 368 -19.28 26.42 -3.93
CA GLY A 368 -19.32 24.97 -3.92
C GLY A 368 -19.41 24.47 -5.34
N TYR A 369 -18.81 23.32 -5.63
CA TYR A 369 -18.69 22.86 -7.02
C TYR A 369 -19.63 21.73 -7.33
N ALA A 370 -20.43 21.33 -6.33
CA ALA A 370 -21.52 20.37 -6.50
C ALA A 370 -21.07 19.04 -7.06
N LEU A 371 -19.88 18.61 -6.62
CA LEU A 371 -19.30 17.34 -7.08
C LEU A 371 -19.81 16.11 -6.31
N GLU A 372 -20.45 16.36 -5.18
CA GLU A 372 -21.09 15.32 -4.38
C GLU A 372 -22.36 14.84 -5.09
N ARG A 373 -23.16 15.80 -5.56
CA ARG A 373 -24.30 15.51 -6.43
C ARG A 373 -23.92 14.87 -7.75
N LEU A 374 -22.91 15.40 -8.40
CA LEU A 374 -22.44 14.80 -9.65
C LEU A 374 -21.96 13.37 -9.44
N ASP A 375 -21.18 13.17 -8.38
CA ASP A 375 -20.65 11.84 -8.05
C ASP A 375 -21.76 10.83 -7.68
N GLN A 376 -22.76 11.28 -6.93
CA GLN A 376 -23.93 10.44 -6.64
C GLN A 376 -24.74 10.07 -7.91
N LEU A 377 -24.89 11.04 -8.82
CA LEU A 377 -25.51 10.77 -10.13
C LEU A 377 -24.79 9.68 -10.92
N ALA A 378 -23.46 9.74 -10.94
CA ALA A 378 -22.71 8.73 -11.67
C ALA A 378 -22.82 7.35 -11.03
N VAL A 379 -22.86 7.31 -9.70
CA VAL A 379 -23.00 6.04 -9.00
C VAL A 379 -24.39 5.43 -9.28
N GLU A 380 -25.41 6.27 -9.27
CA GLU A 380 -26.77 5.81 -9.58
C GLU A 380 -26.96 5.36 -11.04
N TYR A 381 -26.18 5.93 -11.95
CA TYR A 381 -26.16 5.44 -13.33
C TYR A 381 -25.44 4.11 -13.43
N LEU A 382 -24.28 4.03 -12.76
CA LEU A 382 -23.52 2.78 -12.66
C LEU A 382 -24.38 1.63 -12.14
N LEU A 383 -25.16 1.92 -11.11
CA LEU A 383 -26.09 0.98 -10.51
C LEU A 383 -27.31 0.71 -11.37
N GLY A 384 -27.48 1.49 -12.44
CA GLY A 384 -28.57 1.23 -13.37
C GLY A 384 -29.91 1.71 -12.83
N VAL A 385 -29.84 2.51 -11.78
CA VAL A 385 -31.02 3.10 -11.15
C VAL A 385 -31.53 4.28 -11.99
N ARG A 386 -30.73 4.67 -12.98
CA ARG A 386 -31.01 5.83 -13.80
C ARG A 386 -30.82 5.54 -15.28
N GLY A 387 -29.93 4.58 -15.57
CA GLY A 387 -29.57 4.28 -16.96
C GLY A 387 -30.75 4.05 -17.89
N MET B 1 33.27 -13.37 14.89
CA MET B 1 32.91 -13.00 16.28
C MET B 1 31.40 -12.85 16.47
N TYR B 2 30.65 -13.19 15.42
CA TYR B 2 29.20 -13.24 15.47
C TYR B 2 28.79 -14.60 14.96
N GLU B 3 29.30 -15.65 15.63
CA GLU B 3 29.14 -17.01 15.16
C GLU B 3 28.01 -17.75 15.85
N PRO B 4 27.11 -18.38 15.05
CA PRO B 4 25.91 -19.04 15.57
C PRO B 4 26.20 -20.24 16.46
N LYS B 5 25.54 -20.25 17.61
CA LYS B 5 25.61 -21.35 18.55
C LYS B 5 24.21 -21.96 18.74
N PRO B 6 24.13 -23.21 19.24
CA PRO B 6 22.83 -23.90 19.28
C PRO B 6 21.86 -23.23 20.24
N GLU B 7 22.40 -22.56 21.25
CA GLU B 7 21.57 -21.78 22.17
C GLU B 7 20.87 -20.60 21.46
N HIS B 8 21.26 -20.34 20.21
CA HIS B 8 20.63 -19.29 19.43
C HIS B 8 19.35 -19.76 18.78
N ARG B 9 19.28 -21.08 18.53
CA ARG B 9 18.05 -21.72 18.06
C ARG B 9 17.66 -21.21 16.68
N PHE B 10 18.65 -21.09 15.79
CA PHE B 10 18.42 -20.65 14.42
C PHE B 10 18.03 -21.86 13.61
N THR B 11 16.87 -21.78 12.95
CA THR B 11 16.42 -22.90 12.14
C THR B 11 16.18 -22.45 10.71
N PHE B 12 16.26 -23.39 9.78
CA PHE B 12 15.94 -23.11 8.38
C PHE B 12 14.99 -24.21 7.90
N GLY B 13 13.88 -23.79 7.28
CA GLY B 13 13.05 -24.75 6.58
C GLY B 13 13.76 -25.36 5.39
N LEU B 14 13.46 -26.60 5.07
CA LEU B 14 14.08 -27.27 3.93
C LEU B 14 13.82 -26.49 2.66
N TRP B 15 12.71 -25.78 2.64
CA TRP B 15 12.23 -25.09 1.45
C TRP B 15 12.84 -23.69 1.29
N THR B 16 13.55 -23.22 2.32
CA THR B 16 14.16 -21.90 2.30
C THR B 16 15.45 -21.92 1.50
N VAL B 17 16.46 -22.62 2.00
CA VAL B 17 17.71 -22.77 1.28
C VAL B 17 17.54 -23.67 0.07
N GLY B 18 16.46 -24.47 0.08
CA GLY B 18 16.25 -25.40 -1.02
C GLY B 18 15.48 -24.82 -2.21
N ASN B 19 15.08 -23.55 -2.09
CA ASN B 19 14.31 -22.86 -3.13
C ASN B 19 15.04 -22.82 -4.47
N VAL B 20 14.39 -23.37 -5.49
CA VAL B 20 15.01 -23.43 -6.82
C VAL B 20 14.91 -22.12 -7.64
N GLY B 21 14.30 -21.10 -7.08
CA GLY B 21 14.30 -19.79 -7.71
C GLY B 21 13.33 -19.64 -8.88
N ARG B 22 12.32 -20.51 -8.97
CA ARG B 22 11.23 -20.32 -9.91
C ARG B 22 10.34 -19.21 -9.37
N ASP B 23 9.79 -18.38 -10.24
CA ASP B 23 8.79 -17.41 -9.80
C ASP B 23 7.71 -17.28 -10.86
N PRO B 24 6.69 -16.44 -10.64
CA PRO B 24 5.53 -16.53 -11.55
C PRO B 24 5.86 -16.17 -13.00
N PHE B 25 7.00 -15.52 -13.20
CA PHE B 25 7.43 -15.14 -14.54
C PHE B 25 8.76 -15.76 -14.94
N GLY B 26 9.22 -16.77 -14.22
CA GLY B 26 10.53 -17.31 -14.52
C GLY B 26 10.74 -18.75 -14.17
N ASP B 27 11.64 -19.40 -14.91
CA ASP B 27 12.06 -20.76 -14.64
C ASP B 27 12.92 -20.88 -13.38
N ALA B 28 13.21 -22.12 -12.99
CA ALA B 28 14.12 -22.36 -11.87
C ALA B 28 15.54 -22.00 -12.30
N VAL B 29 16.25 -21.31 -11.42
CA VAL B 29 17.62 -20.93 -11.70
C VAL B 29 18.63 -21.85 -10.99
N ARG B 30 18.13 -22.75 -10.15
CA ARG B 30 18.98 -23.62 -9.33
C ARG B 30 18.54 -25.06 -9.35
N GLU B 31 19.47 -25.93 -8.96
CA GLU B 31 19.17 -27.35 -8.84
C GLU B 31 18.45 -27.64 -7.52
N ARG B 32 17.58 -28.64 -7.56
CA ARG B 32 16.96 -29.18 -6.35
C ARG B 32 18.05 -29.83 -5.47
N LEU B 33 18.13 -29.40 -4.21
CA LEU B 33 19.08 -29.97 -3.26
C LEU B 33 18.50 -31.18 -2.51
N ASP B 34 19.32 -32.23 -2.35
CA ASP B 34 18.94 -33.39 -1.57
C ASP B 34 18.85 -33.04 -0.07
N PRO B 35 17.76 -33.45 0.59
CA PRO B 35 17.50 -33.12 2.01
C PRO B 35 18.63 -33.50 2.94
N VAL B 36 19.24 -34.67 2.71
CA VAL B 36 20.38 -35.10 3.49
C VAL B 36 21.55 -34.14 3.28
N TYR B 37 21.71 -33.66 2.05
CA TYR B 37 22.76 -32.71 1.74
C TYR B 37 22.60 -31.42 2.53
N VAL B 38 21.36 -30.93 2.63
CA VAL B 38 21.13 -29.63 3.26
C VAL B 38 21.19 -29.71 4.78
N GLY B 39 20.96 -30.90 5.34
CA GLY B 39 21.19 -31.12 6.75
C GLY B 39 22.65 -31.01 7.16
N HIS B 40 23.53 -31.58 6.34
CA HIS B 40 24.97 -31.48 6.57
C HIS B 40 25.49 -30.06 6.41
N LYS B 41 24.93 -29.31 5.46
CA LYS B 41 25.35 -27.93 5.21
C LYS B 41 24.93 -26.98 6.32
N LEU B 42 23.70 -27.17 6.82
CA LEU B 42 23.16 -26.29 7.85
C LEU B 42 23.83 -26.57 9.18
N ALA B 43 24.25 -27.82 9.35
CA ALA B 43 25.04 -28.24 10.51
C ALA B 43 26.39 -27.54 10.52
N GLU B 44 27.06 -27.52 9.37
CA GLU B 44 28.30 -26.75 9.19
C GLU B 44 28.15 -25.26 9.52
N LEU B 45 27.02 -24.68 9.12
CA LEU B 45 26.78 -23.26 9.31
C LEU B 45 26.45 -22.88 10.74
N GLY B 46 26.01 -23.86 11.53
CA GLY B 46 25.75 -23.61 12.94
C GLY B 46 24.28 -23.44 13.23
N VAL B 47 23.46 -24.16 12.50
CA VAL B 47 22.03 -24.12 12.69
C VAL B 47 21.60 -25.12 13.77
N HIS B 48 20.71 -24.71 14.67
CA HIS B 48 20.12 -25.60 15.67
C HIS B 48 19.27 -26.69 15.01
N GLY B 49 18.49 -26.33 13.99
CA GLY B 49 17.61 -27.31 13.38
C GLY B 49 17.07 -26.99 12.01
N VAL B 50 16.31 -27.94 11.46
CA VAL B 50 15.70 -27.83 10.15
C VAL B 50 14.20 -28.17 10.20
N ASN B 51 13.37 -27.34 9.57
CA ASN B 51 11.93 -27.62 9.48
C ASN B 51 11.57 -28.20 8.12
N LEU B 52 10.35 -28.73 7.99
CA LEU B 52 9.91 -29.30 6.72
C LEU B 52 8.38 -29.40 6.58
N HIS B 53 7.92 -29.33 5.35
CA HIS B 53 6.56 -29.77 5.02
C HIS B 53 6.67 -31.25 4.73
N ASP B 54 5.55 -31.96 4.82
CA ASP B 54 5.51 -33.35 4.40
C ASP B 54 6.06 -33.54 3.00
N GLU B 55 5.64 -32.70 2.07
CA GLU B 55 6.05 -32.83 0.69
C GLU B 55 7.48 -32.35 0.40
N ASP B 56 8.09 -31.63 1.34
CA ASP B 56 9.53 -31.35 1.25
C ASP B 56 10.35 -32.63 1.33
N LEU B 57 9.93 -33.56 2.19
CA LEU B 57 10.67 -34.81 2.41
C LEU B 57 10.14 -35.94 1.56
N ILE B 58 8.82 -36.09 1.52
CA ILE B 58 8.17 -37.17 0.79
C ILE B 58 7.19 -36.58 -0.22
N PRO B 59 7.60 -36.51 -1.50
CA PRO B 59 6.76 -35.94 -2.55
C PRO B 59 5.47 -36.73 -2.72
N ARG B 60 4.40 -36.03 -3.06
CA ARG B 60 3.09 -36.65 -3.24
C ARG B 60 3.18 -37.85 -4.15
N GLY B 61 2.57 -38.95 -3.72
CA GLY B 61 2.58 -40.18 -4.51
C GLY B 61 3.86 -40.98 -4.41
N THR B 62 4.38 -41.11 -3.19
CA THR B 62 5.51 -41.99 -2.92
C THR B 62 4.99 -43.20 -2.15
N PRO B 63 5.16 -44.41 -2.71
CA PRO B 63 4.82 -45.67 -2.04
C PRO B 63 5.46 -45.83 -0.66
N PRO B 64 4.72 -46.38 0.31
CA PRO B 64 5.08 -46.37 1.73
C PRO B 64 6.42 -47.05 1.99
N GLN B 65 6.74 -48.02 1.14
CA GLN B 65 8.04 -48.69 1.17
C GLN B 65 9.14 -47.67 0.94
N GLU B 66 9.00 -46.89 -0.14
CA GLU B 66 9.97 -45.85 -0.47
C GLU B 66 9.90 -44.67 0.49
N ARG B 67 8.70 -44.41 0.99
CA ARG B 67 8.51 -43.40 2.03
C ARG B 67 9.38 -43.69 3.25
N ASP B 68 9.66 -44.96 3.49
CA ASP B 68 10.33 -45.36 4.72
C ASP B 68 11.86 -45.38 4.63
N GLN B 69 12.38 -45.68 3.44
CA GLN B 69 13.81 -45.55 3.18
C GLN B 69 14.21 -44.08 3.25
N ILE B 70 13.35 -43.20 2.75
CA ILE B 70 13.59 -41.75 2.79
C ILE B 70 13.72 -41.26 4.23
N VAL B 71 12.71 -41.57 5.04
CA VAL B 71 12.68 -41.14 6.43
C VAL B 71 13.84 -41.77 7.21
N ARG B 72 14.18 -43.01 6.88
CA ARG B 72 15.30 -43.70 7.52
C ARG B 72 16.59 -42.94 7.29
N ARG B 73 16.86 -42.61 6.03
CA ARG B 73 18.13 -42.00 5.67
C ARG B 73 18.22 -40.57 6.16
N PHE B 74 17.06 -39.93 6.34
CA PHE B 74 17.01 -38.56 6.87
C PHE B 74 17.33 -38.52 8.34
N LYS B 75 16.82 -39.52 9.06
CA LYS B 75 17.04 -39.60 10.50
C LYS B 75 18.49 -39.89 10.82
N ARG B 76 19.15 -40.68 9.97
CA ARG B 76 20.57 -40.99 10.15
C ARG B 76 21.40 -39.70 10.05
N ALA B 77 21.02 -38.85 9.10
CA ALA B 77 21.71 -37.60 8.85
C ALA B 77 21.55 -36.68 10.05
N LEU B 78 20.33 -36.62 10.58
CA LEU B 78 20.07 -35.85 11.80
C LEU B 78 20.87 -36.40 12.97
N ASP B 79 20.99 -37.73 13.04
CA ASP B 79 21.79 -38.35 14.06
C ASP B 79 23.26 -37.99 13.92
N GLU B 80 23.79 -38.17 12.72
CA GLU B 80 25.18 -37.82 12.42
C GLU B 80 25.51 -36.37 12.79
N THR B 81 24.57 -35.47 12.53
CA THR B 81 24.83 -34.04 12.65
C THR B 81 24.42 -33.43 13.99
N GLY B 82 23.46 -34.06 14.66
CA GLY B 82 22.91 -33.47 15.88
C GLY B 82 21.89 -32.37 15.65
N LEU B 83 21.43 -32.21 14.40
CA LEU B 83 20.37 -31.26 14.06
C LEU B 83 19.02 -31.72 14.58
N LYS B 84 18.21 -30.78 15.04
CA LYS B 84 16.85 -31.09 15.47
C LYS B 84 15.92 -30.80 14.32
N VAL B 85 14.69 -31.29 14.44
CA VAL B 85 13.57 -30.86 13.60
C VAL B 85 12.49 -30.30 14.50
N PRO B 86 12.60 -29.03 14.87
CA PRO B 86 11.70 -28.40 15.84
C PRO B 86 10.25 -28.30 15.37
N MET B 87 10.04 -28.12 14.07
CA MET B 87 8.74 -27.73 13.52
C MET B 87 8.43 -28.46 12.22
N VAL B 88 7.22 -29.01 12.15
CA VAL B 88 6.67 -29.52 10.89
C VAL B 88 5.32 -28.85 10.57
N THR B 89 4.87 -29.03 9.33
CA THR B 89 3.64 -28.41 8.86
C THR B 89 3.19 -29.06 7.56
N GLY B 90 1.90 -29.38 7.47
CA GLY B 90 1.35 -30.02 6.29
C GLY B 90 1.23 -29.04 5.15
N ASN B 91 1.72 -29.41 3.96
CA ASN B 91 1.56 -28.58 2.77
C ASN B 91 0.09 -28.66 2.36
N LEU B 92 -0.65 -27.59 2.63
CA LEU B 92 -2.05 -27.51 2.21
C LEU B 92 -2.28 -26.43 1.16
N PHE B 93 -1.31 -26.24 0.27
CA PHE B 93 -1.41 -25.19 -0.75
C PHE B 93 -1.07 -25.64 -2.18
N SER B 94 -0.32 -26.73 -2.33
CA SER B 94 0.21 -27.08 -3.66
C SER B 94 -0.73 -27.92 -4.50
N ASP B 95 -1.22 -29.01 -3.92
CA ASP B 95 -2.20 -29.88 -4.57
C ASP B 95 -3.33 -29.03 -5.18
N PRO B 96 -3.65 -29.27 -6.47
CA PRO B 96 -4.80 -28.61 -7.10
C PRO B 96 -6.13 -28.88 -6.40
N GLY B 97 -6.19 -29.97 -5.63
CA GLY B 97 -7.35 -30.27 -4.80
C GLY B 97 -7.70 -29.09 -3.92
N PHE B 98 -6.70 -28.29 -3.54
CA PHE B 98 -6.89 -27.21 -2.61
C PHE B 98 -7.15 -25.86 -3.30
N LYS B 99 -7.56 -25.91 -4.56
CA LYS B 99 -7.69 -24.68 -5.36
C LYS B 99 -8.63 -23.65 -4.77
N ASP B 100 -9.67 -24.10 -4.07
CA ASP B 100 -10.55 -23.16 -3.37
C ASP B 100 -10.62 -23.45 -1.87
N GLY B 101 -9.48 -23.80 -1.29
CA GLY B 101 -9.38 -23.94 0.15
C GLY B 101 -8.91 -25.32 0.57
N GLY B 102 -8.21 -25.37 1.70
CA GLY B 102 -7.93 -26.64 2.36
C GLY B 102 -9.06 -26.93 3.33
N PHE B 103 -8.98 -26.30 4.51
CA PHE B 103 -10.00 -26.45 5.53
C PHE B 103 -11.25 -25.71 5.14
N THR B 104 -11.11 -24.71 4.28
CA THR B 104 -12.25 -23.86 3.93
C THR B 104 -12.77 -24.15 2.54
N SER B 105 -12.37 -25.28 1.96
CA SER B 105 -13.01 -25.76 0.74
C SER B 105 -14.47 -26.09 1.02
N ARG B 106 -15.33 -25.84 0.04
CA ARG B 106 -16.77 -26.04 0.21
C ARG B 106 -17.12 -27.51 0.07
N ASP B 107 -16.20 -28.26 -0.52
CA ASP B 107 -16.35 -29.68 -0.76
C ASP B 107 -15.83 -30.45 0.45
N PRO B 108 -16.71 -31.21 1.13
CA PRO B 108 -16.33 -31.93 2.35
C PRO B 108 -15.26 -33.00 2.10
N TRP B 109 -15.17 -33.49 0.87
CA TRP B 109 -14.12 -34.45 0.51
C TRP B 109 -12.75 -33.80 0.55
N VAL B 110 -12.72 -32.51 0.21
CA VAL B 110 -11.47 -31.78 0.14
C VAL B 110 -11.06 -31.39 1.54
N ARG B 111 -12.03 -31.05 2.39
CA ARG B 111 -11.76 -30.72 3.80
C ARG B 111 -11.27 -31.95 4.58
N ALA B 112 -11.79 -33.12 4.21
CA ALA B 112 -11.33 -34.39 4.71
C ALA B 112 -9.89 -34.67 4.29
N TYR B 113 -9.60 -34.45 3.01
CA TYR B 113 -8.26 -34.60 2.47
C TYR B 113 -7.26 -33.70 3.23
N ALA B 114 -7.62 -32.43 3.43
CA ALA B 114 -6.76 -31.48 4.12
C ALA B 114 -6.46 -32.00 5.50
N PHE B 115 -7.49 -32.59 6.08
CA PHE B 115 -7.44 -33.15 7.42
C PHE B 115 -6.43 -34.27 7.56
N ARG B 116 -6.71 -35.33 6.80
CA ARG B 116 -5.88 -36.52 6.79
C ARG B 116 -4.41 -36.18 6.48
N LYS B 117 -4.21 -35.20 5.58
CA LYS B 117 -2.88 -34.74 5.23
C LYS B 117 -2.21 -34.14 6.45
N SER B 118 -2.98 -33.46 7.28
CA SER B 118 -2.47 -32.89 8.52
C SER B 118 -2.10 -33.97 9.56
N LEU B 119 -2.97 -34.95 9.74
CA LEU B 119 -2.74 -36.01 10.72
C LEU B 119 -1.47 -36.78 10.38
N GLU B 120 -1.29 -37.03 9.09
CA GLU B 120 -0.14 -37.77 8.61
C GLU B 120 1.18 -37.03 8.78
N THR B 121 1.12 -35.70 8.79
CA THR B 121 2.32 -34.87 8.94
C THR B 121 2.64 -34.73 10.42
N MET B 122 1.59 -34.76 11.24
CA MET B 122 1.76 -34.88 12.69
C MET B 122 2.46 -36.17 13.07
N ASP B 123 2.16 -37.25 12.37
CA ASP B 123 2.77 -38.54 12.63
C ASP B 123 4.23 -38.57 12.22
N LEU B 124 4.54 -38.05 11.02
CA LEU B 124 5.92 -37.89 10.57
C LEU B 124 6.69 -36.99 11.54
N GLY B 125 6.05 -35.93 12.03
CA GLY B 125 6.72 -35.01 12.92
C GLY B 125 7.21 -35.68 14.18
N ALA B 126 6.35 -36.55 14.73
CA ALA B 126 6.60 -37.24 15.99
C ALA B 126 7.72 -38.25 15.82
N GLU B 127 7.69 -38.90 14.66
CA GLU B 127 8.74 -39.81 14.24
C GLU B 127 10.11 -39.13 14.11
N LEU B 128 10.11 -37.79 14.09
CA LEU B 128 11.33 -37.01 13.88
C LEU B 128 11.67 -36.11 15.06
N GLY B 129 10.80 -36.08 16.07
CA GLY B 129 11.11 -35.33 17.27
C GLY B 129 10.50 -33.95 17.31
N ALA B 130 9.62 -33.66 16.36
CA ALA B 130 9.06 -32.31 16.26
C ALA B 130 8.19 -31.95 17.44
N GLU B 131 8.24 -30.69 17.85
CA GLU B 131 7.52 -30.21 19.03
C GLU B 131 6.48 -29.14 18.69
N ILE B 132 6.67 -28.48 17.55
CA ILE B 132 5.77 -27.42 17.12
C ILE B 132 5.18 -27.81 15.78
N TYR B 133 3.85 -27.67 15.69
CA TYR B 133 3.13 -27.90 14.43
C TYR B 133 2.56 -26.57 13.95
N VAL B 134 2.89 -26.19 12.73
CA VAL B 134 2.48 -24.90 12.20
C VAL B 134 1.33 -25.05 11.21
N VAL B 135 0.38 -24.13 11.27
CA VAL B 135 -0.70 -24.10 10.31
C VAL B 135 -0.66 -22.78 9.54
N TRP B 136 -0.30 -22.86 8.27
CA TRP B 136 -0.38 -21.71 7.39
C TRP B 136 -1.54 -21.87 6.46
N PRO B 137 -2.53 -21.00 6.57
CA PRO B 137 -3.78 -21.09 5.82
C PRO B 137 -3.68 -20.37 4.46
N GLY B 138 -2.67 -20.73 3.65
CA GLY B 138 -2.37 -19.98 2.44
C GLY B 138 -3.45 -20.00 1.37
N ARG B 139 -4.22 -21.09 1.37
CA ARG B 139 -5.25 -21.31 0.37
C ARG B 139 -6.63 -21.00 0.94
N GLU B 140 -6.67 -20.52 2.18
CA GLU B 140 -7.92 -20.15 2.84
C GLU B 140 -8.25 -18.67 2.67
N GLY B 141 -8.83 -18.33 1.52
CA GLY B 141 -9.29 -16.97 1.31
C GLY B 141 -10.21 -16.96 0.13
N ALA B 142 -10.49 -15.78 -0.40
CA ALA B 142 -11.43 -15.64 -1.51
C ALA B 142 -11.05 -14.51 -2.44
N GLU B 143 -11.53 -14.60 -3.67
CA GLU B 143 -11.55 -13.45 -4.56
C GLU B 143 -12.99 -13.20 -5.02
N VAL B 144 -13.86 -14.19 -4.78
CA VAL B 144 -15.29 -14.04 -5.09
C VAL B 144 -16.15 -14.19 -3.83
N GLU B 145 -16.67 -13.06 -3.38
CA GLU B 145 -17.42 -12.93 -2.14
C GLU B 145 -18.91 -13.29 -2.35
N ALA B 146 -19.31 -13.49 -3.60
CA ALA B 146 -20.70 -13.71 -3.96
C ALA B 146 -21.22 -15.05 -3.44
N THR B 147 -20.27 -15.87 -3.00
CA THR B 147 -20.56 -17.20 -2.48
C THR B 147 -21.11 -17.16 -1.06
N GLY B 148 -20.77 -16.11 -0.34
CA GLY B 148 -21.16 -16.00 1.04
C GLY B 148 -20.35 -16.91 1.96
N LYS B 149 -19.25 -17.47 1.45
CA LYS B 149 -18.45 -18.40 2.21
C LYS B 149 -17.76 -17.82 3.45
N ALA B 150 -17.64 -16.49 3.49
CA ALA B 150 -17.02 -15.81 4.63
C ALA B 150 -17.75 -16.03 5.94
N ARG B 151 -19.03 -16.36 5.85
CA ARG B 151 -19.88 -16.63 7.01
C ARG B 151 -19.58 -17.99 7.63
N LYS B 152 -19.05 -18.90 6.79
CA LYS B 152 -18.94 -20.32 7.11
C LYS B 152 -17.56 -20.77 7.59
N VAL B 153 -16.51 -20.03 7.21
CA VAL B 153 -15.14 -20.54 7.28
C VAL B 153 -14.62 -20.67 8.72
N TRP B 154 -15.20 -19.89 9.61
CA TRP B 154 -14.79 -19.86 11.02
C TRP B 154 -15.09 -21.18 11.71
N ASP B 155 -16.30 -21.71 11.53
CA ASP B 155 -16.65 -23.03 12.06
C ASP B 155 -15.83 -24.13 11.39
N TRP B 156 -15.58 -23.98 10.09
CA TRP B 156 -14.89 -25.01 9.34
C TRP B 156 -13.46 -25.21 9.80
N VAL B 157 -12.80 -24.14 10.27
CA VAL B 157 -11.41 -24.28 10.73
C VAL B 157 -11.32 -24.60 12.22
N ARG B 158 -12.30 -24.13 13.00
CA ARG B 158 -12.49 -24.57 14.39
C ARG B 158 -12.55 -26.09 14.45
N GLU B 159 -13.28 -26.67 13.51
CA GLU B 159 -13.54 -28.11 13.48
C GLU B 159 -12.29 -28.99 13.34
N PRO B 160 -11.37 -28.66 12.42
CA PRO B 160 -10.17 -29.46 12.21
C PRO B 160 -9.09 -29.11 13.19
N LEU B 161 -9.00 -27.85 13.57
CA LEU B 161 -8.04 -27.46 14.58
C LEU B 161 -8.35 -28.21 15.88
N ASN B 162 -9.62 -28.17 16.29
CA ASN B 162 -10.12 -28.97 17.41
C ASN B 162 -9.88 -30.47 17.19
N PHE B 163 -10.19 -30.96 16.00
CA PHE B 163 -9.95 -32.37 15.73
C PHE B 163 -8.46 -32.73 15.78
N MET B 164 -7.62 -31.82 15.29
CA MET B 164 -6.17 -32.03 15.27
C MET B 164 -5.58 -32.08 16.68
N ALA B 165 -6.02 -31.15 17.55
CA ALA B 165 -5.58 -31.11 18.95
C ALA B 165 -6.01 -32.35 19.75
N ALA B 166 -7.19 -32.89 19.40
CA ALA B 166 -7.72 -34.07 20.08
C ALA B 166 -6.99 -35.31 19.63
N TYR B 167 -6.72 -35.40 18.34
CA TYR B 167 -5.93 -36.51 17.82
C TYR B 167 -4.54 -36.53 18.45
N ALA B 168 -3.97 -35.35 18.67
CA ALA B 168 -2.62 -35.25 19.18
C ALA B 168 -2.56 -35.75 20.61
N GLU B 169 -3.52 -35.33 21.42
CA GLU B 169 -3.53 -35.72 22.84
C GLU B 169 -3.94 -37.18 23.01
N ASP B 170 -4.66 -37.69 22.02
CA ASP B 170 -5.04 -39.11 21.97
C ASP B 170 -3.83 -39.97 21.68
N GLN B 171 -2.95 -39.48 20.82
CA GLN B 171 -1.76 -40.22 20.41
C GLN B 171 -0.60 -40.00 21.38
N GLY B 172 -0.79 -39.07 22.31
CA GLY B 172 0.29 -38.72 23.23
C GLY B 172 1.43 -37.97 22.56
N TYR B 173 1.13 -37.23 21.49
CA TYR B 173 2.06 -36.27 20.89
C TYR B 173 2.12 -35.03 21.77
N GLY B 174 3.26 -34.35 21.77
CA GLY B 174 3.40 -33.18 22.62
C GLY B 174 3.29 -31.86 21.89
N TYR B 175 2.65 -31.85 20.73
CA TYR B 175 2.61 -30.67 19.85
C TYR B 175 1.98 -29.47 20.52
N ARG B 176 2.65 -28.33 20.40
CA ARG B 176 1.96 -27.05 20.50
C ARG B 176 1.63 -26.65 19.07
N PHE B 177 0.46 -26.06 18.87
CA PHE B 177 0.03 -25.68 17.54
C PHE B 177 0.25 -24.18 17.32
N ALA B 178 0.97 -23.86 16.25
CA ALA B 178 1.29 -22.47 15.94
C ALA B 178 0.63 -21.98 14.65
N LEU B 179 -0.21 -20.97 14.78
CA LEU B 179 -1.01 -20.49 13.66
C LEU B 179 -0.33 -19.29 12.99
N GLU B 180 -0.18 -19.38 11.66
CA GLU B 180 0.50 -18.34 10.89
C GLU B 180 -0.42 -17.54 9.97
N PRO B 181 -0.68 -16.28 10.33
CA PRO B 181 -1.47 -15.40 9.48
C PRO B 181 -0.69 -14.84 8.28
N LYS B 182 -1.43 -14.47 7.24
CA LYS B 182 -0.89 -13.77 6.08
C LYS B 182 -2.06 -13.01 5.42
N PRO B 183 -1.86 -11.74 5.04
CA PRO B 183 -2.99 -10.92 4.58
C PRO B 183 -3.49 -11.24 3.18
N ASN B 184 -2.59 -11.73 2.32
CA ASN B 184 -3.00 -12.22 1.01
C ASN B 184 -1.91 -13.07 0.40
N GLU B 185 -2.18 -13.58 -0.81
CA GLU B 185 -1.21 -14.36 -1.58
C GLU B 185 -0.91 -15.71 -0.95
N PRO B 186 -1.27 -16.80 -1.63
CA PRO B 186 -1.70 -16.84 -3.04
C PRO B 186 -3.14 -16.41 -3.36
N ARG B 187 -3.94 -16.11 -2.33
CA ARG B 187 -5.32 -15.68 -2.53
C ARG B 187 -5.42 -14.16 -2.51
N GLY B 188 -6.38 -13.62 -3.24
CA GLY B 188 -6.54 -12.18 -3.30
C GLY B 188 -6.60 -11.57 -1.92
N ASP B 189 -7.32 -12.25 -1.03
CA ASP B 189 -7.31 -12.00 0.41
C ASP B 189 -7.40 -13.34 1.13
N ILE B 190 -6.65 -13.47 2.22
CA ILE B 190 -6.72 -14.65 3.10
C ILE B 190 -7.53 -14.25 4.34
N TYR B 191 -8.42 -15.15 4.78
CA TYR B 191 -9.39 -14.84 5.84
C TYR B 191 -8.70 -14.51 7.15
N PHE B 192 -7.73 -15.35 7.51
CA PHE B 192 -6.92 -15.16 8.72
C PHE B 192 -5.69 -14.31 8.40
N ALA B 193 -5.91 -12.99 8.35
CA ALA B 193 -5.02 -12.04 7.69
C ALA B 193 -4.00 -11.40 8.62
N THR B 194 -4.33 -11.36 9.91
CA THR B 194 -3.53 -10.63 10.88
C THR B 194 -3.18 -11.48 12.11
N VAL B 195 -2.23 -10.99 12.89
CA VAL B 195 -1.92 -11.60 14.18
C VAL B 195 -3.15 -11.57 15.06
N GLY B 196 -3.82 -10.42 15.13
CA GLY B 196 -5.00 -10.30 15.98
C GLY B 196 -6.11 -11.26 15.57
N SER B 197 -6.21 -11.54 14.28
CA SER B 197 -7.26 -12.41 13.76
C SER B 197 -7.06 -13.82 14.29
N MET B 198 -5.83 -14.31 14.27
CA MET B 198 -5.53 -15.65 14.75
C MET B 198 -5.57 -15.71 16.28
N LEU B 199 -5.26 -14.61 16.94
CA LEU B 199 -5.32 -14.55 18.39
C LEU B 199 -6.77 -14.71 18.86
N ALA B 200 -7.68 -14.05 18.16
CA ALA B 200 -9.10 -14.05 18.54
C ALA B 200 -9.72 -15.44 18.32
N LEU B 201 -9.30 -16.11 17.25
CA LEU B 201 -9.81 -17.42 16.89
C LEU B 201 -9.45 -18.43 17.96
N ILE B 202 -8.22 -18.32 18.48
CA ILE B 202 -7.68 -19.28 19.44
C ILE B 202 -8.60 -19.38 20.65
N HIS B 203 -9.18 -18.26 21.05
CA HIS B 203 -10.04 -18.19 22.23
C HIS B 203 -11.39 -18.88 22.04
N THR B 204 -11.63 -19.41 20.84
CA THR B 204 -12.86 -20.09 20.53
C THR B 204 -12.66 -21.58 20.30
N LEU B 205 -11.40 -22.01 20.33
CA LEU B 205 -11.10 -23.43 20.19
C LEU B 205 -11.38 -24.17 21.50
N GLU B 206 -11.42 -25.49 21.45
CA GLU B 206 -11.70 -26.26 22.65
C GLU B 206 -10.53 -26.38 23.63
N ARG B 207 -9.31 -26.56 23.12
CA ARG B 207 -8.12 -26.63 23.97
C ARG B 207 -7.16 -25.47 23.68
N PRO B 208 -7.55 -24.24 24.05
CA PRO B 208 -6.84 -23.03 23.60
C PRO B 208 -5.39 -23.03 24.08
N GLU B 209 -5.14 -23.68 25.19
CA GLU B 209 -3.83 -23.68 25.81
C GLU B 209 -2.80 -24.36 24.91
N ARG B 210 -3.27 -25.15 23.96
CA ARG B 210 -2.38 -25.87 23.05
C ARG B 210 -2.02 -25.02 21.82
N PHE B 211 -2.62 -23.85 21.69
CA PHE B 211 -2.59 -23.08 20.45
C PHE B 211 -1.94 -21.72 20.62
N GLY B 212 -0.99 -21.41 19.73
CA GLY B 212 -0.36 -20.10 19.74
C GLY B 212 -0.11 -19.54 18.34
N LEU B 213 0.78 -18.56 18.26
CA LEU B 213 1.07 -17.85 17.02
C LEU B 213 2.45 -18.13 16.45
N ASN B 214 2.50 -18.19 15.12
CA ASN B 214 3.75 -18.07 14.36
C ASN B 214 3.69 -16.84 13.43
N PRO B 215 3.87 -15.64 13.99
CA PRO B 215 3.92 -14.45 13.13
C PRO B 215 5.15 -14.45 12.21
N GLU B 216 4.94 -14.01 10.97
CA GLU B 216 6.05 -13.84 10.03
C GLU B 216 6.22 -12.38 9.64
N PHE B 217 7.48 -11.90 9.72
CA PHE B 217 7.82 -10.49 9.45
C PHE B 217 7.26 -9.98 8.11
N ALA B 218 7.46 -10.76 7.04
CA ALA B 218 7.07 -10.38 5.69
C ALA B 218 5.57 -10.30 5.52
N HIS B 219 4.84 -11.17 6.22
CA HIS B 219 3.37 -11.24 6.16
C HIS B 219 2.71 -9.96 6.66
N GLU B 220 3.05 -9.54 7.86
CA GLU B 220 2.51 -8.30 8.39
C GLU B 220 2.95 -7.10 7.58
N THR B 221 4.20 -7.11 7.13
CA THR B 221 4.82 -5.98 6.43
C THR B 221 4.27 -5.80 5.00
N MET B 222 3.90 -6.90 4.36
CA MET B 222 3.15 -6.89 3.11
C MET B 222 1.96 -5.92 3.10
N ALA B 223 1.32 -5.78 4.27
CA ALA B 223 0.16 -4.90 4.37
C ALA B 223 0.46 -3.59 5.08
N GLY B 224 1.74 -3.29 5.25
CA GLY B 224 2.14 -2.01 5.80
C GLY B 224 1.87 -1.91 7.28
N LEU B 225 1.69 -3.07 7.91
CA LEU B 225 1.41 -3.13 9.35
C LEU B 225 2.71 -3.26 10.16
N ASN B 226 2.67 -2.81 11.42
CA ASN B 226 3.85 -2.81 12.28
C ASN B 226 4.05 -4.16 12.95
N PHE B 227 5.10 -4.86 12.56
CA PHE B 227 5.33 -6.22 13.05
C PHE B 227 5.72 -6.22 14.53
N VAL B 228 6.39 -5.16 14.98
CA VAL B 228 6.81 -5.07 16.37
C VAL B 228 5.61 -4.94 17.32
N HIS B 229 4.60 -4.18 16.92
CA HIS B 229 3.35 -4.06 17.68
C HIS B 229 2.60 -5.39 17.74
N ALA B 230 2.55 -6.10 16.61
CA ALA B 230 1.88 -7.38 16.51
C ALA B 230 2.52 -8.46 17.40
N VAL B 231 3.85 -8.49 17.41
CA VAL B 231 4.58 -9.49 18.19
C VAL B 231 4.51 -9.18 19.69
N ALA B 232 4.43 -7.90 20.02
CA ALA B 232 4.26 -7.51 21.42
C ALA B 232 2.93 -7.99 21.97
N GLN B 233 1.86 -7.88 21.17
CA GLN B 233 0.54 -8.37 21.57
C GLN B 233 0.53 -9.88 21.76
N ALA B 234 1.18 -10.62 20.86
CA ALA B 234 1.26 -12.07 21.00
C ALA B 234 2.07 -12.44 22.26
N LEU B 235 3.11 -11.67 22.55
CA LEU B 235 3.93 -11.93 23.72
C LEU B 235 3.13 -11.66 25.00
N ASP B 236 2.37 -10.57 24.99
CA ASP B 236 1.57 -10.18 26.13
C ASP B 236 0.40 -11.16 26.37
N ALA B 237 0.04 -11.91 25.35
CA ALA B 237 -1.00 -12.92 25.47
C ALA B 237 -0.38 -14.26 25.85
N GLY B 238 0.95 -14.33 25.79
CA GLY B 238 1.67 -15.56 26.07
C GLY B 238 1.58 -16.56 24.95
N LYS B 239 1.37 -16.06 23.73
CA LYS B 239 1.10 -16.94 22.60
C LYS B 239 2.16 -16.94 21.48
N LEU B 240 3.36 -16.45 21.78
CA LEU B 240 4.41 -16.55 20.78
C LEU B 240 5.12 -17.88 20.88
N LEU B 241 4.74 -18.82 20.02
CA LEU B 241 5.24 -20.18 20.12
C LEU B 241 6.34 -20.43 19.11
N HIS B 242 6.44 -19.53 18.14
CA HIS B 242 7.39 -19.67 17.03
C HIS B 242 7.39 -18.34 16.29
N ILE B 243 8.49 -18.03 15.63
CA ILE B 243 8.58 -16.81 14.83
C ILE B 243 9.36 -17.00 13.53
N ASP B 244 8.78 -16.48 12.45
CA ASP B 244 9.38 -16.56 11.13
C ASP B 244 10.00 -15.23 10.74
N LEU B 245 11.31 -15.27 10.50
CA LEU B 245 12.13 -14.07 10.36
C LEU B 245 12.58 -13.91 8.92
N ASN B 246 12.38 -12.71 8.38
CA ASN B 246 12.87 -12.36 7.04
C ASN B 246 12.72 -10.86 6.82
N GLY B 247 12.83 -10.43 5.56
CA GLY B 247 12.67 -9.02 5.23
C GLY B 247 11.69 -8.82 4.07
N GLN B 248 11.25 -7.57 3.87
CA GLN B 248 10.13 -7.30 2.94
C GLN B 248 9.98 -5.80 2.74
N ARG B 249 9.80 -5.39 1.49
CA ARG B 249 9.34 -4.03 1.22
C ARG B 249 7.81 -4.04 1.21
N MET B 250 7.20 -3.02 1.81
CA MET B 250 5.76 -2.97 2.00
C MET B 250 4.95 -2.98 0.69
N ASN B 251 3.80 -3.63 0.73
CA ASN B 251 2.74 -3.46 -0.28
C ASN B 251 3.03 -4.03 -1.64
N ARG B 252 3.49 -5.28 -1.65
CA ARG B 252 3.66 -6.01 -2.90
C ARG B 252 3.78 -7.50 -2.59
N PHE B 253 4.00 -8.30 -3.62
CA PHE B 253 4.30 -9.71 -3.45
C PHE B 253 5.25 -10.05 -2.30
N ASP B 254 5.16 -11.28 -1.81
CA ASP B 254 5.98 -11.75 -0.70
C ASP B 254 7.42 -11.98 -1.19
N GLN B 255 8.35 -11.15 -0.73
CA GLN B 255 9.73 -11.24 -1.23
C GLN B 255 10.58 -12.28 -0.50
N ASP B 256 10.32 -12.47 0.79
CA ASP B 256 11.14 -13.33 1.64
C ASP B 256 12.64 -13.02 1.54
N LEU B 257 13.01 -11.76 1.75
CA LEU B 257 14.40 -11.33 1.67
C LEU B 257 15.17 -11.84 2.90
N ARG B 258 16.50 -11.86 2.80
CA ARG B 258 17.38 -12.13 3.93
C ARG B 258 17.00 -11.22 5.10
N PHE B 259 17.11 -11.76 6.31
CA PHE B 259 16.72 -11.01 7.51
C PHE B 259 17.56 -9.76 7.71
N GLY B 260 16.90 -8.65 8.01
CA GLY B 260 17.61 -7.41 8.29
C GLY B 260 18.15 -6.65 7.08
N SER B 261 17.93 -7.18 5.88
CA SER B 261 18.57 -6.63 4.69
C SER B 261 17.93 -5.33 4.19
N GLU B 262 16.68 -5.10 4.59
CA GLU B 262 15.89 -4.00 4.07
C GLU B 262 15.43 -3.02 5.15
N ASN B 263 14.84 -3.55 6.23
CA ASN B 263 14.37 -2.70 7.34
C ASN B 263 15.21 -2.89 8.61
N LEU B 264 16.37 -2.26 8.65
CA LEU B 264 17.34 -2.45 9.73
C LEU B 264 16.78 -2.05 11.08
N LYS B 265 16.09 -0.92 11.12
CA LYS B 265 15.56 -0.37 12.36
C LYS B 265 14.43 -1.23 12.96
N ALA B 266 13.59 -1.80 12.09
CA ALA B 266 12.52 -2.70 12.52
C ALA B 266 13.08 -4.01 13.03
N ALA B 267 14.05 -4.56 12.30
CA ALA B 267 14.74 -5.78 12.71
C ALA B 267 15.46 -5.58 14.05
N PHE B 268 16.00 -4.38 14.26
CA PHE B 268 16.73 -4.02 15.47
C PHE B 268 15.82 -4.13 16.68
N LEU B 269 14.71 -3.40 16.64
CA LEU B 269 13.75 -3.34 17.74
C LEU B 269 12.95 -4.65 17.89
N LEU B 270 12.96 -5.48 16.85
CA LEU B 270 12.34 -6.79 16.94
C LEU B 270 13.24 -7.73 17.72
N VAL B 271 14.51 -7.79 17.32
CA VAL B 271 15.50 -8.59 18.03
C VAL B 271 15.57 -8.14 19.49
N ASP B 272 15.44 -6.84 19.72
CA ASP B 272 15.42 -6.30 21.07
C ASP B 272 14.20 -6.84 21.85
N LEU B 273 13.03 -6.83 21.20
CA LEU B 273 11.79 -7.30 21.84
C LEU B 273 11.89 -8.77 22.21
N LEU B 274 12.31 -9.59 21.26
CA LEU B 274 12.42 -11.02 21.48
C LEU B 274 13.36 -11.37 22.62
N GLU B 275 14.57 -10.82 22.55
CA GLU B 275 15.64 -11.14 23.50
C GLU B 275 15.30 -10.71 24.93
N SER B 276 14.83 -9.48 25.06
CA SER B 276 14.57 -8.92 26.36
C SER B 276 13.25 -9.43 26.95
N SER B 277 12.49 -10.18 26.15
CA SER B 277 11.25 -10.80 26.61
C SER B 277 11.50 -12.20 27.17
N GLY B 278 12.67 -12.74 26.88
CA GLY B 278 12.96 -14.08 27.30
C GLY B 278 12.24 -15.12 26.46
N TYR B 279 11.93 -14.77 25.22
CA TYR B 279 11.40 -15.74 24.27
C TYR B 279 12.42 -16.86 24.05
N GLN B 280 11.94 -18.10 24.08
CA GLN B 280 12.83 -19.26 24.07
C GLN B 280 12.56 -20.22 22.92
N GLY B 281 11.61 -19.88 22.06
CA GLY B 281 11.34 -20.71 20.90
C GLY B 281 12.35 -20.52 19.78
N PRO B 282 12.19 -21.27 18.68
CA PRO B 282 13.05 -21.19 17.51
C PRO B 282 13.06 -19.82 16.85
N ARG B 283 14.22 -19.44 16.32
CA ARG B 283 14.31 -18.30 15.40
C ARG B 283 14.43 -18.85 13.98
N HIS B 284 13.30 -18.92 13.29
CA HIS B 284 13.28 -19.52 11.95
C HIS B 284 13.48 -18.43 10.91
N PHE B 285 14.35 -18.69 9.95
CA PHE B 285 14.49 -17.82 8.79
C PHE B 285 13.70 -18.38 7.62
N ASP B 286 12.46 -17.91 7.47
CA ASP B 286 11.62 -18.28 6.35
C ASP B 286 11.86 -17.31 5.19
N ALA B 287 12.96 -17.57 4.48
CA ALA B 287 13.48 -16.64 3.49
C ALA B 287 14.23 -17.45 2.46
N HIS B 288 14.36 -16.92 1.25
CA HIS B 288 15.20 -17.58 0.27
C HIS B 288 16.24 -16.61 -0.29
N ALA B 289 17.30 -17.16 -0.87
CA ALA B 289 18.30 -16.34 -1.54
C ALA B 289 17.69 -15.63 -2.75
N LEU B 290 18.28 -14.51 -3.17
CA LEU B 290 17.83 -13.79 -4.37
C LEU B 290 17.96 -14.69 -5.60
N ARG B 291 17.09 -14.44 -6.59
CA ARG B 291 17.04 -15.31 -7.79
C ARG B 291 18.28 -15.11 -8.69
N THR B 292 19.10 -14.13 -8.33
CA THR B 292 20.36 -13.86 -9.02
C THR B 292 21.52 -14.72 -8.51
N GLU B 293 21.22 -15.63 -7.57
CA GLU B 293 22.26 -16.36 -6.87
C GLU B 293 22.44 -17.80 -7.35
N ASP B 294 23.68 -18.27 -7.33
CA ASP B 294 23.97 -19.70 -7.44
C ASP B 294 24.07 -20.33 -6.03
N GLU B 295 24.46 -21.59 -5.93
CA GLU B 295 24.45 -22.28 -4.65
C GLU B 295 25.34 -21.63 -3.61
N GLU B 296 26.49 -21.10 -4.04
CA GLU B 296 27.37 -20.34 -3.17
C GLU B 296 26.62 -19.18 -2.54
N GLY B 297 25.82 -18.50 -3.35
CA GLY B 297 25.06 -17.36 -2.87
C GLY B 297 23.99 -17.76 -1.88
N VAL B 298 23.49 -18.99 -1.98
CA VAL B 298 22.52 -19.53 -1.03
C VAL B 298 23.10 -19.63 0.36
N TRP B 299 24.32 -20.16 0.46
CA TRP B 299 24.97 -20.31 1.75
C TRP B 299 25.49 -19.00 2.33
N ALA B 300 25.68 -18.02 1.46
CA ALA B 300 26.03 -16.68 1.93
C ALA B 300 24.78 -16.01 2.46
N PHE B 301 23.63 -16.35 1.87
CA PHE B 301 22.32 -15.91 2.35
C PHE B 301 22.05 -16.50 3.74
N ALA B 302 22.28 -17.80 3.89
CA ALA B 302 22.07 -18.50 5.17
C ALA B 302 22.97 -17.94 6.27
N ARG B 303 24.26 -17.79 5.97
CA ARG B 303 25.21 -17.19 6.90
C ARG B 303 24.85 -15.77 7.28
N GLY B 304 24.30 -15.03 6.32
CA GLY B 304 23.98 -13.64 6.55
C GLY B 304 22.78 -13.39 7.44
N CYS B 305 21.78 -14.24 7.35
CA CYS B 305 20.60 -14.18 8.24
C CYS B 305 21.05 -14.22 9.69
N MET B 306 21.76 -15.27 10.06
CA MET B 306 22.21 -15.50 11.43
C MET B 306 23.19 -14.44 11.94
N ARG B 307 24.15 -14.06 11.10
CA ARG B 307 25.14 -13.06 11.47
C ARG B 307 24.50 -11.71 11.72
N THR B 308 23.54 -11.32 10.87
CA THR B 308 22.83 -10.06 11.05
C THR B 308 22.01 -10.06 12.34
N TYR B 309 21.44 -11.21 12.70
CA TYR B 309 20.68 -11.33 13.94
C TYR B 309 21.60 -11.11 15.14
N LEU B 310 22.76 -11.76 15.12
CA LEU B 310 23.71 -11.64 16.22
C LEU B 310 24.33 -10.26 16.38
N ILE B 311 24.53 -9.55 15.27
CA ILE B 311 25.02 -8.17 15.31
C ILE B 311 24.03 -7.22 15.99
N LEU B 312 22.76 -7.35 15.65
CA LEU B 312 21.70 -6.51 16.21
C LEU B 312 21.46 -6.81 17.68
N LYS B 313 21.54 -8.09 18.03
CA LYS B 313 21.38 -8.51 19.43
C LYS B 313 22.39 -7.81 20.33
N GLU B 314 23.66 -7.90 19.94
CA GLU B 314 24.75 -7.23 20.63
C GLU B 314 24.52 -5.72 20.66
N ARG B 315 24.09 -5.18 19.54
CA ARG B 315 23.86 -3.75 19.44
C ARG B 315 22.74 -3.24 20.32
N ALA B 316 21.62 -3.97 20.35
CA ALA B 316 20.48 -3.58 21.18
C ALA B 316 20.83 -3.65 22.66
N GLU B 317 21.66 -4.64 23.02
CA GLU B 317 22.21 -4.75 24.36
C GLU B 317 23.02 -3.52 24.77
N ALA B 318 23.89 -3.06 23.88
CA ALA B 318 24.70 -1.88 24.17
C ALA B 318 23.88 -0.60 24.22
N PHE B 319 22.89 -0.49 23.33
CA PHE B 319 21.99 0.66 23.32
C PHE B 319 21.29 0.83 24.67
N ARG B 320 20.82 -0.28 25.24
CA ARG B 320 20.06 -0.22 26.49
C ARG B 320 20.91 0.14 27.71
N GLU B 321 22.23 0.01 27.59
CA GLU B 321 23.16 0.29 28.69
C GLU B 321 23.70 1.72 28.67
N ASP B 322 23.44 2.43 27.59
CA ASP B 322 23.89 3.80 27.45
C ASP B 322 23.28 4.73 28.51
N PRO B 323 24.12 5.50 29.21
CA PRO B 323 23.68 6.35 30.33
C PRO B 323 22.64 7.37 29.93
N GLU B 324 22.83 7.98 28.77
CA GLU B 324 21.96 9.03 28.29
C GLU B 324 20.60 8.45 27.92
N VAL B 325 20.62 7.25 27.34
CA VAL B 325 19.40 6.53 27.02
C VAL B 325 18.62 6.18 28.29
N LYS B 326 19.32 5.67 29.30
CA LYS B 326 18.70 5.37 30.58
C LYS B 326 18.14 6.62 31.23
N GLU B 327 18.84 7.73 31.11
CA GLU B 327 18.38 8.98 31.68
C GLU B 327 17.13 9.47 30.96
N LEU B 328 17.08 9.24 29.64
CA LEU B 328 15.94 9.67 28.83
C LEU B 328 14.68 8.84 29.13
N LEU B 329 14.82 7.51 29.19
CA LEU B 329 13.72 6.60 29.52
C LEU B 329 13.18 6.84 30.93
N ALA B 330 14.08 7.20 31.85
CA ALA B 330 13.70 7.45 33.24
C ALA B 330 12.78 8.65 33.36
N ALA B 331 13.10 9.70 32.59
CA ALA B 331 12.38 10.96 32.69
C ALA B 331 10.97 10.88 32.09
N TYR B 332 10.78 9.99 31.13
CA TYR B 332 9.51 10.00 30.46
C TYR B 332 8.61 8.88 30.96
N TYR B 333 9.19 7.86 31.56
CA TYR B 333 8.42 6.93 32.37
C TYR B 333 8.20 7.41 33.81
N GLN B 334 8.71 8.59 34.13
CA GLN B 334 8.37 9.37 35.33
C GLN B 334 6.90 9.23 35.76
N GLU B 335 6.68 8.73 36.97
CA GLU B 335 5.33 8.62 37.52
C GLU B 335 5.17 9.36 38.85
N ASP B 336 4.26 10.33 38.87
CA ASP B 336 3.86 10.99 40.11
C ASP B 336 2.89 10.08 40.89
N PRO B 337 3.22 9.73 42.14
CA PRO B 337 2.41 8.75 42.88
C PRO B 337 1.06 9.33 43.27
N ALA B 338 0.93 10.65 43.29
CA ALA B 338 -0.37 11.30 43.46
C ALA B 338 -1.32 11.06 42.27
N ALA B 339 -0.74 10.76 41.11
CA ALA B 339 -1.51 10.48 39.90
C ALA B 339 -1.95 9.03 39.95
N LEU B 340 -1.06 8.20 40.49
CA LEU B 340 -1.26 6.76 40.51
C LEU B 340 -2.41 6.20 41.37
N PRO B 341 -2.88 6.93 42.39
CA PRO B 341 -3.94 6.40 43.25
C PRO B 341 -5.29 6.84 42.75
N LEU B 342 -5.28 7.61 41.67
CA LEU B 342 -6.46 7.83 40.86
C LEU B 342 -6.61 6.69 39.86
N MET B 343 -5.60 5.83 39.82
CA MET B 343 -5.47 4.79 38.80
C MET B 343 -5.82 3.43 39.32
N ASP B 344 -5.75 2.45 38.42
CA ASP B 344 -5.82 1.03 38.76
C ASP B 344 -7.26 0.68 39.21
N PRO B 345 -7.49 -0.38 40.03
CA PRO B 345 -8.83 -0.99 39.95
C PRO B 345 -9.97 -0.13 40.51
N TYR B 346 -11.18 -0.35 40.00
CA TYR B 346 -12.30 0.56 40.30
C TYR B 346 -12.70 0.58 41.77
N SER B 347 -13.05 1.76 42.25
CA SER B 347 -13.77 1.91 43.50
C SER B 347 -14.61 3.17 43.39
N HIS B 348 -15.80 3.15 43.99
CA HIS B 348 -16.71 4.27 43.96
C HIS B 348 -16.04 5.59 44.35
N GLU B 349 -15.14 5.54 45.35
CA GLU B 349 -14.51 6.77 45.85
C GLU B 349 -13.28 7.18 45.04
N LYS B 350 -12.70 6.21 44.32
CA LYS B 350 -11.65 6.49 43.34
C LYS B 350 -12.21 7.27 42.15
N ALA B 351 -13.40 6.90 41.71
CA ALA B 351 -14.10 7.62 40.66
C ALA B 351 -14.44 9.04 41.13
N GLU B 352 -14.84 9.18 42.39
CA GLU B 352 -15.25 10.47 42.89
C GLU B 352 -14.03 11.35 43.10
N ALA B 353 -12.93 10.73 43.52
CA ALA B 353 -11.68 11.44 43.74
C ALA B 353 -11.15 11.98 42.40
N LEU B 354 -11.24 11.13 41.39
CA LEU B 354 -10.82 11.45 40.04
C LEU B 354 -11.59 12.63 39.47
N LYS B 355 -12.91 12.61 39.66
CA LYS B 355 -13.77 13.63 39.05
C LYS B 355 -13.65 14.98 39.77
N ARG B 356 -13.08 14.95 40.98
CA ARG B 356 -12.89 16.18 41.75
C ARG B 356 -11.42 16.60 41.73
N ALA B 357 -10.55 15.72 41.24
CA ALA B 357 -9.11 15.97 41.18
C ALA B 357 -8.78 17.17 40.30
N GLU B 358 -7.85 18.00 40.76
CA GLU B 358 -7.39 19.17 40.02
C GLU B 358 -6.14 18.78 39.25
N LEU B 359 -6.31 18.56 37.95
CA LEU B 359 -5.24 18.02 37.11
C LEU B 359 -4.34 19.11 36.55
N PRO B 360 -3.04 18.82 36.43
CA PRO B 360 -2.01 19.76 35.98
C PRO B 360 -1.92 19.81 34.46
N LEU B 361 -2.96 20.35 33.82
CA LEU B 361 -3.14 20.18 32.40
C LEU B 361 -2.22 21.03 31.57
N GLU B 362 -2.03 22.29 31.94
CA GLU B 362 -1.18 23.17 31.16
C GLU B 362 0.26 22.70 31.19
N ALA B 363 0.66 22.14 32.33
CA ALA B 363 1.98 21.57 32.47
C ALA B 363 2.18 20.38 31.55
N LYS B 364 1.12 19.61 31.31
CA LYS B 364 1.18 18.40 30.47
C LYS B 364 0.95 18.74 29.00
N ARG B 365 0.42 19.93 28.75
CA ARG B 365 0.20 20.43 27.41
C ARG B 365 1.54 20.88 26.79
N HIS B 366 2.30 21.63 27.57
CA HIS B 366 3.64 22.09 27.20
C HIS B 366 4.73 21.00 27.12
N ARG B 367 4.45 19.80 27.60
CA ARG B 367 5.46 18.80 27.90
C ARG B 367 5.97 18.22 26.60
N GLY B 368 7.29 18.26 26.42
CA GLY B 368 7.92 17.51 25.34
C GLY B 368 8.50 16.21 25.88
N TYR B 369 8.46 15.16 25.08
CA TYR B 369 8.82 13.85 25.56
C TYR B 369 10.21 13.40 25.11
N ALA B 370 10.88 14.28 24.36
CA ALA B 370 12.26 14.10 23.91
C ALA B 370 12.51 12.83 23.12
N LEU B 371 11.57 12.48 22.25
CA LEU B 371 11.65 11.24 21.48
C LEU B 371 12.44 11.42 20.17
N GLU B 372 12.68 12.67 19.82
CA GLU B 372 13.49 12.98 18.66
C GLU B 372 14.95 12.71 19.02
N ARG B 373 15.36 13.13 20.21
CA ARG B 373 16.70 12.82 20.72
C ARG B 373 16.89 11.35 20.96
N LEU B 374 15.89 10.70 21.55
CA LEU B 374 15.98 9.27 21.79
C LEU B 374 16.09 8.51 20.47
N ASP B 375 15.29 8.92 19.48
CA ASP B 375 15.27 8.25 18.18
C ASP B 375 16.57 8.47 17.39
N GLN B 376 17.15 9.65 17.51
CA GLN B 376 18.48 9.92 16.91
C GLN B 376 19.59 9.08 17.59
N LEU B 377 19.54 8.96 18.93
CA LEU B 377 20.45 8.08 19.64
C LEU B 377 20.42 6.65 19.15
N ALA B 378 19.22 6.11 18.93
CA ALA B 378 19.10 4.73 18.45
C ALA B 378 19.61 4.57 17.03
N VAL B 379 19.40 5.59 16.20
CA VAL B 379 19.91 5.53 14.84
C VAL B 379 21.44 5.57 14.83
N GLU B 380 22.02 6.42 15.66
CA GLU B 380 23.47 6.48 15.80
C GLU B 380 24.10 5.23 16.38
N TYR B 381 23.38 4.51 17.26
CA TYR B 381 23.81 3.19 17.72
C TYR B 381 23.73 2.16 16.61
N LEU B 382 22.61 2.18 15.89
CA LEU B 382 22.42 1.30 14.74
C LEU B 382 23.56 1.46 13.74
N LEU B 383 23.95 2.72 13.50
CA LEU B 383 25.01 3.08 12.57
C LEU B 383 26.41 2.82 13.15
N GLY B 384 26.46 2.46 14.44
CA GLY B 384 27.72 2.04 15.02
C GLY B 384 28.59 3.22 15.33
N VAL B 385 27.99 4.40 15.29
CA VAL B 385 28.67 5.65 15.58
C VAL B 385 28.80 5.80 17.10
N ARG B 386 28.15 4.90 17.82
CA ARG B 386 28.09 5.00 19.27
C ARG B 386 28.33 3.66 19.95
N GLY B 387 28.00 2.60 19.22
CA GLY B 387 28.08 1.24 19.76
C GLY B 387 29.40 0.89 20.40
N MET C 1 32.06 15.63 15.25
CA MET C 1 32.93 15.28 14.08
C MET C 1 32.10 15.04 12.83
N TYR C 2 30.80 15.32 12.95
CA TYR C 2 29.89 15.30 11.82
C TYR C 2 29.15 16.64 11.80
N GLU C 3 29.93 17.72 11.72
CA GLU C 3 29.39 19.07 11.88
C GLU C 3 29.14 19.75 10.54
N PRO C 4 27.92 20.29 10.36
CA PRO C 4 27.50 20.92 9.11
C PRO C 4 28.31 22.17 8.73
N LYS C 5 28.73 22.20 7.47
CA LYS C 5 29.43 23.34 6.91
C LYS C 5 28.63 23.85 5.70
N PRO C 6 28.87 25.11 5.30
CA PRO C 6 28.01 25.71 4.26
C PRO C 6 28.16 25.00 2.92
N GLU C 7 29.30 24.37 2.70
CA GLU C 7 29.53 23.62 1.47
C GLU C 7 28.63 22.40 1.41
N HIS C 8 27.99 22.07 2.53
CA HIS C 8 27.02 20.97 2.57
C HIS C 8 25.65 21.38 2.02
N ARG C 9 25.34 22.66 2.10
CA ARG C 9 24.15 23.22 1.45
C ARG C 9 22.87 22.65 2.06
N PHE C 10 22.86 22.54 3.39
CA PHE C 10 21.70 22.07 4.13
C PHE C 10 20.75 23.21 4.30
N THR C 11 19.51 23.08 3.81
CA THR C 11 18.53 24.14 4.00
C THR C 11 17.31 23.64 4.74
N PHE C 12 16.60 24.55 5.40
CA PHE C 12 15.34 24.23 6.07
C PHE C 12 14.29 25.25 5.64
N GLY C 13 13.13 24.75 5.19
CA GLY C 13 12.00 25.64 4.98
C GLY C 13 11.56 26.25 6.30
N LEU C 14 11.03 27.47 6.24
CA LEU C 14 10.53 28.13 7.45
C LEU C 14 9.43 27.30 8.11
N TRP C 15 8.72 26.53 7.30
CA TRP C 15 7.56 25.77 7.72
C TRP C 15 7.93 24.42 8.32
N THR C 16 9.20 24.02 8.19
CA THR C 16 9.66 22.72 8.70
C THR C 16 9.88 22.78 10.21
N VAL C 17 10.87 23.58 10.63
CA VAL C 17 11.14 23.78 12.04
C VAL C 17 10.07 24.63 12.68
N GLY C 18 9.32 25.35 11.85
CA GLY C 18 8.28 26.24 12.38
C GLY C 18 6.92 25.58 12.58
N ASN C 19 6.81 24.30 12.21
CA ASN C 19 5.57 23.53 12.32
C ASN C 19 5.03 23.49 13.75
N VAL C 20 3.80 23.95 13.93
CA VAL C 20 3.19 24.02 15.26
C VAL C 20 2.57 22.71 15.74
N GLY C 21 2.65 21.66 14.92
CA GLY C 21 2.27 20.33 15.38
C GLY C 21 0.78 20.09 15.41
N ARG C 22 0.01 20.90 14.67
CA ARG C 22 -1.41 20.64 14.45
C ARG C 22 -1.51 19.48 13.45
N ASP C 23 -2.48 18.58 13.63
CA ASP C 23 -2.78 17.58 12.61
C ASP C 23 -4.27 17.36 12.48
N PRO C 24 -4.71 16.49 11.56
CA PRO C 24 -6.14 16.51 11.27
C PRO C 24 -7.01 16.11 12.46
N PHE C 25 -6.39 15.52 13.49
CA PHE C 25 -7.11 15.12 14.68
C PHE C 25 -6.61 15.80 15.95
N GLY C 26 -5.80 16.84 15.81
CA GLY C 26 -5.19 17.42 17.00
C GLY C 26 -4.88 18.90 16.89
N ASP C 27 -4.89 19.58 18.03
CA ASP C 27 -4.53 20.99 18.11
C ASP C 27 -3.04 21.18 17.94
N ALA C 28 -2.61 22.44 17.88
CA ALA C 28 -1.20 22.77 17.86
C ALA C 28 -0.56 22.48 19.24
N VAL C 29 0.62 21.87 19.22
CA VAL C 29 1.32 21.55 20.46
C VAL C 29 2.45 22.52 20.73
N ARG C 30 2.70 23.43 19.77
CA ARG C 30 3.82 24.36 19.88
C ARG C 30 3.43 25.79 19.55
N GLU C 31 4.27 26.72 19.99
CA GLU C 31 4.11 28.12 19.63
C GLU C 31 4.62 28.41 18.22
N ARG C 32 3.98 29.36 17.56
CA ARG C 32 4.46 29.89 16.28
C ARG C 32 5.78 30.64 16.53
N LEU C 33 6.83 30.24 15.79
CA LEU C 33 8.15 30.89 15.88
C LEU C 33 8.28 32.08 14.93
N ASP C 34 8.88 33.16 15.41
CA ASP C 34 9.14 34.33 14.58
C ASP C 34 10.24 34.04 13.55
N PRO C 35 10.01 34.40 12.27
CA PRO C 35 10.93 34.10 11.17
C PRO C 35 12.36 34.59 11.39
N VAL C 36 12.50 35.75 12.03
CA VAL C 36 13.81 36.28 12.38
C VAL C 36 14.47 35.39 13.43
N TYR C 37 13.66 34.87 14.34
CA TYR C 37 14.16 33.97 15.38
C TYR C 37 14.73 32.70 14.75
N VAL C 38 14.05 32.16 13.75
CA VAL C 38 14.46 30.86 13.21
C VAL C 38 15.65 30.99 12.26
N GLY C 39 15.83 32.18 11.69
CA GLY C 39 17.03 32.46 10.92
C GLY C 39 18.29 32.44 11.78
N HIS C 40 18.20 33.02 12.98
CA HIS C 40 19.31 33.00 13.92
C HIS C 40 19.63 31.62 14.46
N LYS C 41 18.59 30.80 14.67
CA LYS C 41 18.78 29.44 15.19
C LYS C 41 19.40 28.52 14.15
N LEU C 42 18.93 28.63 12.92
CA LEU C 42 19.43 27.77 11.85
C LEU C 42 20.86 28.13 11.50
N ALA C 43 21.18 29.40 11.66
CA ALA C 43 22.55 29.89 11.50
C ALA C 43 23.47 29.26 12.55
N GLU C 44 23.02 29.24 13.80
CA GLU C 44 23.72 28.55 14.89
C GLU C 44 23.98 27.07 14.59
N LEU C 45 22.99 26.41 14.00
CA LEU C 45 23.07 24.98 13.73
C LEU C 45 23.98 24.63 12.55
N GLY C 46 24.25 25.60 11.68
CA GLY C 46 25.16 25.36 10.58
C GLY C 46 24.46 25.17 9.25
N VAL C 47 23.30 25.80 9.11
CA VAL C 47 22.52 25.68 7.89
C VAL C 47 23.00 26.67 6.84
N HIS C 48 23.11 26.24 5.59
CA HIS C 48 23.45 27.13 4.47
C HIS C 48 22.34 28.15 4.25
N GLY C 49 21.08 27.73 4.33
CA GLY C 49 19.98 28.60 3.99
C GLY C 49 18.60 28.24 4.51
N VAL C 50 17.64 29.12 4.25
CA VAL C 50 16.25 28.94 4.66
C VAL C 50 15.32 29.21 3.47
N ASN C 51 14.34 28.32 3.26
CA ASN C 51 13.33 28.52 2.22
C ASN C 51 12.02 29.05 2.81
N LEU C 52 11.12 29.51 1.95
CA LEU C 52 9.83 30.01 2.42
C LEU C 52 8.73 30.00 1.35
N HIS C 53 7.49 29.87 1.79
CA HIS C 53 6.32 30.23 0.99
C HIS C 53 6.07 31.70 1.25
N ASP C 54 5.40 32.36 0.30
CA ASP C 54 4.97 33.73 0.50
C ASP C 54 4.24 33.93 1.84
N GLU C 55 3.34 33.00 2.14
CA GLU C 55 2.55 33.11 3.36
C GLU C 55 3.28 32.72 4.64
N ASP C 56 4.41 32.03 4.52
CA ASP C 56 5.29 31.84 5.67
C ASP C 56 5.82 33.17 6.19
N LEU C 57 6.13 34.09 5.29
CA LEU C 57 6.70 35.39 5.68
C LEU C 57 5.62 36.47 5.81
N ILE C 58 4.75 36.54 4.80
CA ILE C 58 3.71 37.58 4.77
C ILE C 58 2.35 36.89 4.71
N PRO C 59 1.66 36.82 5.84
CA PRO C 59 0.35 36.17 5.91
C PRO C 59 -0.66 36.90 5.04
N ARG C 60 -1.60 36.12 4.50
CA ARG C 60 -2.61 36.65 3.60
C ARG C 60 -3.33 37.84 4.23
N GLY C 61 -3.45 38.91 3.45
CA GLY C 61 -4.11 40.12 3.92
C GLY C 61 -3.24 40.97 4.81
N THR C 62 -1.99 41.18 4.40
CA THR C 62 -1.11 42.13 5.06
C THR C 62 -0.94 43.33 4.13
N PRO C 63 -1.31 44.53 4.60
CA PRO C 63 -1.12 45.80 3.87
C PRO C 63 0.34 46.01 3.47
N PRO C 64 0.57 46.55 2.26
CA PRO C 64 1.90 46.60 1.62
C PRO C 64 2.93 47.36 2.45
N GLN C 65 2.43 48.32 3.23
CA GLN C 65 3.26 49.08 4.17
C GLN C 65 3.85 48.13 5.18
N GLU C 66 2.99 47.32 5.79
CA GLU C 66 3.44 46.32 6.77
C GLU C 66 4.20 45.17 6.12
N ARG C 67 3.82 44.85 4.88
CA ARG C 67 4.53 43.85 4.08
C ARG C 67 6.00 44.21 3.97
N ASP C 68 6.30 45.51 3.96
CA ASP C 68 7.65 45.97 3.67
C ASP C 68 8.56 46.08 4.90
N GLN C 69 7.97 46.38 6.05
CA GLN C 69 8.70 46.33 7.32
C GLN C 69 9.12 44.89 7.59
N ILE C 70 8.24 43.95 7.26
CA ILE C 70 8.49 42.52 7.49
C ILE C 70 9.68 42.08 6.67
N VAL C 71 9.62 42.33 5.36
CA VAL C 71 10.69 41.95 4.45
C VAL C 71 12.01 42.68 4.78
N ARG C 72 11.89 43.92 5.25
CA ARG C 72 13.06 44.69 5.66
C ARG C 72 13.78 43.99 6.81
N ARG C 73 13.02 43.67 7.87
CA ARG C 73 13.59 43.09 9.08
C ARG C 73 14.08 41.65 8.89
N PHE C 74 13.51 40.94 7.92
CA PHE C 74 13.97 39.61 7.56
C PHE C 74 15.32 39.67 6.83
N LYS C 75 15.46 40.62 5.91
CA LYS C 75 16.70 40.78 5.15
C LYS C 75 17.89 41.17 6.04
N ARG C 76 17.63 41.99 7.04
CA ARG C 76 18.65 42.36 8.02
C ARG C 76 19.19 41.12 8.74
N ALA C 77 18.27 40.24 9.13
CA ALA C 77 18.61 39.02 9.82
C ALA C 77 19.47 38.13 8.94
N LEU C 78 19.08 38.02 7.67
CA LEU C 78 19.86 37.25 6.71
C LEU C 78 21.25 37.87 6.56
N ASP C 79 21.31 39.20 6.59
CA ASP C 79 22.57 39.91 6.46
C ASP C 79 23.46 39.65 7.69
N GLU C 80 22.88 39.82 8.88
CA GLU C 80 23.56 39.53 10.13
C GLU C 80 24.13 38.13 10.17
N THR C 81 23.38 37.15 9.64
CA THR C 81 23.71 35.74 9.80
C THR C 81 24.47 35.13 8.63
N GLY C 82 24.34 35.72 7.45
CA GLY C 82 24.94 35.15 6.25
C GLY C 82 24.17 33.99 5.66
N LEU C 83 22.97 33.75 6.16
CA LEU C 83 22.07 32.75 5.57
C LEU C 83 21.57 33.17 4.18
N LYS C 84 21.49 32.20 3.27
CA LYS C 84 20.87 32.40 1.98
C LYS C 84 19.39 32.03 2.01
N VAL C 85 18.66 32.46 0.99
CA VAL C 85 17.31 31.96 0.70
C VAL C 85 17.33 31.34 -0.69
N PRO C 86 17.76 30.09 -0.81
CA PRO C 86 17.95 29.45 -2.12
C PRO C 86 16.66 29.26 -2.89
N MET C 87 15.56 29.02 -2.19
CA MET C 87 14.32 28.56 -2.82
C MET C 87 13.09 29.21 -2.21
N VAL C 88 12.20 29.68 -3.09
CA VAL C 88 10.86 30.13 -2.72
C VAL C 88 9.79 29.40 -3.52
N THR C 89 8.55 29.50 -3.06
CA THR C 89 7.43 28.80 -3.69
C THR C 89 6.12 29.39 -3.20
N GLY C 90 5.21 29.66 -4.15
CA GLY C 90 3.91 30.22 -3.81
C GLY C 90 3.04 29.18 -3.13
N ASN C 91 2.45 29.56 -1.99
CA ASN C 91 1.45 28.71 -1.33
C ASN C 91 0.18 28.70 -2.17
N LEU C 92 -0.03 27.61 -2.89
CA LEU C 92 -1.24 27.42 -3.67
C LEU C 92 -2.13 26.27 -3.14
N PHE C 93 -2.18 26.12 -1.81
CA PHE C 93 -2.96 25.03 -1.21
C PHE C 93 -3.85 25.46 -0.05
N SER C 94 -3.55 26.57 0.61
CA SER C 94 -4.22 26.93 1.86
C SER C 94 -5.51 27.70 1.66
N ASP C 95 -5.45 28.77 0.88
CA ASP C 95 -6.63 29.55 0.55
C ASP C 95 -7.78 28.66 0.10
N PRO C 96 -8.98 28.84 0.69
CA PRO C 96 -10.18 28.09 0.27
C PRO C 96 -10.54 28.30 -1.20
N GLY C 97 -10.07 29.41 -1.78
CA GLY C 97 -10.18 29.64 -3.20
C GLY C 97 -9.66 28.47 -4.01
N PHE C 98 -8.69 27.76 -3.45
CA PHE C 98 -8.03 26.68 -4.19
C PHE C 98 -8.64 25.29 -3.92
N LYS C 99 -9.89 25.28 -3.42
CA LYS C 99 -10.51 24.04 -2.96
C LYS C 99 -10.64 22.96 -4.03
N ASP C 100 -10.78 23.37 -5.28
CA ASP C 100 -10.75 22.39 -6.39
C ASP C 100 -9.66 22.76 -7.43
N GLY C 101 -8.48 23.15 -6.93
CA GLY C 101 -7.33 23.36 -7.79
C GLY C 101 -6.80 24.77 -7.76
N GLY C 102 -5.50 24.92 -7.99
CA GLY C 102 -4.91 26.23 -8.22
C GLY C 102 -4.90 26.47 -9.73
N PHE C 103 -3.91 25.89 -10.40
CA PHE C 103 -3.80 25.99 -11.86
C PHE C 103 -4.86 25.16 -12.55
N THR C 104 -5.38 24.14 -11.86
CA THR C 104 -6.32 23.24 -12.49
C THR C 104 -7.75 23.47 -11.98
N SER C 105 -8.00 24.61 -11.35
CA SER C 105 -9.36 25.02 -11.04
C SER C 105 -10.13 25.30 -12.32
N ARG C 106 -11.40 24.94 -12.34
CA ARG C 106 -12.21 25.04 -13.54
C ARG C 106 -12.64 26.50 -13.74
N ASP C 107 -12.55 27.26 -12.66
CA ASP C 107 -12.91 28.67 -12.67
C ASP C 107 -11.70 29.51 -13.09
N PRO C 108 -11.81 30.24 -14.22
CA PRO C 108 -10.68 31.03 -14.72
C PRO C 108 -10.24 32.15 -13.78
N TRP C 109 -11.13 32.62 -12.91
CA TRP C 109 -10.78 33.61 -11.90
C TRP C 109 -9.81 33.03 -10.87
N VAL C 110 -9.96 31.74 -10.59
CA VAL C 110 -9.15 31.08 -9.59
C VAL C 110 -7.79 30.73 -10.18
N ARG C 111 -7.77 30.34 -11.46
CA ARG C 111 -6.51 30.09 -12.16
C ARG C 111 -5.67 31.39 -12.31
N ALA C 112 -6.37 32.51 -12.49
CA ALA C 112 -5.77 33.85 -12.49
C ALA C 112 -5.17 34.18 -11.14
N TYR C 113 -5.94 33.92 -10.09
CA TYR C 113 -5.49 34.13 -8.73
C TYR C 113 -4.22 33.32 -8.46
N ALA C 114 -4.23 32.04 -8.83
CA ALA C 114 -3.10 31.15 -8.59
C ALA C 114 -1.87 31.72 -9.26
N PHE C 115 -2.13 32.23 -10.47
CA PHE C 115 -1.13 32.87 -11.30
C PHE C 115 -0.44 34.05 -10.66
N ARG C 116 -1.25 35.06 -10.37
CA ARG C 116 -0.79 36.29 -9.77
C ARG C 116 -0.07 36.03 -8.46
N LYS C 117 -0.55 35.05 -7.70
CA LYS C 117 0.08 34.66 -6.43
C LYS C 117 1.49 34.14 -6.67
N SER C 118 1.66 33.42 -7.78
CA SER C 118 2.97 32.92 -8.20
C SER C 118 3.91 34.06 -8.62
N LEU C 119 3.42 35.01 -9.42
CA LEU C 119 4.26 36.10 -9.93
C LEU C 119 4.79 36.93 -8.78
N GLU C 120 3.93 37.12 -7.78
CA GLU C 120 4.25 37.94 -6.61
C GLU C 120 5.26 37.27 -5.67
N THR C 121 5.28 35.95 -5.70
CA THR C 121 6.24 35.20 -4.89
C THR C 121 7.58 35.15 -5.62
N MET C 122 7.53 35.16 -6.96
CA MET C 122 8.73 35.30 -7.77
C MET C 122 9.42 36.64 -7.52
N ASP C 123 8.61 37.67 -7.30
CA ASP C 123 9.14 39.00 -7.04
C ASP C 123 9.78 39.09 -5.67
N LEU C 124 9.10 38.54 -4.66
CA LEU C 124 9.66 38.46 -3.30
C LEU C 124 10.94 37.63 -3.32
N GLY C 125 10.96 36.56 -4.12
CA GLY C 125 12.12 35.70 -4.15
C GLY C 125 13.36 36.42 -4.63
N ALA C 126 13.16 37.24 -5.67
CA ALA C 126 14.25 37.98 -6.29
C ALA C 126 14.77 39.05 -5.35
N GLU C 127 13.85 39.66 -4.62
CA GLU C 127 14.15 40.64 -3.57
C GLU C 127 15.00 40.03 -2.44
N LEU C 128 15.07 38.69 -2.39
CA LEU C 128 15.74 37.98 -1.31
C LEU C 128 16.92 37.13 -1.80
N GLY C 129 17.13 37.07 -3.11
CA GLY C 129 18.29 36.37 -3.62
C GLY C 129 17.99 34.95 -4.06
N ALA C 130 16.70 34.59 -4.12
CA ALA C 130 16.33 33.23 -4.48
C ALA C 130 16.68 32.86 -5.90
N GLU C 131 17.08 31.61 -6.11
CA GLU C 131 17.56 31.13 -7.40
C GLU C 131 16.69 30.00 -7.95
N ILE C 132 15.99 29.32 -7.06
CA ILE C 132 15.13 28.19 -7.43
C ILE C 132 13.70 28.50 -7.03
N TYR C 133 12.79 28.31 -7.97
CA TYR C 133 11.36 28.44 -7.71
C TYR C 133 10.69 27.08 -7.81
N VAL C 134 10.01 26.67 -6.74
CA VAL C 134 9.42 25.33 -6.66
C VAL C 134 7.93 25.40 -6.87
N VAL C 135 7.42 24.45 -7.64
CA VAL C 135 5.98 24.31 -7.84
C VAL C 135 5.50 22.97 -7.27
N TRP C 136 4.78 23.05 -6.15
CA TRP C 136 4.12 21.86 -5.62
C TRP C 136 2.61 21.92 -5.89
N PRO C 137 2.12 21.02 -6.71
CA PRO C 137 0.74 21.00 -7.18
C PRO C 137 -0.20 20.25 -6.21
N GLY C 138 -0.21 20.68 -4.94
CA GLY C 138 -0.85 19.90 -3.89
C GLY C 138 -2.36 19.80 -4.05
N ARG C 139 -2.93 20.85 -4.63
CA ARG C 139 -4.37 20.97 -4.78
C ARG C 139 -4.82 20.55 -6.19
N GLU C 140 -3.87 20.11 -7.00
CA GLU C 140 -4.16 19.75 -8.38
C GLU C 140 -4.41 18.26 -8.51
N GLY C 141 -5.62 17.86 -8.14
CA GLY C 141 -6.02 16.47 -8.28
C GLY C 141 -7.53 16.36 -8.26
N ALA C 142 -8.04 15.14 -8.13
CA ALA C 142 -9.47 14.91 -8.13
C ALA C 142 -9.86 13.79 -7.18
N GLU C 143 -11.12 13.84 -6.75
CA GLU C 143 -11.76 12.66 -6.15
C GLU C 143 -13.01 12.33 -6.94
N VAL C 144 -13.43 13.26 -7.80
CA VAL C 144 -14.57 13.03 -8.69
C VAL C 144 -14.20 13.14 -10.17
N GLU C 145 -14.15 12.00 -10.83
CA GLU C 145 -13.66 11.86 -12.18
C GLU C 145 -14.78 12.14 -13.19
N ALA C 146 -16.01 12.26 -12.69
CA ALA C 146 -17.20 12.39 -13.54
C ALA C 146 -17.18 13.70 -14.32
N THR C 147 -16.34 14.62 -13.85
CA THR C 147 -16.18 15.93 -14.44
C THR C 147 -15.46 15.91 -15.79
N GLY C 148 -14.65 14.88 -15.99
CA GLY C 148 -13.81 14.81 -17.17
C GLY C 148 -12.65 15.78 -17.17
N LYS C 149 -12.36 16.40 -16.04
CA LYS C 149 -11.30 17.40 -15.94
C LYS C 149 -9.91 16.88 -16.21
N ALA C 150 -9.71 15.56 -16.10
CA ALA C 150 -8.41 14.96 -16.33
C ALA C 150 -7.92 15.18 -17.75
N ARG C 151 -8.85 15.44 -18.67
CA ARG C 151 -8.52 15.68 -20.07
C ARG C 151 -7.93 17.07 -20.27
N LYS C 152 -8.28 17.98 -19.36
CA LYS C 152 -8.03 19.41 -19.53
C LYS C 152 -6.81 19.95 -18.79
N VAL C 153 -6.39 19.27 -17.73
CA VAL C 153 -5.48 19.88 -16.76
C VAL C 153 -4.05 20.07 -17.30
N TRP C 154 -3.69 19.29 -18.31
CA TRP C 154 -2.36 19.32 -18.92
C TRP C 154 -2.11 20.65 -19.63
N ASP C 155 -3.05 21.10 -20.44
CA ASP C 155 -2.96 22.41 -21.06
C ASP C 155 -2.99 23.53 -20.04
N TRP C 156 -3.82 23.37 -19.02
CA TRP C 156 -4.01 24.41 -18.03
C TRP C 156 -2.73 24.70 -17.27
N VAL C 157 -1.89 23.69 -17.04
CA VAL C 157 -0.65 23.90 -16.27
C VAL C 157 0.51 24.28 -17.18
N ARG C 158 0.50 23.79 -18.42
CA ARG C 158 1.41 24.25 -19.47
C ARG C 158 1.36 25.78 -19.57
N GLU C 159 0.13 26.29 -19.56
CA GLU C 159 -0.16 27.70 -19.76
C GLU C 159 0.46 28.66 -18.73
N PRO C 160 0.37 28.34 -17.43
CA PRO C 160 0.96 29.21 -16.41
C PRO C 160 2.43 28.95 -16.24
N LEU C 161 2.85 27.69 -16.38
CA LEU C 161 4.26 27.37 -16.28
C LEU C 161 5.01 28.15 -17.38
N ASN C 162 4.47 28.08 -18.60
CA ASN C 162 4.97 28.86 -19.72
C ASN C 162 4.87 30.36 -19.46
N PHE C 163 3.77 30.79 -18.88
CA PHE C 163 3.62 32.21 -18.56
C PHE C 163 4.58 32.64 -17.46
N MET C 164 4.82 31.76 -16.51
CA MET C 164 5.74 32.06 -15.40
C MET C 164 7.19 32.19 -15.89
N ALA C 165 7.62 31.27 -16.74
CA ALA C 165 8.95 31.29 -17.30
C ALA C 165 9.22 32.52 -18.18
N ALA C 166 8.17 33.00 -18.86
CA ALA C 166 8.29 34.15 -19.75
C ALA C 166 8.35 35.44 -18.93
N TYR C 167 7.53 35.51 -17.89
CA TYR C 167 7.58 36.64 -16.97
C TYR C 167 8.96 36.77 -16.32
N ALA C 168 9.58 35.63 -15.99
CA ALA C 168 10.85 35.63 -15.29
C ALA C 168 11.94 36.16 -16.20
N GLU C 169 11.96 35.68 -17.44
CA GLU C 169 12.98 36.11 -18.39
C GLU C 169 12.76 37.55 -18.83
N ASP C 170 11.51 38.00 -18.77
CA ASP C 170 11.15 39.38 -19.06
C ASP C 170 11.67 40.30 -17.96
N GLN C 171 11.62 39.82 -16.72
CA GLN C 171 12.02 40.64 -15.58
C GLN C 171 13.51 40.50 -15.30
N GLY C 172 14.16 39.59 -16.01
CA GLY C 172 15.57 39.34 -15.78
C GLY C 172 15.85 38.64 -14.47
N TYR C 173 14.88 37.86 -14.00
CA TYR C 173 15.09 36.92 -12.88
C TYR C 173 15.87 35.71 -13.39
N GLY C 174 16.66 35.11 -12.51
CA GLY C 174 17.45 33.96 -12.92
C GLY C 174 16.90 32.60 -12.49
N TYR C 175 15.60 32.52 -12.24
CA TYR C 175 14.98 31.32 -11.67
C TYR C 175 15.16 30.13 -12.58
N ARG C 176 15.57 29.03 -11.98
CA ARG C 176 15.27 27.72 -12.55
C ARG C 176 13.98 27.26 -11.86
N PHE C 177 13.12 26.58 -12.60
CA PHE C 177 11.85 26.12 -12.04
C PHE C 177 11.88 24.64 -11.69
N ALA C 178 11.59 24.33 -10.43
CA ALA C 178 11.64 22.94 -9.95
C ALA C 178 10.25 22.39 -9.60
N LEU C 179 9.85 21.32 -10.28
CA LEU C 179 8.51 20.78 -10.14
C LEU C 179 8.50 19.60 -9.19
N GLU C 180 7.58 19.65 -8.23
CA GLU C 180 7.54 18.65 -7.16
C GLU C 180 6.30 17.77 -7.22
N PRO C 181 6.47 16.51 -7.65
CA PRO C 181 5.36 15.55 -7.69
C PRO C 181 4.98 15.00 -6.31
N LYS C 182 3.72 14.60 -6.18
CA LYS C 182 3.23 13.88 -5.00
C LYS C 182 2.03 13.04 -5.44
N PRO C 183 1.97 11.76 -5.02
CA PRO C 183 0.93 10.87 -5.55
C PRO C 183 -0.49 11.16 -5.03
N ASN C 184 -0.60 11.64 -3.78
CA ASN C 184 -1.88 12.04 -3.25
C ASN C 184 -1.68 12.93 -2.04
N GLU C 185 -2.80 13.38 -1.46
CA GLU C 185 -2.82 14.20 -0.27
C GLU C 185 -2.22 15.58 -0.49
N PRO C 186 -3.04 16.64 -0.34
CA PRO C 186 -4.39 16.62 0.25
C PRO C 186 -5.54 16.10 -0.63
N ARG C 187 -5.26 15.80 -1.89
CA ARG C 187 -6.27 15.29 -2.81
C ARG C 187 -6.24 13.77 -2.84
N GLY C 188 -7.38 13.16 -3.12
CA GLY C 188 -7.45 11.70 -3.17
C GLY C 188 -6.41 11.13 -4.10
N ASP C 189 -6.25 11.79 -5.24
CA ASP C 189 -5.12 11.58 -6.15
C ASP C 189 -4.70 12.93 -6.72
N ILE C 190 -3.40 13.14 -6.84
CA ILE C 190 -2.85 14.34 -7.50
C ILE C 190 -2.40 13.96 -8.92
N TYR C 191 -2.74 14.79 -9.90
CA TYR C 191 -2.49 14.45 -11.32
C TYR C 191 -1.01 14.22 -11.65
N PHE C 192 -0.17 15.10 -11.14
CA PHE C 192 1.26 15.01 -11.33
C PHE C 192 1.87 14.20 -10.17
N ALA C 193 1.76 12.87 -10.30
CA ALA C 193 1.90 11.96 -9.15
C ALA C 193 3.31 11.41 -8.96
N THR C 194 4.08 11.38 -10.04
CA THR C 194 5.37 10.73 -10.05
C THR C 194 6.47 11.62 -10.61
N VAL C 195 7.71 11.22 -10.38
CA VAL C 195 8.86 11.87 -10.99
C VAL C 195 8.76 11.80 -12.51
N GLY C 196 8.43 10.63 -13.02
CA GLY C 196 8.29 10.46 -14.46
C GLY C 196 7.21 11.34 -15.07
N SER C 197 6.16 11.57 -14.30
CA SER C 197 5.04 12.36 -14.78
C SER C 197 5.50 13.78 -15.03
N MET C 198 6.23 14.34 -14.07
CA MET C 198 6.73 15.71 -14.16
C MET C 198 7.85 15.85 -15.20
N LEU C 199 8.61 14.76 -15.40
CA LEU C 199 9.69 14.75 -16.39
C LEU C 199 9.11 14.83 -17.80
N ALA C 200 8.01 14.13 -18.01
CA ALA C 200 7.37 14.06 -19.31
C ALA C 200 6.70 15.39 -19.67
N LEU C 201 6.12 16.04 -18.67
CA LEU C 201 5.45 17.32 -18.85
C LEU C 201 6.45 18.38 -19.32
N ILE C 202 7.65 18.35 -18.73
CA ILE C 202 8.68 19.36 -18.97
C ILE C 202 8.99 19.45 -20.46
N HIS C 203 8.95 18.31 -21.13
CA HIS C 203 9.32 18.22 -22.53
C HIS C 203 8.25 18.82 -23.46
N THR C 204 7.18 19.35 -22.87
CA THR C 204 6.10 19.94 -23.64
C THR C 204 5.98 21.44 -23.37
N LEU C 205 6.76 21.94 -22.43
CA LEU C 205 6.77 23.37 -22.13
C LEU C 205 7.54 24.11 -23.22
N GLU C 206 7.42 25.43 -23.23
CA GLU C 206 8.09 26.22 -24.25
C GLU C 206 9.60 26.44 -24.00
N ARG C 207 9.99 26.67 -22.75
CA ARG C 207 11.40 26.82 -22.39
C ARG C 207 11.83 25.70 -21.45
N PRO C 208 11.94 24.47 -21.95
CA PRO C 208 12.17 23.28 -21.11
C PRO C 208 13.47 23.35 -20.33
N GLU C 209 14.43 24.09 -20.88
CA GLU C 209 15.75 24.18 -20.29
C GLU C 209 15.71 24.90 -18.95
N ARG C 210 14.62 25.62 -18.69
CA ARG C 210 14.44 26.35 -17.44
C ARG C 210 13.79 25.49 -16.35
N PHE C 211 13.38 24.28 -16.71
CA PHE C 211 12.51 23.47 -15.84
C PHE C 211 13.16 22.16 -15.41
N GLY C 212 13.12 21.88 -14.11
CA GLY C 212 13.55 20.57 -13.64
C GLY C 212 12.69 20.03 -12.51
N LEU C 213 13.27 19.12 -11.72
CA LEU C 213 12.55 18.38 -10.70
C LEU C 213 12.99 18.74 -9.31
N ASN C 214 12.02 18.74 -8.38
CA ASN C 214 12.28 18.66 -6.94
C ASN C 214 11.62 17.41 -6.35
N PRO C 215 12.25 16.25 -6.51
CA PRO C 215 11.67 15.04 -5.91
C PRO C 215 11.79 15.06 -4.39
N GLU C 216 10.76 14.55 -3.72
CA GLU C 216 10.75 14.45 -2.27
C GLU C 216 10.65 12.99 -1.84
N PHE C 217 11.53 12.59 -0.92
CA PHE C 217 11.64 11.19 -0.49
C PHE C 217 10.29 10.63 -0.02
N ALA C 218 9.58 11.37 0.81
CA ALA C 218 8.31 10.91 1.39
C ALA C 218 7.22 10.73 0.34
N HIS C 219 7.21 11.60 -0.66
CA HIS C 219 6.21 11.58 -1.73
C HIS C 219 6.23 10.28 -2.51
N GLU C 220 7.39 9.92 -3.05
CA GLU C 220 7.52 8.66 -3.78
C GLU C 220 7.26 7.45 -2.88
N THR C 221 7.73 7.52 -1.64
CA THR C 221 7.67 6.41 -0.70
C THR C 221 6.22 6.15 -0.20
N MET C 222 5.44 7.22 -0.05
CA MET C 222 4.00 7.14 0.18
C MET C 222 3.30 6.11 -0.69
N ALA C 223 3.77 5.96 -1.93
CA ALA C 223 3.15 5.04 -2.88
C ALA C 223 3.94 3.75 -3.07
N GLY C 224 4.91 3.52 -2.18
CA GLY C 224 5.68 2.29 -2.22
C GLY C 224 6.65 2.23 -3.37
N LEU C 225 6.94 3.38 -3.96
CA LEU C 225 7.85 3.47 -5.10
C LEU C 225 9.32 3.69 -4.64
N ASN C 226 10.26 3.30 -5.48
CA ASN C 226 11.67 3.39 -5.13
C ASN C 226 12.21 4.76 -5.44
N PHE C 227 12.56 5.51 -4.39
CA PHE C 227 13.01 6.88 -4.57
C PHE C 227 14.39 6.96 -5.25
N VAL C 228 15.23 5.96 -5.03
CA VAL C 228 16.55 5.93 -5.61
C VAL C 228 16.51 5.76 -7.13
N HIS C 229 15.61 4.91 -7.63
CA HIS C 229 15.40 4.77 -9.07
C HIS C 229 14.87 6.08 -9.69
N ALA C 230 13.96 6.75 -8.99
CA ALA C 230 13.35 7.96 -9.52
C ALA C 230 14.37 9.08 -9.62
N VAL C 231 15.23 9.20 -8.61
CA VAL C 231 16.24 10.25 -8.60
C VAL C 231 17.36 9.98 -9.61
N ALA C 232 17.63 8.71 -9.89
CA ALA C 232 18.61 8.35 -10.91
C ALA C 232 18.12 8.77 -12.27
N GLN C 233 16.82 8.62 -12.54
CA GLN C 233 16.26 9.03 -13.83
C GLN C 233 16.30 10.54 -14.00
N ALA C 234 16.05 11.28 -12.93
CA ALA C 234 16.09 12.74 -13.00
C ALA C 234 17.52 13.20 -13.24
N LEU C 235 18.48 12.53 -12.59
CA LEU C 235 19.90 12.85 -12.75
C LEU C 235 20.36 12.55 -14.17
N ASP C 236 19.91 11.42 -14.71
CA ASP C 236 20.28 11.01 -16.06
C ASP C 236 19.67 11.94 -17.11
N ALA C 237 18.63 12.67 -16.73
CA ALA C 237 17.98 13.60 -17.64
C ALA C 237 18.58 14.98 -17.44
N GLY C 238 19.39 15.11 -16.40
CA GLY C 238 19.98 16.39 -16.07
C GLY C 238 19.02 17.35 -15.41
N LYS C 239 18.00 16.81 -14.76
CA LYS C 239 16.90 17.64 -14.28
C LYS C 239 16.74 17.67 -12.76
N LEU C 240 17.75 17.25 -12.01
CA LEU C 240 17.68 17.37 -10.55
C LEU C 240 18.14 18.74 -10.11
N LEU C 241 17.20 19.64 -9.91
CA LEU C 241 17.52 21.03 -9.60
C LEU C 241 17.45 21.30 -8.11
N HIS C 242 16.80 20.39 -7.38
CA HIS C 242 16.58 20.55 -5.95
C HIS C 242 16.09 19.19 -5.43
N ILE C 243 16.32 18.94 -4.16
CA ILE C 243 15.86 17.70 -3.55
C ILE C 243 15.35 17.88 -2.11
N ASP C 244 14.19 17.29 -1.85
CA ASP C 244 13.56 17.37 -0.53
C ASP C 244 13.74 16.06 0.24
N LEU C 245 14.38 16.17 1.40
CA LEU C 245 14.89 15.01 2.11
C LEU C 245 14.11 14.85 3.37
N ASN C 246 13.65 13.62 3.63
CA ASN C 246 12.98 13.26 4.89
C ASN C 246 12.79 11.75 4.93
N GLY C 247 11.96 11.28 5.88
CA GLY C 247 11.68 9.85 5.99
C GLY C 247 10.18 9.57 5.98
N GLN C 248 9.80 8.32 5.76
CA GLN C 248 8.40 7.97 5.58
C GLN C 248 8.21 6.45 5.61
N ARG C 249 7.17 5.97 6.30
CA ARG C 249 6.75 4.57 6.17
C ARG C 249 5.77 4.51 5.01
N MET C 250 5.92 3.49 4.17
CA MET C 250 5.12 3.38 2.96
C MET C 250 3.59 3.30 3.19
N ASN C 251 2.82 3.85 2.25
CA ASN C 251 1.37 3.60 2.13
C ASN C 251 0.48 4.17 3.22
N ARG C 252 0.71 5.43 3.56
CA ARG C 252 -0.14 6.13 4.49
C ARG C 252 0.09 7.63 4.33
N PHE C 253 -0.56 8.40 5.21
CA PHE C 253 -0.36 9.84 5.25
C PHE C 253 1.11 10.27 5.22
N ASP C 254 1.33 11.51 4.83
CA ASP C 254 2.67 12.06 4.69
C ASP C 254 3.20 12.39 6.09
N GLN C 255 4.19 11.61 6.54
CA GLN C 255 4.71 11.74 7.89
C GLN C 255 5.74 12.85 8.05
N ASP C 256 6.57 13.05 7.03
CA ASP C 256 7.72 13.98 7.07
C ASP C 256 8.64 13.75 8.27
N LEU C 257 9.10 12.52 8.42
CA LEU C 257 9.96 12.16 9.55
C LEU C 257 11.34 12.76 9.33
N ARG C 258 12.13 12.84 10.41
CA ARG C 258 13.56 13.20 10.35
C ARG C 258 14.27 12.31 9.34
N PHE C 259 15.23 12.88 8.60
CA PHE C 259 15.91 12.15 7.54
C PHE C 259 16.70 10.96 8.08
N GLY C 260 16.57 9.82 7.42
CA GLY C 260 17.31 8.63 7.80
C GLY C 260 16.76 7.85 8.99
N SER C 261 15.71 8.37 9.63
CA SER C 261 15.21 7.79 10.88
C SER C 261 14.47 6.47 10.73
N GLU C 262 13.99 6.18 9.53
CA GLU C 262 13.15 5.02 9.29
C GLU C 262 13.74 4.05 8.27
N ASN C 263 14.13 4.56 7.10
CA ASN C 263 14.73 3.72 6.07
C ASN C 263 16.23 4.02 5.88
N LEU C 264 17.06 3.46 6.77
CA LEU C 264 18.49 3.71 6.77
C LEU C 264 19.17 3.33 5.47
N LYS C 265 18.84 2.15 4.96
CA LYS C 265 19.46 1.62 3.76
C LYS C 265 19.12 2.43 2.51
N ALA C 266 17.89 2.93 2.43
CA ALA C 266 17.48 3.75 1.30
C ALA C 266 18.15 5.12 1.34
N ALA C 267 18.21 5.70 2.54
CA ALA C 267 18.90 6.96 2.78
C ALA C 267 20.38 6.84 2.45
N PHE C 268 20.96 5.69 2.77
CA PHE C 268 22.36 5.39 2.53
C PHE C 268 22.69 5.50 1.05
N LEU C 269 21.95 4.72 0.25
CA LEU C 269 22.20 4.63 -1.18
C LEU C 269 21.72 5.88 -1.92
N LEU C 270 20.87 6.68 -1.27
CA LEU C 270 20.47 7.96 -1.81
C LEU C 270 21.60 8.98 -1.66
N VAL C 271 22.10 9.13 -0.44
CA VAL C 271 23.26 9.99 -0.18
C VAL C 271 24.46 9.59 -1.06
N ASP C 272 24.61 8.28 -1.28
CA ASP C 272 25.64 7.78 -2.17
C ASP C 272 25.40 8.26 -3.60
N LEU C 273 24.15 8.16 -4.07
CA LEU C 273 23.81 8.57 -5.43
C LEU C 273 24.09 10.06 -5.63
N LEU C 274 23.61 10.88 -4.70
CA LEU C 274 23.72 12.32 -4.81
C LEU C 274 25.18 12.77 -4.83
N GLU C 275 25.94 12.27 -3.86
CA GLU C 275 27.33 12.67 -3.67
C GLU C 275 28.22 12.27 -4.85
N SER C 276 28.10 11.01 -5.26
CA SER C 276 28.96 10.48 -6.30
C SER C 276 28.53 10.93 -7.70
N SER C 277 27.41 11.64 -7.77
CA SER C 277 26.91 12.18 -9.05
C SER C 277 27.39 13.61 -9.23
N GLY C 278 27.87 14.21 -8.15
CA GLY C 278 28.33 15.58 -8.19
C GLY C 278 27.18 16.56 -8.24
N TYR C 279 26.07 16.17 -7.64
CA TYR C 279 24.92 17.05 -7.46
C TYR C 279 25.35 18.24 -6.60
N GLN C 280 25.00 19.45 -7.02
CA GLN C 280 25.50 20.66 -6.36
C GLN C 280 24.40 21.58 -5.83
N GLY C 281 23.14 21.15 -5.98
CA GLY C 281 22.04 21.94 -5.47
C GLY C 281 21.86 21.79 -3.96
N PRO C 282 20.85 22.47 -3.40
CA PRO C 282 20.53 22.40 -1.97
C PRO C 282 20.07 21.01 -1.50
N ARG C 283 20.46 20.66 -0.28
CA ARG C 283 19.90 19.49 0.40
C ARG C 283 18.87 20.01 1.41
N HIS C 284 17.61 20.06 0.98
CA HIS C 284 16.55 20.61 1.82
C HIS C 284 15.97 19.50 2.68
N PHE C 285 15.79 19.78 3.97
CA PHE C 285 15.04 18.87 4.84
C PHE C 285 13.60 19.35 4.99
N ASP C 286 12.72 18.81 4.15
CA ASP C 286 11.29 19.08 4.22
C ASP C 286 10.63 18.10 5.19
N ALA C 287 10.80 18.38 6.48
CA ALA C 287 10.41 17.46 7.53
C ALA C 287 10.08 18.30 8.75
N HIS C 288 9.29 17.74 9.66
CA HIS C 288 9.04 18.40 10.92
C HIS C 288 9.32 17.46 12.10
N ALA C 289 9.54 18.04 13.27
CA ALA C 289 9.73 17.28 14.49
C ALA C 289 8.45 16.51 14.81
N LEU C 290 8.58 15.42 15.56
CA LEU C 290 7.42 14.66 16.02
C LEU C 290 6.52 15.53 16.87
N ARG C 291 5.22 15.22 16.89
CA ARG C 291 4.22 16.03 17.62
C ARG C 291 4.37 15.88 19.14
N THR C 292 5.21 14.94 19.56
CA THR C 292 5.52 14.71 20.97
C THR C 292 6.60 15.65 21.50
N GLU C 293 7.07 16.56 20.65
CA GLU C 293 8.25 17.39 20.96
C GLU C 293 7.93 18.83 21.37
N ASP C 294 8.71 19.36 22.31
CA ASP C 294 8.74 20.79 22.54
C ASP C 294 9.81 21.47 21.67
N GLU C 295 10.07 22.76 21.90
CA GLU C 295 11.01 23.48 21.05
C GLU C 295 12.43 22.92 21.07
N GLU C 296 12.88 22.46 22.24
CA GLU C 296 14.14 21.75 22.34
C GLU C 296 14.18 20.58 21.37
N GLY C 297 13.08 19.84 21.31
CA GLY C 297 13.05 18.67 20.45
C GLY C 297 13.11 19.04 18.99
N VAL C 298 12.64 20.23 18.65
CA VAL C 298 12.67 20.73 17.28
C VAL C 298 14.11 20.91 16.81
N TRP C 299 14.95 21.47 17.67
CA TRP C 299 16.32 21.74 17.31
C TRP C 299 17.15 20.47 17.36
N ALA C 300 16.66 19.47 18.09
CA ALA C 300 17.31 18.16 18.09
C ALA C 300 16.96 17.41 16.82
N PHE C 301 15.75 17.70 16.32
CA PHE C 301 15.31 17.22 15.02
C PHE C 301 16.18 17.82 13.91
N ALA C 302 16.39 19.13 13.97
CA ALA C 302 17.15 19.85 12.95
C ALA C 302 18.59 19.37 12.92
N ARG C 303 19.21 19.33 14.10
CA ARG C 303 20.58 18.80 14.22
C ARG C 303 20.70 17.38 13.71
N GLY C 304 19.67 16.56 13.96
CA GLY C 304 19.75 15.15 13.61
C GLY C 304 19.62 14.84 12.13
N CYS C 305 18.88 15.66 11.41
CA CYS C 305 18.79 15.57 9.96
C CYS C 305 20.17 15.68 9.32
N MET C 306 20.85 16.77 9.64
CA MET C 306 22.16 17.07 9.07
C MET C 306 23.25 16.08 9.50
N ARG C 307 23.27 15.74 10.79
CA ARG C 307 24.26 14.79 11.31
C ARG C 307 24.12 13.40 10.69
N THR C 308 22.87 12.95 10.50
CA THR C 308 22.61 11.65 9.88
C THR C 308 23.04 11.63 8.42
N TYR C 309 22.87 12.75 7.73
CA TYR C 309 23.34 12.87 6.34
C TYR C 309 24.87 12.73 6.26
N LEU C 310 25.57 13.44 7.14
CA LEU C 310 27.02 13.43 7.15
C LEU C 310 27.62 12.07 7.54
N ILE C 311 26.94 11.34 8.43
CA ILE C 311 27.39 10.00 8.83
C ILE C 311 27.31 9.02 7.66
N LEU C 312 26.25 9.11 6.88
CA LEU C 312 26.02 8.19 5.76
C LEU C 312 26.94 8.51 4.60
N LYS C 313 27.21 9.80 4.41
CA LYS C 313 28.13 10.27 3.38
C LYS C 313 29.50 9.66 3.57
N GLU C 314 30.02 9.79 4.79
CA GLU C 314 31.30 9.22 5.17
C GLU C 314 31.26 7.70 5.00
N ARG C 315 30.17 7.10 5.45
CA ARG C 315 30.03 5.65 5.37
C ARG C 315 29.97 5.09 3.94
N ALA C 316 29.22 5.76 3.05
CA ALA C 316 29.14 5.33 1.66
C ALA C 316 30.50 5.48 0.97
N GLU C 317 31.26 6.50 1.36
CA GLU C 317 32.63 6.69 0.88
C GLU C 317 33.52 5.53 1.26
N ALA C 318 33.46 5.10 2.52
CA ALA C 318 34.28 3.98 2.97
C ALA C 318 33.84 2.64 2.35
N PHE C 319 32.53 2.47 2.18
CA PHE C 319 32.01 1.27 1.54
C PHE C 319 32.59 1.08 0.13
N ARG C 320 32.65 2.18 -0.63
CA ARG C 320 33.11 2.12 -2.02
C ARG C 320 34.61 1.84 -2.17
N GLU C 321 35.37 2.07 -1.10
CA GLU C 321 36.81 1.86 -1.08
C GLU C 321 37.23 0.46 -0.65
N ASP C 322 36.27 -0.31 -0.15
CA ASP C 322 36.55 -1.65 0.34
C ASP C 322 37.03 -2.57 -0.79
N PRO C 323 38.15 -3.26 -0.57
CA PRO C 323 38.77 -4.10 -1.60
C PRO C 323 37.84 -5.18 -2.12
N GLU C 324 37.12 -5.82 -1.19
CA GLU C 324 36.24 -6.94 -1.51
C GLU C 324 35.05 -6.46 -2.31
N VAL C 325 34.56 -5.28 -1.95
CA VAL C 325 33.49 -4.63 -2.69
C VAL C 325 33.93 -4.31 -4.13
N LYS C 326 35.13 -3.74 -4.26
CA LYS C 326 35.68 -3.43 -5.57
C LYS C 326 35.88 -4.68 -6.40
N GLU C 327 36.32 -5.75 -5.74
CA GLU C 327 36.51 -7.02 -6.44
C GLU C 327 35.18 -7.61 -6.91
N LEU C 328 34.14 -7.42 -6.10
CA LEU C 328 32.81 -7.91 -6.44
C LEU C 328 32.18 -7.13 -7.61
N LEU C 329 32.20 -5.80 -7.54
CA LEU C 329 31.69 -4.97 -8.63
C LEU C 329 32.43 -5.19 -9.96
N ALA C 330 33.72 -5.49 -9.88
CA ALA C 330 34.54 -5.69 -11.06
C ALA C 330 34.12 -6.95 -11.78
N ALA C 331 33.81 -7.99 -11.02
CA ALA C 331 33.52 -9.29 -11.61
C ALA C 331 32.15 -9.30 -12.27
N TYR C 332 31.25 -8.46 -11.80
CA TYR C 332 29.92 -8.54 -12.35
C TYR C 332 29.65 -7.49 -13.42
N TYR C 333 30.43 -6.41 -13.38
CA TYR C 333 30.45 -5.50 -14.50
C TYR C 333 31.39 -5.97 -15.62
N GLN C 334 32.08 -7.09 -15.39
CA GLN C 334 32.81 -7.85 -16.42
C GLN C 334 32.19 -7.79 -17.82
N GLU C 335 32.93 -7.25 -18.78
CA GLU C 335 32.48 -7.21 -20.17
C GLU C 335 33.43 -7.88 -21.15
N ASP C 336 32.92 -8.89 -21.85
CA ASP C 336 33.65 -9.57 -22.93
C ASP C 336 33.54 -8.70 -24.18
N PRO C 337 34.69 -8.27 -24.75
CA PRO C 337 34.67 -7.34 -25.87
C PRO C 337 34.11 -7.97 -27.14
N ALA C 338 34.11 -9.30 -27.20
CA ALA C 338 33.44 -10.02 -28.28
C ALA C 338 31.92 -9.88 -28.22
N ALA C 339 31.39 -9.61 -27.03
CA ALA C 339 29.96 -9.38 -26.86
C ALA C 339 29.64 -7.94 -27.26
N LEU C 340 30.54 -7.04 -26.91
CA LEU C 340 30.35 -5.61 -27.14
C LEU C 340 30.22 -5.11 -28.59
N PRO C 341 30.75 -5.84 -29.59
CA PRO C 341 30.68 -5.34 -30.96
C PRO C 341 29.45 -5.84 -31.66
N LEU C 342 28.68 -6.64 -30.93
CA LEU C 342 27.32 -6.97 -31.31
C LEU C 342 26.41 -5.85 -30.82
N MET C 343 26.99 -4.96 -30.01
CA MET C 343 26.24 -3.96 -29.28
C MET C 343 26.30 -2.60 -29.92
N ASP C 344 25.62 -1.64 -29.30
CA ASP C 344 25.74 -0.23 -29.61
C ASP C 344 25.14 0.05 -31.03
N PRO C 345 25.55 1.13 -31.74
CA PRO C 345 24.58 1.65 -32.71
C PRO C 345 24.29 0.72 -33.90
N TYR C 346 23.13 0.87 -34.52
CA TYR C 346 22.70 -0.09 -35.53
C TYR C 346 23.57 -0.09 -36.80
N SER C 347 23.76 -1.28 -37.34
CA SER C 347 24.26 -1.43 -38.70
C SER C 347 23.70 -2.75 -39.25
N HIS C 348 23.39 -2.76 -40.53
CA HIS C 348 22.83 -3.94 -41.19
C HIS C 348 23.64 -5.19 -40.88
N GLU C 349 24.97 -5.07 -40.85
CA GLU C 349 25.83 -6.24 -40.69
C GLU C 349 26.05 -6.60 -39.21
N LYS C 350 25.85 -5.63 -38.33
CA LYS C 350 25.79 -5.89 -36.89
C LYS C 350 24.55 -6.73 -36.53
N ALA C 351 23.42 -6.43 -37.16
CA ALA C 351 22.22 -7.22 -36.97
C ALA C 351 22.43 -8.63 -37.50
N GLU C 352 23.10 -8.76 -38.63
CA GLU C 352 23.33 -10.06 -39.24
C GLU C 352 24.34 -10.87 -38.44
N ALA C 353 25.37 -10.19 -37.91
CA ALA C 353 26.35 -10.83 -37.05
C ALA C 353 25.70 -11.37 -35.78
N LEU C 354 24.82 -10.56 -35.20
CA LEU C 354 24.08 -10.89 -33.98
C LEU C 354 23.22 -12.11 -34.18
N LYS C 355 22.50 -12.15 -35.29
CA LYS C 355 21.56 -13.25 -35.54
C LYS C 355 22.26 -14.56 -35.88
N ARG C 356 23.54 -14.47 -36.25
CA ARG C 356 24.32 -15.66 -36.56
C ARG C 356 25.29 -16.00 -35.41
N ALA C 357 25.42 -15.07 -34.46
CA ALA C 357 26.33 -15.25 -33.33
C ALA C 357 25.94 -16.46 -32.50
N GLU C 358 26.95 -17.23 -32.07
CA GLU C 358 26.75 -18.38 -31.21
C GLU C 358 26.94 -17.94 -29.76
N LEU C 359 25.84 -17.77 -29.04
CA LEU C 359 25.86 -17.18 -27.70
C LEU C 359 26.10 -18.24 -26.63
N PRO C 360 26.82 -17.88 -25.56
CA PRO C 360 27.21 -18.80 -24.48
C PRO C 360 26.10 -18.90 -23.41
N LEU C 361 24.98 -19.49 -23.79
CA LEU C 361 23.75 -19.39 -23.00
C LEU C 361 23.75 -20.21 -21.72
N GLU C 362 24.23 -21.44 -21.78
CA GLU C 362 24.28 -22.29 -20.61
C GLU C 362 25.20 -21.74 -19.54
N ALA C 363 26.30 -21.14 -19.98
CA ALA C 363 27.22 -20.46 -19.07
C ALA C 363 26.58 -19.30 -18.36
N LYS C 364 25.68 -18.59 -19.06
CA LYS C 364 25.02 -17.42 -18.49
C LYS C 364 23.80 -17.82 -17.66
N ARG C 365 23.31 -19.02 -17.93
CA ARG C 365 22.17 -19.57 -17.20
C ARG C 365 22.60 -19.95 -15.81
N HIS C 366 23.76 -20.60 -15.71
CA HIS C 366 24.32 -21.03 -14.44
C HIS C 366 24.90 -19.89 -13.62
N ARG C 367 25.09 -18.72 -14.23
CA ARG C 367 25.84 -17.64 -13.60
C ARG C 367 25.17 -17.08 -12.35
N GLY C 368 25.93 -17.01 -11.26
CA GLY C 368 25.47 -16.28 -10.09
C GLY C 368 26.15 -14.93 -10.04
N TYR C 369 25.45 -13.91 -9.55
CA TYR C 369 25.95 -12.55 -9.59
C TYR C 369 26.46 -12.06 -8.24
N ALA C 370 26.40 -12.93 -7.24
CA ALA C 370 26.96 -12.68 -5.89
C ALA C 370 26.45 -11.41 -5.23
N LEU C 371 25.17 -11.11 -5.45
CA LEU C 371 24.54 -9.92 -4.88
C LEU C 371 24.08 -10.10 -3.42
N GLU C 372 24.05 -11.34 -2.97
CA GLU C 372 23.70 -11.65 -1.60
C GLU C 372 24.90 -11.29 -0.73
N ARG C 373 26.09 -11.69 -1.16
CA ARG C 373 27.32 -11.26 -0.50
C ARG C 373 27.56 -9.76 -0.55
N LEU C 374 27.31 -9.16 -1.71
CA LEU C 374 27.45 -7.71 -1.82
C LEU C 374 26.47 -6.97 -0.90
N ASP C 375 25.23 -7.45 -0.86
CA ASP C 375 24.21 -6.83 -0.04
C ASP C 375 24.49 -7.02 1.45
N GLN C 376 25.07 -8.16 1.83
CA GLN C 376 25.43 -8.37 3.22
C GLN C 376 26.60 -7.48 3.63
N LEU C 377 27.55 -7.29 2.71
CA LEU C 377 28.65 -6.36 2.93
C LEU C 377 28.17 -4.94 3.19
N ALA C 378 27.20 -4.46 2.40
CA ALA C 378 26.70 -3.11 2.60
C ALA C 378 25.89 -2.94 3.89
N VAL C 379 25.20 -4.00 4.31
CA VAL C 379 24.50 -3.95 5.58
C VAL C 379 25.49 -3.92 6.74
N GLU C 380 26.57 -4.69 6.64
CA GLU C 380 27.62 -4.68 7.66
C GLU C 380 28.42 -3.38 7.76
N TYR C 381 28.58 -2.69 6.64
CA TYR C 381 29.10 -1.33 6.64
C TYR C 381 28.13 -0.34 7.27
N LEU C 382 26.87 -0.40 6.85
CA LEU C 382 25.80 0.41 7.45
C LEU C 382 25.78 0.27 8.98
N LEU C 383 25.91 -0.96 9.45
CA LEU C 383 25.94 -1.28 10.88
C LEU C 383 27.27 -0.90 11.55
N GLY C 384 28.25 -0.48 10.75
CA GLY C 384 29.49 -0.01 11.33
C GLY C 384 30.36 -1.15 11.82
N VAL C 385 30.01 -2.36 11.39
CA VAL C 385 30.75 -3.55 11.76
C VAL C 385 32.00 -3.66 10.89
N ARG C 386 32.05 -2.81 9.86
CA ARG C 386 33.13 -2.84 8.88
C ARG C 386 33.72 -1.46 8.60
N GLY C 387 32.89 -0.43 8.80
CA GLY C 387 33.29 0.94 8.48
C GLY C 387 34.61 1.37 9.08
N MET D 1 -38.03 6.57 -4.01
CA MET D 1 -38.40 5.15 -3.75
C MET D 1 -37.29 4.41 -3.00
N TYR D 2 -36.28 5.16 -2.58
CA TYR D 2 -35.23 4.64 -1.71
C TYR D 2 -35.11 5.59 -0.54
N GLU D 3 -36.21 5.77 0.17
CA GLU D 3 -36.31 6.79 1.20
C GLU D 3 -36.09 6.23 2.60
N PRO D 4 -35.20 6.87 3.38
CA PRO D 4 -34.82 6.40 4.71
C PRO D 4 -35.98 6.40 5.72
N LYS D 5 -36.09 5.30 6.44
CA LYS D 5 -37.06 5.14 7.51
C LYS D 5 -36.32 4.81 8.80
N PRO D 6 -36.95 5.03 9.97
CA PRO D 6 -36.22 4.93 11.23
C PRO D 6 -35.81 3.49 11.50
N GLU D 7 -36.52 2.54 10.92
CA GLU D 7 -36.17 1.14 11.05
C GLU D 7 -34.84 0.84 10.35
N HIS D 8 -34.36 1.79 9.56
CA HIS D 8 -33.08 1.63 8.88
C HIS D 8 -31.92 1.94 9.80
N ARG D 9 -32.16 2.80 10.78
CA ARG D 9 -31.19 3.08 11.84
C ARG D 9 -29.94 3.77 11.29
N PHE D 10 -30.16 4.74 10.40
CA PHE D 10 -29.09 5.54 9.83
C PHE D 10 -28.74 6.65 10.78
N THR D 11 -27.48 6.71 11.21
CA THR D 11 -27.07 7.78 12.11
C THR D 11 -25.92 8.60 11.52
N PHE D 12 -25.79 9.84 11.98
CA PHE D 12 -24.69 10.68 11.59
C PHE D 12 -24.08 11.27 12.85
N GLY D 13 -22.76 11.16 12.97
CA GLY D 13 -22.06 11.95 13.99
C GLY D 13 -22.18 13.44 13.74
N LEU D 14 -22.22 14.23 14.80
CA LEU D 14 -22.28 15.68 14.67
C LEU D 14 -21.10 16.21 13.86
N TRP D 15 -19.98 15.49 13.92
CA TRP D 15 -18.73 15.89 13.31
C TRP D 15 -18.63 15.50 11.83
N THR D 16 -19.56 14.67 11.37
CA THR D 16 -19.56 14.21 9.99
C THR D 16 -20.08 15.31 9.05
N VAL D 17 -21.35 15.66 9.20
CA VAL D 17 -21.96 16.71 8.42
C VAL D 17 -21.50 18.08 8.92
N GLY D 18 -20.98 18.12 10.14
CA GLY D 18 -20.50 19.37 10.70
C GLY D 18 -19.05 19.72 10.38
N ASN D 19 -18.39 18.86 9.59
CA ASN D 19 -16.98 19.04 9.19
C ASN D 19 -16.77 20.32 8.38
N VAL D 20 -15.90 21.20 8.89
CA VAL D 20 -15.65 22.50 8.25
C VAL D 20 -14.68 22.47 7.06
N GLY D 21 -14.16 21.29 6.77
CA GLY D 21 -13.37 21.11 5.56
C GLY D 21 -11.94 21.61 5.68
N ARG D 22 -11.43 21.77 6.89
CA ARG D 22 -10.01 22.02 7.11
C ARG D 22 -9.27 20.71 6.87
N ASP D 23 -8.09 20.78 6.25
CA ASP D 23 -7.20 19.62 6.17
C ASP D 23 -5.76 20.02 6.39
N PRO D 24 -4.82 19.05 6.41
CA PRO D 24 -3.48 19.42 6.90
C PRO D 24 -2.79 20.48 6.03
N PHE D 25 -3.32 20.71 4.83
CA PHE D 25 -2.75 21.71 3.93
C PHE D 25 -3.73 22.81 3.57
N GLY D 26 -4.84 22.91 4.31
CA GLY D 26 -5.86 23.85 3.91
C GLY D 26 -6.72 24.40 5.02
N ASP D 27 -7.24 25.60 4.80
CA ASP D 27 -8.16 26.26 5.73
C ASP D 27 -9.54 25.62 5.68
N ALA D 28 -10.40 26.05 6.60
CA ALA D 28 -11.79 25.63 6.59
C ALA D 28 -12.52 26.26 5.41
N VAL D 29 -13.30 25.46 4.70
CA VAL D 29 -14.05 25.96 3.55
C VAL D 29 -15.53 26.20 3.90
N ARG D 30 -15.92 25.81 5.12
CA ARG D 30 -17.31 25.89 5.56
C ARG D 30 -17.48 26.51 6.93
N GLU D 31 -18.69 27.00 7.20
CA GLU D 31 -19.03 27.52 8.50
C GLU D 31 -19.31 26.39 9.49
N ARG D 32 -19.00 26.65 10.75
CA ARG D 32 -19.39 25.75 11.83
C ARG D 32 -20.93 25.77 11.97
N LEU D 33 -21.53 24.59 11.92
CA LEU D 33 -22.99 24.43 12.09
C LEU D 33 -23.40 24.26 13.55
N ASP D 34 -24.45 24.95 13.97
CA ASP D 34 -24.99 24.81 15.31
C ASP D 34 -25.62 23.43 15.49
N PRO D 35 -25.33 22.73 16.60
CA PRO D 35 -25.80 21.37 16.89
C PRO D 35 -27.31 21.21 16.81
N VAL D 36 -28.03 22.20 17.33
CA VAL D 36 -29.47 22.22 17.20
C VAL D 36 -29.91 22.30 15.75
N TYR D 37 -29.19 23.07 14.94
CA TYR D 37 -29.49 23.19 13.52
C TYR D 37 -29.35 21.85 12.81
N VAL D 38 -28.30 21.10 13.14
CA VAL D 38 -28.04 19.85 12.44
C VAL D 38 -28.96 18.70 12.89
N GLY D 39 -29.48 18.81 14.11
CA GLY D 39 -30.52 17.90 14.55
C GLY D 39 -31.80 18.02 13.72
N HIS D 40 -32.20 19.26 13.42
CA HIS D 40 -33.38 19.52 12.62
C HIS D 40 -33.18 19.08 11.17
N LYS D 41 -31.97 19.21 10.67
CA LYS D 41 -31.69 18.89 9.27
C LYS D 41 -31.67 17.38 9.05
N LEU D 42 -31.08 16.68 10.00
CA LEU D 42 -30.96 15.22 9.91
C LEU D 42 -32.32 14.55 10.10
N ALA D 43 -33.16 15.17 10.92
CA ALA D 43 -34.54 14.76 11.09
C ALA D 43 -35.30 14.88 9.78
N GLU D 44 -35.17 16.02 9.09
CA GLU D 44 -35.73 16.21 7.75
C GLU D 44 -35.30 15.13 6.76
N LEU D 45 -34.03 14.74 6.84
CA LEU D 45 -33.45 13.79 5.89
C LEU D 45 -33.88 12.35 6.14
N GLY D 46 -34.37 12.07 7.34
CA GLY D 46 -34.84 10.73 7.66
C GLY D 46 -33.85 9.92 8.47
N VAL D 47 -33.05 10.59 9.27
CA VAL D 47 -32.06 9.93 10.10
C VAL D 47 -32.66 9.42 11.41
N HIS D 48 -32.34 8.19 11.81
CA HIS D 48 -32.74 7.66 13.11
C HIS D 48 -32.12 8.43 14.28
N GLY D 49 -30.84 8.79 14.15
CA GLY D 49 -30.18 9.45 15.26
C GLY D 49 -28.90 10.21 14.94
N VAL D 50 -28.35 10.84 15.97
CA VAL D 50 -27.13 11.63 15.88
C VAL D 50 -26.16 11.25 17.01
N ASN D 51 -24.89 11.04 16.66
CA ASN D 51 -23.85 10.73 17.65
C ASN D 51 -23.03 11.97 17.95
N LEU D 52 -22.23 11.93 19.01
CA LEU D 52 -21.38 13.07 19.35
C LEU D 52 -20.18 12.69 20.23
N HIS D 53 -19.11 13.47 20.13
CA HIS D 53 -18.05 13.48 21.13
C HIS D 53 -18.49 14.51 22.17
N ASP D 54 -17.98 14.40 23.37
CA ASP D 54 -18.17 15.44 24.37
C ASP D 54 -17.87 16.85 23.82
N GLU D 55 -16.75 16.98 23.10
CA GLU D 55 -16.33 18.29 22.63
C GLU D 55 -17.10 18.77 21.40
N ASP D 56 -17.83 17.88 20.74
CA ASP D 56 -18.75 18.29 19.70
C ASP D 56 -19.84 19.17 20.28
N LEU D 57 -20.31 18.85 21.48
CA LEU D 57 -21.42 19.55 22.10
C LEU D 57 -20.95 20.63 23.04
N ILE D 58 -20.00 20.27 23.91
CA ILE D 58 -19.48 21.18 24.92
C ILE D 58 -17.98 21.33 24.74
N PRO D 59 -17.55 22.43 24.10
CA PRO D 59 -16.14 22.67 23.83
C PRO D 59 -15.34 22.79 25.12
N ARG D 60 -14.09 22.31 25.06
CA ARG D 60 -13.20 22.34 26.23
C ARG D 60 -13.17 23.71 26.90
N GLY D 61 -13.33 23.71 28.23
CA GLY D 61 -13.35 24.95 28.98
C GLY D 61 -14.65 25.73 28.90
N THR D 62 -15.77 25.01 29.06
CA THR D 62 -17.08 25.65 29.19
C THR D 62 -17.54 25.48 30.64
N PRO D 63 -17.77 26.60 31.35
CA PRO D 63 -18.30 26.59 32.72
C PRO D 63 -19.61 25.81 32.83
N PRO D 64 -19.79 25.06 33.94
CA PRO D 64 -20.86 24.07 34.12
C PRO D 64 -22.26 24.68 34.00
N GLN D 65 -22.38 25.95 34.35
CA GLN D 65 -23.60 26.70 34.14
C GLN D 65 -23.94 26.74 32.66
N GLU D 66 -22.97 27.15 31.85
CA GLU D 66 -23.17 27.23 30.40
C GLU D 66 -23.25 25.85 29.79
N ARG D 67 -22.52 24.90 30.37
CA ARG D 67 -22.58 23.50 29.96
C ARG D 67 -24.02 22.99 30.01
N ASP D 68 -24.81 23.54 30.92
CA ASP D 68 -26.12 23.01 31.18
C ASP D 68 -27.23 23.62 30.33
N GLN D 69 -27.06 24.89 29.95
CA GLN D 69 -27.96 25.52 28.99
C GLN D 69 -27.82 24.85 27.61
N ILE D 70 -26.58 24.47 27.29
CA ILE D 70 -26.27 23.81 26.03
C ILE D 70 -27.00 22.48 25.96
N VAL D 71 -26.78 21.63 26.97
CA VAL D 71 -27.40 20.32 27.03
C VAL D 71 -28.94 20.41 27.11
N ARG D 72 -29.44 21.43 27.79
CA ARG D 72 -30.87 21.66 27.89
C ARG D 72 -31.46 21.91 26.51
N ARG D 73 -30.84 22.84 25.77
CA ARG D 73 -31.37 23.24 24.47
C ARG D 73 -31.20 22.17 23.40
N PHE D 74 -30.21 21.30 23.58
CA PHE D 74 -30.01 20.18 22.67
C PHE D 74 -31.08 19.11 22.88
N LYS D 75 -31.42 18.85 24.14
CA LYS D 75 -32.42 17.83 24.46
C LYS D 75 -33.81 18.23 23.98
N ARG D 76 -34.13 19.51 24.05
CA ARG D 76 -35.38 20.03 23.51
C ARG D 76 -35.49 19.73 22.01
N ALA D 77 -34.39 19.93 21.30
CA ALA D 77 -34.36 19.72 19.86
C ALA D 77 -34.59 18.26 19.55
N LEU D 78 -33.92 17.38 20.31
CA LEU D 78 -34.12 15.94 20.18
C LEU D 78 -35.57 15.56 20.47
N ASP D 79 -36.17 16.25 21.45
CA ASP D 79 -37.57 16.03 21.80
C ASP D 79 -38.47 16.46 20.67
N GLU D 80 -38.27 17.70 20.19
CA GLU D 80 -39.02 18.22 19.06
C GLU D 80 -38.97 17.31 17.82
N THR D 81 -37.83 16.67 17.60
CA THR D 81 -37.59 15.97 16.34
C THR D 81 -37.79 14.46 16.45
N GLY D 82 -37.63 13.93 17.65
CA GLY D 82 -37.71 12.49 17.83
C GLY D 82 -36.44 11.76 17.45
N LEU D 83 -35.36 12.50 17.24
CA LEU D 83 -34.04 11.91 16.99
C LEU D 83 -33.49 11.25 18.26
N LYS D 84 -32.85 10.11 18.09
CA LYS D 84 -32.10 9.48 19.18
C LYS D 84 -30.64 9.93 19.19
N VAL D 85 -29.96 9.66 20.31
CA VAL D 85 -28.49 9.73 20.37
C VAL D 85 -28.02 8.35 20.79
N PRO D 86 -27.84 7.44 19.81
CA PRO D 86 -27.47 6.04 20.08
C PRO D 86 -26.07 5.86 20.66
N MET D 87 -25.14 6.73 20.27
CA MET D 87 -23.72 6.52 20.57
C MET D 87 -23.02 7.81 20.96
N VAL D 88 -22.23 7.74 22.03
CA VAL D 88 -21.30 8.81 22.39
C VAL D 88 -19.89 8.23 22.54
N THR D 89 -18.91 9.13 22.59
CA THR D 89 -17.50 8.76 22.68
C THR D 89 -16.67 9.97 23.10
N GLY D 90 -15.76 9.75 24.06
CA GLY D 90 -14.91 10.82 24.55
C GLY D 90 -13.85 11.18 23.51
N ASN D 91 -13.70 12.47 23.22
CA ASN D 91 -12.61 12.95 22.36
C ASN D 91 -11.30 12.82 23.11
N LEU D 92 -10.52 11.79 22.75
CA LEU D 92 -9.22 11.60 23.37
C LEU D 92 -8.08 11.78 22.38
N PHE D 93 -8.25 12.72 21.44
CA PHE D 93 -7.24 12.96 20.41
C PHE D 93 -6.86 14.42 20.20
N SER D 94 -7.72 15.36 20.60
CA SER D 94 -7.51 16.76 20.23
C SER D 94 -6.61 17.52 21.20
N ASP D 95 -6.92 17.45 22.48
CA ASP D 95 -6.13 18.08 23.53
C ASP D 95 -4.64 17.74 23.35
N PRO D 96 -3.77 18.78 23.37
CA PRO D 96 -2.32 18.54 23.31
C PRO D 96 -1.81 17.67 24.44
N GLY D 97 -2.58 17.58 25.53
CA GLY D 97 -2.28 16.67 26.63
C GLY D 97 -2.07 15.25 26.12
N PHE D 98 -2.77 14.91 25.05
CA PHE D 98 -2.77 13.56 24.54
C PHE D 98 -1.74 13.32 23.45
N LYS D 99 -0.75 14.21 23.33
CA LYS D 99 0.25 14.16 22.25
C LYS D 99 1.03 12.83 22.14
N ASP D 100 1.27 12.16 23.26
CA ASP D 100 1.85 10.82 23.19
C ASP D 100 0.96 9.78 23.86
N GLY D 101 -0.36 9.89 23.65
CA GLY D 101 -1.30 8.89 24.10
C GLY D 101 -2.36 9.41 25.06
N GLY D 102 -3.52 8.77 25.01
CA GLY D 102 -4.54 9.01 26.03
C GLY D 102 -4.34 7.99 27.14
N PHE D 103 -4.86 6.79 26.92
CA PHE D 103 -4.69 5.67 27.86
C PHE D 103 -3.26 5.15 27.89
N THR D 104 -2.54 5.35 26.79
CA THR D 104 -1.18 4.81 26.67
C THR D 104 -0.13 5.90 26.79
N SER D 105 -0.49 7.06 27.32
CA SER D 105 0.50 8.03 27.74
C SER D 105 1.34 7.47 28.87
N ARG D 106 2.62 7.82 28.90
CA ARG D 106 3.53 7.31 29.91
C ARG D 106 3.36 8.04 31.23
N ASP D 107 2.74 9.22 31.14
CA ASP D 107 2.52 10.09 32.28
C ASP D 107 1.19 9.72 32.92
N PRO D 108 1.22 9.27 34.18
CA PRO D 108 -0.01 8.82 34.85
C PRO D 108 -1.04 9.92 35.03
N TRP D 109 -0.62 11.18 35.05
CA TRP D 109 -1.55 12.31 35.11
C TRP D 109 -2.37 12.42 33.85
N VAL D 110 -1.78 12.04 32.73
CA VAL D 110 -2.43 12.14 31.44
C VAL D 110 -3.37 10.96 31.24
N ARG D 111 -2.98 9.79 31.74
CA ARG D 111 -3.88 8.63 31.73
C ARG D 111 -5.09 8.83 32.62
N ALA D 112 -4.90 9.54 33.73
CA ALA D 112 -5.97 9.96 34.62
C ALA D 112 -6.92 10.93 33.91
N TYR D 113 -6.34 11.90 33.23
CA TYR D 113 -7.10 12.85 32.46
C TYR D 113 -7.97 12.14 31.43
N ALA D 114 -7.35 11.25 30.64
CA ALA D 114 -8.08 10.49 29.62
C ALA D 114 -9.26 9.77 30.24
N PHE D 115 -8.99 9.22 31.41
CA PHE D 115 -9.97 8.50 32.20
C PHE D 115 -11.19 9.33 32.54
N ARG D 116 -10.93 10.38 33.31
CA ARG D 116 -11.95 11.27 33.81
C ARG D 116 -12.79 11.84 32.66
N LYS D 117 -12.13 12.11 31.54
CA LYS D 117 -12.79 12.62 30.34
C LYS D 117 -13.78 11.59 29.80
N SER D 118 -13.40 10.32 29.89
CA SER D 118 -14.26 9.23 29.52
C SER D 118 -15.49 9.09 30.45
N LEU D 119 -15.26 9.12 31.77
CA LEU D 119 -16.35 9.00 32.73
C LEU D 119 -17.39 10.10 32.53
N GLU D 120 -16.92 11.31 32.29
CA GLU D 120 -17.79 12.47 32.11
C GLU D 120 -18.60 12.41 30.82
N THR D 121 -18.07 11.72 29.82
CA THR D 121 -18.77 11.57 28.56
C THR D 121 -19.80 10.47 28.68
N MET D 122 -19.49 9.46 29.50
CA MET D 122 -20.46 8.42 29.86
C MET D 122 -21.67 9.02 30.59
N ASP D 123 -21.41 10.02 31.43
CA ASP D 123 -22.46 10.69 32.17
C ASP D 123 -23.35 11.52 31.25
N LEU D 124 -22.72 12.29 30.35
CA LEU D 124 -23.46 13.06 29.33
C LEU D 124 -24.29 12.11 28.46
N GLY D 125 -23.71 10.97 28.11
CA GLY D 125 -24.40 10.03 27.24
C GLY D 125 -25.68 9.54 27.87
N ALA D 126 -25.63 9.25 29.16
CA ALA D 126 -26.76 8.69 29.89
C ALA D 126 -27.85 9.74 30.01
N GLU D 127 -27.43 10.98 30.24
CA GLU D 127 -28.31 12.13 30.27
C GLU D 127 -29.04 12.34 28.92
N LEU D 128 -28.57 11.66 27.87
CA LEU D 128 -29.09 11.85 26.51
C LEU D 128 -29.69 10.58 25.93
N GLY D 129 -29.60 9.49 26.67
CA GLY D 129 -30.23 8.27 26.23
C GLY D 129 -29.33 7.33 25.47
N ALA D 130 -28.03 7.61 25.47
CA ALA D 130 -27.07 6.82 24.71
C ALA D 130 -26.97 5.39 25.24
N GLU D 131 -26.78 4.44 24.33
CA GLU D 131 -26.73 3.03 24.65
C GLU D 131 -25.39 2.40 24.31
N ILE D 132 -24.67 3.01 23.37
CA ILE D 132 -23.37 2.50 22.92
C ILE D 132 -22.30 3.55 23.21
N TYR D 133 -21.20 3.10 23.82
CA TYR D 133 -20.04 3.94 24.07
C TYR D 133 -18.87 3.43 23.22
N VAL D 134 -18.33 4.32 22.38
CA VAL D 134 -17.25 3.94 21.45
C VAL D 134 -15.89 4.42 21.92
N VAL D 135 -14.90 3.57 21.77
CA VAL D 135 -13.54 3.91 22.12
C VAL D 135 -12.67 3.85 20.86
N TRP D 136 -12.29 5.03 20.35
CA TRP D 136 -11.34 5.10 19.24
C TRP D 136 -10.01 5.53 19.77
N PRO D 137 -9.01 4.66 19.68
CA PRO D 137 -7.66 4.87 20.25
C PRO D 137 -6.75 5.61 19.26
N GLY D 138 -7.19 6.76 18.74
CA GLY D 138 -6.47 7.42 17.68
C GLY D 138 -5.08 7.91 18.02
N ARG D 139 -4.87 8.23 19.30
CA ARG D 139 -3.61 8.75 19.77
C ARG D 139 -2.76 7.65 20.43
N GLU D 140 -3.27 6.42 20.41
CA GLU D 140 -2.57 5.28 21.03
C GLU D 140 -1.70 4.53 20.04
N GLY D 141 -0.51 5.06 19.78
CA GLY D 141 0.42 4.40 18.89
C GLY D 141 1.80 4.97 19.10
N ALA D 142 2.72 4.69 18.17
CA ALA D 142 4.09 5.17 18.28
C ALA D 142 4.71 5.48 16.93
N GLU D 143 5.70 6.35 16.95
CA GLU D 143 6.62 6.47 15.82
C GLU D 143 8.04 6.21 16.31
N VAL D 144 8.22 6.20 17.63
CA VAL D 144 9.52 5.89 18.24
C VAL D 144 9.42 4.66 19.16
N GLU D 145 9.98 3.55 18.67
CA GLU D 145 9.89 2.26 19.31
C GLU D 145 10.98 2.09 20.37
N ALA D 146 11.92 3.05 20.40
CA ALA D 146 13.10 2.93 21.26
C ALA D 146 12.73 3.03 22.73
N THR D 147 11.51 3.48 22.97
CA THR D 147 10.96 3.62 24.32
C THR D 147 10.59 2.30 24.97
N GLY D 148 10.33 1.29 24.15
CA GLY D 148 9.86 0.01 24.64
C GLY D 148 8.43 0.03 25.16
N LYS D 149 7.70 1.10 24.87
CA LYS D 149 6.34 1.26 25.37
C LYS D 149 5.35 0.22 24.85
N ALA D 150 5.67 -0.43 23.72
CA ALA D 150 4.79 -1.44 23.14
C ALA D 150 4.56 -2.63 24.09
N ARG D 151 5.48 -2.82 25.03
CA ARG D 151 5.38 -3.90 26.01
C ARG D 151 4.33 -3.59 27.09
N LYS D 152 4.08 -2.29 27.31
CA LYS D 152 3.31 -1.80 28.44
C LYS D 152 1.85 -1.42 28.15
N VAL D 153 1.55 -1.13 26.88
CA VAL D 153 0.29 -0.48 26.56
C VAL D 153 -0.94 -1.38 26.76
N TRP D 154 -0.74 -2.69 26.67
CA TRP D 154 -1.82 -3.65 26.83
C TRP D 154 -2.44 -3.62 28.23
N ASP D 155 -1.59 -3.60 29.25
CA ASP D 155 -2.07 -3.46 30.62
C ASP D 155 -2.72 -2.11 30.85
N TRP D 156 -2.16 -1.09 30.23
CA TRP D 156 -2.61 0.26 30.48
C TRP D 156 -4.02 0.48 29.99
N VAL D 157 -4.40 -0.19 28.89
CA VAL D 157 -5.76 -0.01 28.35
C VAL D 157 -6.75 -1.00 28.93
N ARG D 158 -6.28 -2.18 29.33
CA ARG D 158 -7.06 -3.10 30.14
C ARG D 158 -7.59 -2.40 31.37
N GLU D 159 -6.72 -1.61 32.00
CA GLU D 159 -7.01 -0.95 33.27
C GLU D 159 -8.17 0.04 33.25
N PRO D 160 -8.23 0.93 32.23
CA PRO D 160 -9.30 1.92 32.13
C PRO D 160 -10.53 1.34 31.52
N LEU D 161 -10.37 0.43 30.56
CA LEU D 161 -11.51 -0.25 29.99
C LEU D 161 -12.27 -0.99 31.09
N ASN D 162 -11.53 -1.76 31.89
CA ASN D 162 -12.06 -2.41 33.09
C ASN D 162 -12.65 -1.42 34.07
N PHE D 163 -11.95 -0.31 34.30
CA PHE D 163 -12.46 0.71 35.23
C PHE D 163 -13.72 1.36 34.69
N MET D 164 -13.76 1.56 33.37
CA MET D 164 -14.90 2.19 32.72
C MET D 164 -16.15 1.31 32.83
N ALA D 165 -15.98 0.01 32.59
CA ALA D 165 -17.07 -0.96 32.66
C ALA D 165 -17.63 -1.12 34.07
N ALA D 166 -16.75 -1.02 35.07
CA ALA D 166 -17.14 -1.11 36.47
C ALA D 166 -17.88 0.14 36.92
N TYR D 167 -17.39 1.31 36.51
CA TYR D 167 -18.08 2.58 36.79
C TYR D 167 -19.49 2.58 36.18
N ALA D 168 -19.64 2.01 34.98
CA ALA D 168 -20.92 2.00 34.31
C ALA D 168 -21.93 1.14 35.06
N GLU D 169 -21.50 -0.05 35.47
CA GLU D 169 -22.39 -0.97 36.17
C GLU D 169 -22.67 -0.51 37.58
N ASP D 170 -21.75 0.29 38.13
CA ASP D 170 -21.94 0.91 39.43
C ASP D 170 -22.99 2.00 39.35
N GLN D 171 -23.02 2.74 38.25
CA GLN D 171 -23.93 3.86 38.07
C GLN D 171 -25.27 3.40 37.50
N GLY D 172 -25.33 2.13 37.12
CA GLY D 172 -26.54 1.62 36.50
C GLY D 172 -26.76 2.12 35.10
N TYR D 173 -25.67 2.47 34.41
CA TYR D 173 -25.73 2.78 32.98
C TYR D 173 -25.86 1.47 32.21
N GLY D 174 -26.48 1.52 31.04
CA GLY D 174 -26.62 0.31 30.24
C GLY D 174 -25.66 0.16 29.06
N TYR D 175 -24.52 0.83 29.12
CA TYR D 175 -23.59 0.90 28.00
C TYR D 175 -23.11 -0.44 27.58
N ARG D 176 -23.15 -0.71 26.28
CA ARG D 176 -22.25 -1.67 25.68
C ARG D 176 -21.05 -0.86 25.16
N PHE D 177 -19.85 -1.43 25.31
CA PHE D 177 -18.64 -0.72 24.88
C PHE D 177 -18.14 -1.22 23.54
N ALA D 178 -18.04 -0.30 22.58
CA ALA D 178 -17.63 -0.66 21.21
C ALA D 178 -16.24 -0.10 20.87
N LEU D 179 -15.31 -1.01 20.57
CA LEU D 179 -13.92 -0.67 20.33
C LEU D 179 -13.62 -0.51 18.85
N GLU D 180 -13.03 0.62 18.48
CA GLU D 180 -12.80 0.94 17.07
C GLU D 180 -11.30 0.94 16.70
N PRO D 181 -10.86 -0.10 15.95
CA PRO D 181 -9.47 -0.16 15.48
C PRO D 181 -9.19 0.76 14.29
N LYS D 182 -7.94 1.15 14.14
CA LYS D 182 -7.45 1.89 12.98
C LYS D 182 -5.95 1.62 12.86
N PRO D 183 -5.46 1.35 11.64
CA PRO D 183 -4.07 0.91 11.51
C PRO D 183 -3.02 2.01 11.69
N ASN D 184 -3.38 3.24 11.31
CA ASN D 184 -2.52 4.40 11.55
C ASN D 184 -3.29 5.69 11.45
N GLU D 185 -2.59 6.80 11.68
CA GLU D 185 -3.16 8.14 11.56
C GLU D 185 -4.19 8.41 12.63
N PRO D 186 -3.92 9.39 13.51
CA PRO D 186 -2.85 10.38 13.40
C PRO D 186 -1.44 9.93 13.79
N ARG D 187 -1.30 8.69 14.26
CA ARG D 187 0.00 8.14 14.65
C ARG D 187 0.59 7.32 13.52
N GLY D 188 1.92 7.26 13.45
CA GLY D 188 2.58 6.52 12.39
C GLY D 188 2.09 5.09 12.32
N ASP D 189 1.87 4.52 13.49
CA ASP D 189 1.14 3.26 13.64
C ASP D 189 0.35 3.34 14.93
N ILE D 190 -0.88 2.81 14.90
CA ILE D 190 -1.71 2.72 16.09
C ILE D 190 -1.67 1.27 16.58
N TYR D 191 -1.53 1.06 17.89
CA TYR D 191 -1.32 -0.28 18.46
C TYR D 191 -2.46 -1.23 18.14
N PHE D 192 -3.68 -0.73 18.35
CA PHE D 192 -4.87 -1.54 18.12
C PHE D 192 -5.33 -1.29 16.69
N ALA D 193 -4.68 -2.00 15.76
CA ALA D 193 -4.66 -1.65 14.35
C ALA D 193 -5.73 -2.35 13.53
N THR D 194 -6.17 -3.51 14.01
CA THR D 194 -7.07 -4.38 13.25
C THR D 194 -8.30 -4.79 14.05
N VAL D 195 -9.29 -5.32 13.35
CA VAL D 195 -10.45 -5.93 13.98
C VAL D 195 -10.02 -7.07 14.89
N GLY D 196 -9.17 -7.96 14.36
CA GLY D 196 -8.67 -9.07 15.15
C GLY D 196 -7.92 -8.66 16.42
N SER D 197 -7.20 -7.54 16.34
CA SER D 197 -6.46 -7.04 17.48
C SER D 197 -7.40 -6.67 18.63
N MET D 198 -8.50 -5.99 18.30
CA MET D 198 -9.47 -5.57 19.29
C MET D 198 -10.32 -6.74 19.81
N LEU D 199 -10.54 -7.73 18.96
CA LEU D 199 -11.26 -8.94 19.33
C LEU D 199 -10.48 -9.74 20.38
N ALA D 200 -9.16 -9.82 20.19
CA ALA D 200 -8.30 -10.58 21.07
C ALA D 200 -8.17 -9.89 22.43
N LEU D 201 -8.16 -8.56 22.42
CA LEU D 201 -8.03 -7.79 23.64
C LEU D 201 -9.23 -8.00 24.56
N ILE D 202 -10.41 -8.06 23.94
CA ILE D 202 -11.66 -8.16 24.65
C ILE D 202 -11.67 -9.38 25.57
N HIS D 203 -11.05 -10.46 25.10
CA HIS D 203 -11.04 -11.71 25.83
C HIS D 203 -10.14 -11.67 27.06
N THR D 204 -9.53 -10.52 27.32
CA THR D 204 -8.64 -10.36 28.46
C THR D 204 -9.19 -9.34 29.45
N LEU D 205 -10.33 -8.73 29.11
CA LEU D 205 -10.96 -7.78 30.01
C LEU D 205 -11.71 -8.52 31.10
N GLU D 206 -12.11 -7.79 32.14
CA GLU D 206 -12.85 -8.44 33.22
C GLU D 206 -14.31 -8.75 32.91
N ARG D 207 -15.00 -7.84 32.22
CA ARG D 207 -16.40 -8.07 31.85
C ARG D 207 -16.57 -8.12 30.32
N PRO D 208 -16.04 -9.17 29.68
CA PRO D 208 -15.93 -9.21 28.23
C PRO D 208 -17.27 -9.07 27.56
N GLU D 209 -18.30 -9.53 28.25
CA GLU D 209 -19.65 -9.56 27.69
C GLU D 209 -20.16 -8.16 27.40
N ARG D 210 -19.56 -7.17 28.02
CA ARG D 210 -19.96 -5.78 27.84
C ARG D 210 -19.25 -5.11 26.66
N PHE D 211 -18.30 -5.83 26.05
CA PHE D 211 -17.39 -5.24 25.07
C PHE D 211 -17.52 -5.83 23.68
N GLY D 212 -17.62 -4.97 22.66
CA GLY D 212 -17.56 -5.46 21.29
C GLY D 212 -16.83 -4.52 20.35
N LEU D 213 -17.16 -4.61 19.06
CA LEU D 213 -16.43 -3.93 18.01
C LEU D 213 -17.24 -2.87 17.32
N ASN D 214 -16.57 -1.77 16.98
CA ASN D 214 -17.07 -0.81 15.99
C ASN D 214 -16.06 -0.74 14.82
N PRO D 215 -16.09 -1.72 13.90
CA PRO D 215 -15.25 -1.62 12.71
C PRO D 215 -15.67 -0.48 11.78
N GLU D 216 -14.70 0.20 11.18
CA GLU D 216 -14.95 1.25 10.20
C GLU D 216 -14.36 0.88 8.86
N PHE D 217 -15.16 1.02 7.80
CA PHE D 217 -14.79 0.59 6.45
C PHE D 217 -13.45 1.18 5.99
N ALA D 218 -13.28 2.50 6.20
CA ALA D 218 -12.08 3.21 5.75
C ALA D 218 -10.83 2.76 6.48
N HIS D 219 -10.97 2.44 7.76
CA HIS D 219 -9.85 2.03 8.61
C HIS D 219 -9.19 0.77 8.09
N GLU D 220 -9.98 -0.26 7.86
CA GLU D 220 -9.43 -1.51 7.38
C GLU D 220 -8.88 -1.34 5.96
N THR D 221 -9.60 -0.55 5.17
CA THR D 221 -9.29 -0.37 3.75
C THR D 221 -8.01 0.46 3.52
N MET D 222 -7.74 1.38 4.45
CA MET D 222 -6.47 2.11 4.53
C MET D 222 -5.24 1.21 4.44
N ALA D 223 -5.38 -0.02 4.92
CA ALA D 223 -4.25 -0.93 4.96
C ALA D 223 -4.39 -2.03 3.95
N GLY D 224 -5.33 -1.86 3.03
CA GLY D 224 -5.53 -2.83 1.96
C GLY D 224 -6.13 -4.14 2.43
N LEU D 225 -6.73 -4.12 3.61
CA LEU D 225 -7.35 -5.31 4.19
C LEU D 225 -8.83 -5.42 3.79
N ASN D 226 -9.34 -6.65 3.78
CA ASN D 226 -10.72 -6.91 3.34
C ASN D 226 -11.69 -6.68 4.48
N PHE D 227 -12.54 -5.66 4.33
CA PHE D 227 -13.44 -5.27 5.39
C PHE D 227 -14.56 -6.31 5.58
N VAL D 228 -14.94 -6.97 4.50
CA VAL D 228 -15.99 -7.97 4.57
C VAL D 228 -15.56 -9.19 5.39
N HIS D 229 -14.32 -9.64 5.23
CA HIS D 229 -13.79 -10.71 6.07
C HIS D 229 -13.71 -10.32 7.54
N ALA D 230 -13.29 -9.09 7.82
CA ALA D 230 -13.16 -8.60 9.19
C ALA D 230 -14.50 -8.52 9.91
N VAL D 231 -15.53 -8.06 9.20
CA VAL D 231 -16.86 -7.92 9.78
C VAL D 231 -17.52 -9.29 9.99
N ALA D 232 -17.20 -10.24 9.13
CA ALA D 232 -17.71 -11.59 9.27
C ALA D 232 -17.17 -12.22 10.55
N GLN D 233 -15.90 -12.00 10.83
CA GLN D 233 -15.31 -12.53 12.06
C GLN D 233 -15.95 -11.92 13.30
N ALA D 234 -16.21 -10.62 13.27
CA ALA D 234 -16.81 -9.96 14.40
C ALA D 234 -18.24 -10.48 14.60
N LEU D 235 -18.94 -10.74 13.50
CA LEU D 235 -20.31 -11.23 13.55
C LEU D 235 -20.32 -12.66 14.11
N ASP D 236 -19.36 -13.47 13.67
CA ASP D 236 -19.24 -14.85 14.12
C ASP D 236 -18.83 -14.94 15.58
N ALA D 237 -18.30 -13.85 16.12
CA ALA D 237 -17.90 -13.78 17.53
C ALA D 237 -19.04 -13.19 18.33
N GLY D 238 -20.04 -12.69 17.62
CA GLY D 238 -21.16 -12.03 18.27
C GLY D 238 -20.80 -10.68 18.82
N LYS D 239 -19.81 -10.02 18.21
CA LYS D 239 -19.27 -8.78 18.76
C LYS D 239 -19.44 -7.54 17.88
N LEU D 240 -20.33 -7.60 16.89
CA LEU D 240 -20.63 -6.41 16.10
C LEU D 240 -21.67 -5.56 16.78
N LEU D 241 -21.24 -4.55 17.54
CA LEU D 241 -22.16 -3.75 18.33
C LEU D 241 -22.53 -2.44 17.62
N HIS D 242 -21.75 -2.10 16.61
CA HIS D 242 -21.85 -0.82 15.92
C HIS D 242 -20.97 -0.92 14.69
N ILE D 243 -21.37 -0.21 13.64
CA ILE D 243 -20.56 -0.17 12.43
C ILE D 243 -20.48 1.22 11.79
N ASP D 244 -19.27 1.59 11.39
CA ASP D 244 -19.00 2.90 10.79
C ASP D 244 -18.80 2.75 9.29
N LEU D 245 -19.65 3.43 8.53
CA LEU D 245 -19.76 3.18 7.10
C LEU D 245 -19.23 4.40 6.34
N ASN D 246 -18.40 4.16 5.34
CA ASN D 246 -17.92 5.20 4.43
C ASN D 246 -17.14 4.57 3.30
N GLY D 247 -16.40 5.37 2.54
CA GLY D 247 -15.60 4.85 1.42
C GLY D 247 -14.15 5.33 1.52
N GLN D 248 -13.26 4.70 0.76
CA GLN D 248 -11.82 4.91 0.92
C GLN D 248 -11.06 4.25 -0.22
N ARG D 249 -10.08 4.96 -0.78
CA ARG D 249 -9.11 4.32 -1.66
C ARG D 249 -7.96 3.78 -0.83
N MET D 250 -7.50 2.58 -1.15
CA MET D 250 -6.50 1.91 -0.32
C MET D 250 -5.17 2.67 -0.18
N ASN D 251 -4.51 2.52 0.96
CA ASN D 251 -3.10 2.89 1.14
C ASN D 251 -2.76 4.35 1.09
N ARG D 252 -3.53 5.17 1.80
CA ARG D 252 -3.24 6.58 1.94
C ARG D 252 -4.00 7.14 3.11
N PHE D 253 -3.92 8.44 3.31
CA PHE D 253 -4.68 9.13 4.34
C PHE D 253 -6.17 8.72 4.39
N ASP D 254 -6.82 8.96 5.52
CA ASP D 254 -8.21 8.60 5.74
C ASP D 254 -9.08 9.62 5.00
N GLN D 255 -9.75 9.17 3.96
CA GLN D 255 -10.54 10.05 3.12
C GLN D 255 -11.95 10.30 3.66
N ASP D 256 -12.54 9.29 4.29
CA ASP D 256 -13.94 9.33 4.74
C ASP D 256 -14.92 9.77 3.65
N LEU D 257 -14.87 9.08 2.50
CA LEU D 257 -15.72 9.40 1.37
C LEU D 257 -17.17 8.97 1.66
N ARG D 258 -18.13 9.52 0.90
CA ARG D 258 -19.52 9.08 0.94
C ARG D 258 -19.56 7.56 0.75
N PHE D 259 -20.49 6.91 1.43
CA PHE D 259 -20.62 5.45 1.37
C PHE D 259 -20.95 4.93 -0.03
N GLY D 260 -20.22 3.90 -0.47
CA GLY D 260 -20.48 3.29 -1.77
C GLY D 260 -19.94 4.04 -2.98
N SER D 261 -19.35 5.21 -2.76
CA SER D 261 -18.93 6.07 -3.87
C SER D 261 -17.69 5.58 -4.64
N GLU D 262 -16.90 4.73 -4.01
CA GLU D 262 -15.64 4.31 -4.58
C GLU D 262 -15.58 2.80 -4.82
N ASN D 263 -15.90 2.01 -3.78
CA ASN D 263 -15.88 0.55 -3.89
C ASN D 263 -17.30 -0.04 -3.86
N LEU D 264 -17.98 0.02 -5.00
CA LEU D 264 -19.36 -0.43 -5.11
C LEU D 264 -19.52 -1.90 -4.75
N LYS D 265 -18.63 -2.75 -5.27
CA LYS D 265 -18.74 -4.19 -5.06
C LYS D 265 -18.50 -4.59 -3.60
N ALA D 266 -17.59 -3.91 -2.92
CA ALA D 266 -17.34 -4.17 -1.52
C ALA D 266 -18.52 -3.70 -0.67
N ALA D 267 -19.02 -2.52 -0.97
CA ALA D 267 -20.19 -1.98 -0.28
C ALA D 267 -21.42 -2.90 -0.48
N PHE D 268 -21.52 -3.50 -1.66
CA PHE D 268 -22.61 -4.39 -2.02
C PHE D 268 -22.63 -5.59 -1.09
N LEU D 269 -21.51 -6.30 -1.07
CA LEU D 269 -21.38 -7.52 -0.30
C LEU D 269 -21.30 -7.26 1.20
N LEU D 270 -21.07 -6.00 1.58
CA LEU D 270 -21.09 -5.63 2.99
C LEU D 270 -22.53 -5.43 3.47
N VAL D 271 -23.31 -4.68 2.68
CA VAL D 271 -24.72 -4.49 2.94
C VAL D 271 -25.43 -5.85 2.96
N ASP D 272 -25.01 -6.73 2.05
CA ASP D 272 -25.53 -8.08 2.00
C ASP D 272 -25.24 -8.85 3.30
N LEU D 273 -23.99 -8.74 3.78
CA LEU D 273 -23.57 -9.40 5.01
C LEU D 273 -24.39 -8.92 6.20
N LEU D 274 -24.48 -7.60 6.34
CA LEU D 274 -25.14 -7.02 7.48
C LEU D 274 -26.60 -7.42 7.53
N GLU D 275 -27.29 -7.23 6.41
CA GLU D 275 -28.73 -7.43 6.34
C GLU D 275 -29.11 -8.89 6.56
N SER D 276 -28.41 -9.78 5.88
CA SER D 276 -28.74 -11.20 5.94
C SER D 276 -28.26 -11.88 7.22
N SER D 277 -27.53 -11.14 8.04
CA SER D 277 -27.07 -11.61 9.34
C SER D 277 -28.03 -11.21 10.45
N GLY D 278 -28.92 -10.28 10.13
CA GLY D 278 -29.88 -9.84 11.12
C GLY D 278 -29.24 -8.90 12.11
N TYR D 279 -28.20 -8.19 11.66
CA TYR D 279 -27.59 -7.13 12.47
C TYR D 279 -28.62 -6.03 12.75
N GLN D 280 -28.70 -5.58 14.00
CA GLN D 280 -29.78 -4.69 14.40
C GLN D 280 -29.28 -3.38 14.98
N GLY D 281 -27.96 -3.20 14.98
CA GLY D 281 -27.40 -1.98 15.53
C GLY D 281 -27.47 -0.83 14.54
N PRO D 282 -26.97 0.36 14.93
CA PRO D 282 -26.96 1.54 14.06
C PRO D 282 -26.08 1.36 12.81
N ARG D 283 -26.51 1.97 11.72
CA ARG D 283 -25.68 2.13 10.52
C ARG D 283 -25.19 3.57 10.51
N HIS D 284 -23.99 3.78 11.06
CA HIS D 284 -23.43 5.12 11.18
C HIS D 284 -22.63 5.48 9.94
N PHE D 285 -22.87 6.67 9.40
CA PHE D 285 -22.01 7.18 8.32
C PHE D 285 -20.95 8.12 8.88
N ASP D 286 -19.78 7.55 9.18
CA ASP D 286 -18.62 8.33 9.64
C ASP D 286 -17.82 8.84 8.44
N ALA D 287 -18.35 9.89 7.82
CA ALA D 287 -17.87 10.38 6.53
C ALA D 287 -18.14 11.86 6.48
N HIS D 288 -17.38 12.58 5.66
CA HIS D 288 -17.72 13.98 5.45
C HIS D 288 -17.85 14.28 3.95
N ALA D 289 -18.54 15.37 3.63
CA ALA D 289 -18.64 15.84 2.24
C ALA D 289 -17.24 16.22 1.73
N LEU D 290 -17.06 16.16 0.42
CA LEU D 290 -15.80 16.60 -0.20
C LEU D 290 -15.51 18.07 0.13
N ARG D 291 -14.23 18.44 0.14
CA ARG D 291 -13.81 19.81 0.49
C ARG D 291 -14.21 20.85 -0.59
N THR D 292 -14.69 20.35 -1.72
CA THR D 292 -15.15 21.20 -2.82
C THR D 292 -16.59 21.63 -2.67
N GLU D 293 -17.21 21.27 -1.54
CA GLU D 293 -18.64 21.43 -1.35
C GLU D 293 -19.02 22.58 -0.43
N ASP D 294 -20.13 23.25 -0.76
CA ASP D 294 -20.80 24.16 0.18
C ASP D 294 -21.87 23.41 0.99
N GLU D 295 -22.65 24.12 1.79
CA GLU D 295 -23.60 23.45 2.67
C GLU D 295 -24.64 22.62 1.93
N GLU D 296 -25.11 23.10 0.78
CA GLU D 296 -25.97 22.30 -0.07
C GLU D 296 -25.33 20.97 -0.39
N GLY D 297 -24.02 20.98 -0.68
CA GLY D 297 -23.34 19.76 -1.04
C GLY D 297 -23.22 18.81 0.14
N VAL D 298 -23.21 19.35 1.35
CA VAL D 298 -23.17 18.54 2.57
C VAL D 298 -24.43 17.68 2.72
N TRP D 299 -25.59 18.28 2.47
CA TRP D 299 -26.85 17.58 2.57
C TRP D 299 -27.09 16.64 1.40
N ALA D 300 -26.41 16.88 0.27
CA ALA D 300 -26.47 15.94 -0.84
C ALA D 300 -25.58 14.76 -0.54
N PHE D 301 -24.54 15.01 0.24
CA PHE D 301 -23.65 13.96 0.75
C PHE D 301 -24.42 13.06 1.72
N ALA D 302 -25.12 13.68 2.68
CA ALA D 302 -25.93 12.97 3.64
C ALA D 302 -27.01 12.12 2.98
N ARG D 303 -27.79 12.73 2.09
CA ARG D 303 -28.83 12.01 1.35
C ARG D 303 -28.25 10.86 0.54
N GLY D 304 -27.04 11.06 0.00
CA GLY D 304 -26.44 10.07 -0.88
C GLY D 304 -25.93 8.82 -0.17
N CYS D 305 -25.44 8.99 1.05
CA CYS D 305 -25.04 7.85 1.89
C CYS D 305 -26.19 6.85 2.09
N MET D 306 -27.33 7.37 2.57
CA MET D 306 -28.52 6.59 2.88
C MET D 306 -29.19 5.99 1.64
N ARG D 307 -29.28 6.79 0.59
CA ARG D 307 -29.87 6.30 -0.65
C ARG D 307 -29.06 5.19 -1.27
N THR D 308 -27.73 5.32 -1.25
CA THR D 308 -26.85 4.29 -1.83
C THR D 308 -26.92 2.97 -1.04
N TYR D 309 -27.07 3.08 0.28
CA TYR D 309 -27.25 1.89 1.12
C TYR D 309 -28.55 1.15 0.74
N LEU D 310 -29.64 1.91 0.60
CA LEU D 310 -30.96 1.33 0.28
C LEU D 310 -31.02 0.71 -1.10
N ILE D 311 -30.29 1.29 -2.05
CA ILE D 311 -30.22 0.72 -3.39
C ILE D 311 -29.53 -0.64 -3.41
N LEU D 312 -28.44 -0.74 -2.66
CA LEU D 312 -27.65 -1.97 -2.60
C LEU D 312 -28.37 -3.07 -1.83
N LYS D 313 -29.06 -2.67 -0.75
CA LYS D 313 -29.89 -3.61 0.01
C LYS D 313 -30.92 -4.33 -0.88
N GLU D 314 -31.70 -3.53 -1.62
CA GLU D 314 -32.68 -4.05 -2.57
C GLU D 314 -32.01 -4.91 -3.61
N ARG D 315 -30.85 -4.47 -4.08
CA ARG D 315 -30.14 -5.18 -5.13
C ARG D 315 -29.58 -6.52 -4.67
N ALA D 316 -29.00 -6.57 -3.46
CA ALA D 316 -28.47 -7.83 -2.93
C ALA D 316 -29.59 -8.83 -2.66
N GLU D 317 -30.75 -8.31 -2.27
CA GLU D 317 -31.96 -9.13 -2.12
C GLU D 317 -32.35 -9.80 -3.44
N ALA D 318 -32.37 -9.04 -4.52
CA ALA D 318 -32.77 -9.59 -5.79
C ALA D 318 -31.73 -10.56 -6.34
N PHE D 319 -30.45 -10.26 -6.09
CA PHE D 319 -29.36 -11.13 -6.52
C PHE D 319 -29.54 -12.53 -5.91
N ARG D 320 -29.85 -12.58 -4.62
CA ARG D 320 -29.95 -13.86 -3.92
C ARG D 320 -31.16 -14.72 -4.34
N GLU D 321 -32.13 -14.08 -5.00
CA GLU D 321 -33.34 -14.75 -5.45
C GLU D 321 -33.25 -15.30 -6.87
N ASP D 322 -32.19 -14.93 -7.57
CA ASP D 322 -31.98 -15.34 -8.95
C ASP D 322 -31.81 -16.87 -9.06
N PRO D 323 -32.55 -17.50 -9.98
CA PRO D 323 -32.57 -18.97 -10.08
C PRO D 323 -31.19 -19.54 -10.39
N GLU D 324 -30.47 -18.86 -11.28
CA GLU D 324 -29.17 -19.32 -11.76
C GLU D 324 -28.14 -19.19 -10.66
N VAL D 325 -28.28 -18.12 -9.87
CA VAL D 325 -27.44 -17.93 -8.71
C VAL D 325 -27.67 -19.02 -7.67
N LYS D 326 -28.94 -19.32 -7.40
CA LYS D 326 -29.29 -20.39 -6.47
C LYS D 326 -28.79 -21.74 -6.95
N GLU D 327 -28.89 -21.97 -8.25
CA GLU D 327 -28.40 -23.21 -8.83
C GLU D 327 -26.88 -23.33 -8.72
N LEU D 328 -26.19 -22.20 -8.87
CA LEU D 328 -24.74 -22.17 -8.77
C LEU D 328 -24.23 -22.41 -7.34
N LEU D 329 -24.83 -21.73 -6.37
CA LEU D 329 -24.49 -21.91 -4.96
C LEU D 329 -24.80 -23.33 -4.44
N ALA D 330 -25.85 -23.93 -4.97
CA ALA D 330 -26.25 -25.27 -4.60
C ALA D 330 -25.21 -26.29 -5.01
N ALA D 331 -24.69 -26.13 -6.23
CA ALA D 331 -23.74 -27.09 -6.79
C ALA D 331 -22.38 -27.04 -6.11
N TYR D 332 -22.00 -25.90 -5.57
CA TYR D 332 -20.67 -25.81 -5.02
C TYR D 332 -20.64 -25.95 -3.51
N TYR D 333 -21.78 -25.72 -2.87
CA TYR D 333 -21.97 -26.16 -1.50
C TYR D 333 -22.40 -27.63 -1.34
N GLN D 334 -22.62 -28.30 -2.47
CA GLN D 334 -22.72 -29.75 -2.57
C GLN D 334 -21.91 -30.52 -1.54
N GLU D 335 -22.59 -31.28 -0.68
CA GLU D 335 -21.92 -32.13 0.30
C GLU D 335 -22.28 -33.62 0.18
N ASP D 336 -21.27 -34.45 -0.07
CA ASP D 336 -21.43 -35.90 -0.05
C ASP D 336 -21.43 -36.35 1.41
N PRO D 337 -22.52 -37.01 1.85
CA PRO D 337 -22.64 -37.41 3.26
C PRO D 337 -21.64 -38.50 3.66
N ALA D 338 -21.10 -39.22 2.70
CA ALA D 338 -19.99 -40.13 2.95
C ALA D 338 -18.70 -39.38 3.35
N ALA D 339 -18.59 -38.11 2.96
CA ALA D 339 -17.44 -37.30 3.28
C ALA D 339 -17.64 -36.75 4.66
N LEU D 340 -18.89 -36.40 4.95
CA LEU D 340 -19.25 -35.79 6.23
C LEU D 340 -19.05 -36.58 7.52
N PRO D 341 -19.02 -37.93 7.48
CA PRO D 341 -18.88 -38.69 8.72
C PRO D 341 -17.42 -38.96 9.00
N LEU D 342 -16.56 -38.48 8.10
CA LEU D 342 -15.14 -38.42 8.37
C LEU D 342 -14.89 -37.12 9.10
N MET D 343 -15.92 -36.28 9.16
CA MET D 343 -15.81 -34.90 9.64
C MET D 343 -16.31 -34.72 11.05
N ASP D 344 -16.21 -33.48 11.52
CA ASP D 344 -16.81 -33.07 12.77
C ASP D 344 -16.08 -33.74 13.98
N PRO D 345 -16.73 -33.90 15.16
CA PRO D 345 -15.88 -34.00 16.36
C PRO D 345 -15.03 -35.28 16.46
N TYR D 346 -13.93 -35.20 17.21
CA TYR D 346 -12.94 -36.28 17.20
C TYR D 346 -13.44 -37.59 17.79
N SER D 347 -13.05 -38.70 17.17
CA SER D 347 -13.15 -40.00 17.79
C SER D 347 -12.01 -40.85 17.23
N HIS D 348 -11.46 -41.72 18.07
CA HIS D 348 -10.37 -42.60 17.70
C HIS D 348 -10.64 -43.32 16.38
N GLU D 349 -11.88 -43.76 16.18
CA GLU D 349 -12.21 -44.57 15.01
C GLU D 349 -12.56 -43.72 13.79
N LYS D 350 -12.95 -42.47 14.03
CA LYS D 350 -13.08 -41.48 12.96
C LYS D 350 -11.72 -41.14 12.34
N ALA D 351 -10.70 -41.03 13.18
CA ALA D 351 -9.33 -40.81 12.72
C ALA D 351 -8.84 -42.02 11.91
N GLU D 352 -9.19 -43.21 12.37
CA GLU D 352 -8.73 -44.43 11.72
C GLU D 352 -9.47 -44.63 10.40
N ALA D 353 -10.74 -44.25 10.38
CA ALA D 353 -11.57 -44.33 9.18
C ALA D 353 -11.08 -43.38 8.11
N LEU D 354 -10.77 -42.16 8.55
CA LEU D 354 -10.17 -41.11 7.72
C LEU D 354 -8.84 -41.57 7.08
N LYS D 355 -7.97 -42.17 7.88
CA LYS D 355 -6.64 -42.52 7.40
C LYS D 355 -6.66 -43.72 6.48
N ARG D 356 -7.77 -44.44 6.48
CA ARG D 356 -7.91 -45.60 5.61
C ARG D 356 -8.86 -45.30 4.46
N ALA D 357 -9.54 -44.16 4.54
CA ALA D 357 -10.49 -43.74 3.52
C ALA D 357 -9.84 -43.56 2.13
N GLU D 358 -10.52 -44.04 1.11
CA GLU D 358 -10.06 -43.89 -0.26
C GLU D 358 -10.71 -42.63 -0.85
N LEU D 359 -9.93 -41.57 -0.94
CA LEU D 359 -10.46 -40.26 -1.33
C LEU D 359 -10.46 -40.08 -2.84
N PRO D 360 -11.46 -39.37 -3.37
CA PRO D 360 -11.66 -39.15 -4.80
C PRO D 360 -10.86 -37.96 -5.31
N LEU D 361 -9.53 -38.09 -5.32
CA LEU D 361 -8.66 -36.95 -5.47
C LEU D 361 -8.58 -36.40 -6.88
N GLU D 362 -8.52 -37.28 -7.87
CA GLU D 362 -8.42 -36.82 -9.24
C GLU D 362 -9.68 -36.10 -9.67
N ALA D 363 -10.82 -36.56 -9.16
CA ALA D 363 -12.10 -35.91 -9.39
C ALA D 363 -12.14 -34.52 -8.79
N LYS D 364 -11.50 -34.34 -7.63
CA LYS D 364 -11.49 -33.03 -6.99
C LYS D 364 -10.38 -32.12 -7.53
N ARG D 365 -9.43 -32.73 -8.21
CA ARG D 365 -8.33 -32.01 -8.86
C ARG D 365 -8.85 -31.30 -10.09
N HIS D 366 -9.63 -32.02 -10.89
CA HIS D 366 -10.22 -31.49 -12.11
C HIS D 366 -11.37 -30.51 -11.87
N ARG D 367 -11.88 -30.45 -10.65
CA ARG D 367 -13.13 -29.73 -10.36
C ARG D 367 -13.00 -28.23 -10.55
N GLY D 368 -13.90 -27.66 -11.34
CA GLY D 368 -14.02 -26.21 -11.40
C GLY D 368 -15.19 -25.77 -10.54
N TYR D 369 -15.07 -24.61 -9.92
CA TYR D 369 -16.07 -24.14 -8.98
C TYR D 369 -17.00 -23.07 -9.54
N ALA D 370 -16.81 -22.73 -10.82
CA ALA D 370 -17.67 -21.81 -11.57
C ALA D 370 -17.86 -20.45 -10.91
N LEU D 371 -16.80 -19.94 -10.30
CA LEU D 371 -16.85 -18.67 -9.58
C LEU D 371 -16.68 -17.46 -10.51
N GLU D 372 -16.21 -17.73 -11.72
CA GLU D 372 -16.08 -16.70 -12.73
C GLU D 372 -17.48 -16.32 -13.26
N ARG D 373 -18.30 -17.33 -13.55
CA ARG D 373 -19.70 -17.13 -13.87
C ARG D 373 -20.50 -16.53 -12.72
N LEU D 374 -20.27 -16.99 -11.50
CA LEU D 374 -20.96 -16.42 -10.36
C LEU D 374 -20.57 -14.95 -10.15
N ASP D 375 -19.28 -14.66 -10.34
CA ASP D 375 -18.79 -13.30 -10.14
C ASP D 375 -19.27 -12.35 -11.24
N GLN D 376 -19.38 -12.86 -12.47
CA GLN D 376 -19.93 -12.07 -13.56
C GLN D 376 -21.42 -11.78 -13.37
N LEU D 377 -22.16 -12.76 -12.85
CA LEU D 377 -23.56 -12.56 -12.50
C LEU D 377 -23.76 -11.45 -11.47
N ALA D 378 -22.93 -11.42 -10.44
CA ALA D 378 -23.05 -10.39 -9.42
C ALA D 378 -22.71 -9.00 -9.98
N VAL D 379 -21.75 -8.95 -10.90
CA VAL D 379 -21.36 -7.66 -11.47
C VAL D 379 -22.49 -7.15 -12.36
N GLU D 380 -23.12 -8.06 -13.11
CA GLU D 380 -24.27 -7.68 -13.94
C GLU D 380 -25.51 -7.28 -13.13
N TYR D 381 -25.67 -7.82 -11.94
CA TYR D 381 -26.73 -7.39 -11.03
C TYR D 381 -26.40 -6.01 -10.48
N LEU D 382 -25.16 -5.83 -10.04
CA LEU D 382 -24.68 -4.55 -9.55
C LEU D 382 -24.91 -3.45 -10.57
N LEU D 383 -24.61 -3.76 -11.83
CA LEU D 383 -24.82 -2.87 -12.98
C LEU D 383 -26.29 -2.70 -13.36
N GLY D 384 -27.17 -3.48 -12.77
CA GLY D 384 -28.60 -3.33 -12.99
C GLY D 384 -29.01 -3.88 -14.34
N VAL D 385 -28.13 -4.66 -14.94
CA VAL D 385 -28.37 -5.29 -16.23
C VAL D 385 -29.25 -6.53 -16.02
N ARG D 386 -29.46 -6.89 -14.77
CA ARG D 386 -30.21 -8.08 -14.40
C ARG D 386 -31.22 -7.82 -13.31
N GLY D 387 -30.94 -6.82 -12.47
CA GLY D 387 -31.76 -6.53 -11.31
C GLY D 387 -33.24 -6.38 -11.61
#